data_1X4P
#
_entry.id   1X4P
#
_entity_poly.entity_id   1
_entity_poly.type   'polypeptide(L)'
_entity_poly.pdbx_seq_one_letter_code
;GSSGSSGVGTIDQLVKRVIEGSLSPKERTLLKEDPAYWFLSDENSLEYKYYKLKLAEMQRSGPSSG
;
_entity_poly.pdbx_strand_id   A
#
# COMPACT_ATOMS: atom_id res chain seq x y z
N GLY A 1 4.46 6.82 -16.66
CA GLY A 1 3.74 5.88 -17.48
C GLY A 1 2.91 6.54 -18.56
N SER A 2 2.04 5.78 -19.20
CA SER A 2 1.19 6.30 -20.25
C SER A 2 -0.16 5.59 -20.27
N SER A 3 -0.13 4.26 -20.28
CA SER A 3 -1.35 3.47 -20.30
C SER A 3 -1.02 1.98 -20.27
N GLY A 4 -2.07 1.15 -20.25
CA GLY A 4 -1.88 -0.29 -20.23
C GLY A 4 -2.58 -0.95 -19.06
N SER A 5 -1.98 -2.03 -18.55
CA SER A 5 -2.56 -2.75 -17.42
C SER A 5 -1.86 -2.38 -16.12
N SER A 6 -2.40 -2.85 -15.00
CA SER A 6 -1.82 -2.56 -13.70
C SER A 6 -1.94 -3.78 -12.78
N GLY A 7 -0.80 -4.43 -12.53
CA GLY A 7 -0.78 -5.60 -11.68
C GLY A 7 -0.15 -5.33 -10.33
N VAL A 8 -0.98 -4.99 -9.34
CA VAL A 8 -0.49 -4.69 -8.00
C VAL A 8 0.88 -4.02 -8.04
N GLY A 9 1.01 -3.02 -8.90
CA GLY A 9 2.27 -2.31 -9.03
C GLY A 9 2.35 -1.11 -8.10
N THR A 10 1.26 -0.35 -8.02
CA THR A 10 1.22 0.83 -7.17
C THR A 10 1.34 0.45 -5.70
N ILE A 11 0.45 -0.43 -5.25
CA ILE A 11 0.46 -0.88 -3.86
C ILE A 11 1.87 -1.25 -3.41
N ASP A 12 2.48 -2.17 -4.13
CA ASP A 12 3.84 -2.61 -3.81
C ASP A 12 4.71 -1.42 -3.39
N GLN A 13 4.48 -0.28 -4.03
CA GLN A 13 5.25 0.92 -3.72
C GLN A 13 4.63 1.68 -2.55
N LEU A 14 3.33 1.96 -2.65
CA LEU A 14 2.62 2.68 -1.60
C LEU A 14 2.97 2.11 -0.22
N VAL A 15 2.60 0.85 0.01
CA VAL A 15 2.88 0.20 1.28
C VAL A 15 4.25 0.59 1.81
N LYS A 16 5.28 0.29 1.04
CA LYS A 16 6.65 0.60 1.43
C LYS A 16 6.71 1.97 2.11
N ARG A 17 5.97 2.93 1.57
CA ARG A 17 5.95 4.27 2.14
C ARG A 17 5.42 4.26 3.57
N VAL A 18 4.13 3.96 3.72
CA VAL A 18 3.51 3.92 5.04
C VAL A 18 4.39 3.17 6.03
N ILE A 19 5.27 2.33 5.52
CA ILE A 19 6.18 1.55 6.37
C ILE A 19 7.38 2.39 6.80
N GLU A 20 8.10 2.93 5.82
CA GLU A 20 9.27 3.75 6.10
C GLU A 20 8.86 5.15 6.55
N GLY A 21 7.57 5.44 6.45
CA GLY A 21 7.07 6.74 6.85
C GLY A 21 7.43 7.83 5.85
N SER A 22 8.20 7.46 4.83
CA SER A 22 8.61 8.41 3.80
C SER A 22 7.46 9.35 3.44
N LEU A 23 6.23 8.87 3.64
CA LEU A 23 5.04 9.67 3.33
C LEU A 23 4.40 10.18 4.60
N SER A 24 3.93 11.43 4.56
CA SER A 24 3.28 12.05 5.70
C SER A 24 2.12 11.20 6.20
N PRO A 25 1.67 11.46 7.44
CA PRO A 25 0.55 10.72 8.05
C PRO A 25 -0.78 11.07 7.41
N LYS A 26 -0.92 12.30 6.95
CA LYS A 26 -2.15 12.76 6.31
C LYS A 26 -2.26 12.18 4.90
N GLU A 27 -1.15 12.15 4.20
CA GLU A 27 -1.12 11.63 2.83
C GLU A 27 -1.86 10.29 2.75
N ARG A 28 -1.58 9.41 3.71
CA ARG A 28 -2.21 8.09 3.75
C ARG A 28 -3.73 8.22 3.66
N THR A 29 -4.31 8.96 4.61
CA THR A 29 -5.76 9.16 4.64
C THR A 29 -6.27 9.70 3.31
N LEU A 30 -5.48 10.56 2.69
CA LEU A 30 -5.85 11.16 1.41
C LEU A 30 -5.91 10.11 0.31
N LEU A 31 -5.05 9.10 0.43
CA LEU A 31 -5.01 8.02 -0.56
C LEU A 31 -6.40 7.49 -0.84
N LYS A 32 -7.21 7.35 0.20
CA LYS A 32 -8.57 6.85 0.06
C LYS A 32 -9.41 7.81 -0.78
N GLU A 33 -9.12 9.10 -0.66
CA GLU A 33 -9.85 10.12 -1.41
C GLU A 33 -9.53 10.05 -2.89
N ASP A 34 -8.50 9.28 -3.23
CA ASP A 34 -8.08 9.12 -4.62
C ASP A 34 -8.68 7.86 -5.23
N PRO A 35 -8.98 7.91 -6.54
CA PRO A 35 -9.56 6.79 -7.27
C PRO A 35 -8.58 5.64 -7.44
N ALA A 36 -7.30 5.96 -7.56
CA ALA A 36 -6.26 4.96 -7.73
C ALA A 36 -6.28 3.96 -6.56
N TYR A 37 -6.73 4.42 -5.41
CA TYR A 37 -6.79 3.57 -4.22
C TYR A 37 -8.23 3.32 -3.81
N TRP A 38 -9.04 2.87 -4.76
CA TRP A 38 -10.44 2.57 -4.50
C TRP A 38 -10.60 1.27 -3.74
N PHE A 39 -9.77 0.28 -4.08
CA PHE A 39 -9.82 -1.01 -3.42
C PHE A 39 -9.67 -0.86 -1.91
N LEU A 40 -9.02 0.21 -1.49
CA LEU A 40 -8.80 0.47 -0.07
C LEU A 40 -10.02 0.03 0.75
N SER A 41 -11.18 0.56 0.40
CA SER A 41 -12.41 0.23 1.09
C SER A 41 -12.79 -1.23 0.88
N ASP A 42 -12.57 -1.73 -0.34
CA ASP A 42 -12.88 -3.11 -0.68
C ASP A 42 -11.92 -4.07 0.02
N GLU A 43 -12.38 -5.29 0.25
CA GLU A 43 -11.56 -6.30 0.92
C GLU A 43 -11.50 -7.58 0.10
N ASN A 44 -12.61 -7.90 -0.56
CA ASN A 44 -12.69 -9.10 -1.38
C ASN A 44 -12.07 -8.86 -2.76
N SER A 45 -10.93 -8.17 -2.78
CA SER A 45 -10.24 -7.88 -4.03
C SER A 45 -8.78 -8.29 -3.96
N LEU A 46 -8.05 -8.08 -5.05
CA LEU A 46 -6.64 -8.43 -5.11
C LEU A 46 -5.77 -7.24 -4.70
N GLU A 47 -6.00 -6.10 -5.33
CA GLU A 47 -5.24 -4.89 -5.03
C GLU A 47 -5.23 -4.61 -3.53
N TYR A 48 -6.32 -4.99 -2.85
CA TYR A 48 -6.43 -4.78 -1.42
C TYR A 48 -5.71 -5.88 -0.65
N LYS A 49 -5.58 -7.04 -1.28
CA LYS A 49 -4.91 -8.17 -0.65
C LYS A 49 -3.43 -7.87 -0.40
N TYR A 50 -2.90 -6.91 -1.15
CA TYR A 50 -1.51 -6.51 -1.01
C TYR A 50 -1.34 -5.47 0.10
N TYR A 51 -1.98 -4.33 -0.09
CA TYR A 51 -1.90 -3.25 0.89
C TYR A 51 -1.97 -3.80 2.32
N LYS A 52 -2.72 -4.88 2.48
CA LYS A 52 -2.87 -5.50 3.79
C LYS A 52 -1.79 -6.56 4.03
N LEU A 53 -1.43 -7.26 2.96
CA LEU A 53 -0.40 -8.29 3.05
C LEU A 53 1.00 -7.69 3.06
N LYS A 54 1.41 -7.14 1.92
CA LYS A 54 2.72 -6.51 1.80
C LYS A 54 3.03 -5.65 3.03
N LEU A 55 1.99 -5.13 3.65
CA LEU A 55 2.15 -4.29 4.84
C LEU A 55 2.46 -5.14 6.07
N ALA A 56 1.77 -6.27 6.18
CA ALA A 56 1.98 -7.18 7.30
C ALA A 56 3.40 -7.72 7.32
N GLU A 57 3.93 -8.04 6.14
CA GLU A 57 5.28 -8.57 6.02
C GLU A 57 6.31 -7.45 6.14
N MET A 58 5.97 -6.28 5.61
CA MET A 58 6.87 -5.13 5.65
C MET A 58 6.90 -4.52 7.05
N GLN A 59 5.80 -4.66 7.78
CA GLN A 59 5.70 -4.13 9.14
C GLN A 59 6.48 -5.00 10.12
N ARG A 60 6.30 -6.30 10.02
CA ARG A 60 6.99 -7.24 10.91
C ARG A 60 8.49 -7.27 10.61
N SER A 61 8.83 -7.33 9.33
CA SER A 61 10.23 -7.36 8.91
C SER A 61 10.78 -5.95 8.77
N GLY A 62 11.71 -5.59 9.66
CA GLY A 62 12.31 -4.27 9.61
C GLY A 62 12.52 -3.68 10.99
N PRO A 63 11.51 -2.93 11.46
CA PRO A 63 11.56 -2.29 12.78
C PRO A 63 11.47 -3.30 13.93
N SER A 64 11.87 -2.87 15.12
CA SER A 64 11.84 -3.74 16.29
C SER A 64 10.40 -4.02 16.73
N SER A 65 10.13 -5.28 17.05
CA SER A 65 8.79 -5.67 17.49
C SER A 65 8.80 -7.09 18.06
N GLY A 66 9.16 -7.19 19.34
CA GLY A 66 9.21 -8.49 19.99
C GLY A 66 10.51 -8.72 20.74
N GLY A 1 11.45 -4.39 -17.83
CA GLY A 1 10.13 -4.21 -17.26
C GLY A 1 9.50 -5.51 -16.81
N SER A 2 8.30 -5.42 -16.23
CA SER A 2 7.60 -6.59 -15.76
C SER A 2 6.15 -6.58 -16.23
N SER A 3 5.50 -7.75 -16.18
CA SER A 3 4.11 -7.87 -16.61
C SER A 3 3.50 -9.17 -16.11
N GLY A 4 2.60 -9.06 -15.13
CA GLY A 4 1.97 -10.24 -14.58
C GLY A 4 1.09 -9.92 -13.38
N SER A 5 0.18 -8.95 -13.56
CA SER A 5 -0.71 -8.54 -12.48
C SER A 5 -1.74 -7.55 -12.98
N SER A 6 -2.81 -7.36 -12.21
CA SER A 6 -3.87 -6.43 -12.58
C SER A 6 -3.42 -4.99 -12.40
N GLY A 7 -3.01 -4.65 -11.17
CA GLY A 7 -2.57 -3.30 -10.90
C GLY A 7 -1.98 -3.16 -9.50
N VAL A 8 -1.30 -4.22 -9.05
CA VAL A 8 -0.69 -4.20 -7.72
C VAL A 8 0.63 -3.43 -7.73
N GLY A 9 1.27 -3.38 -8.89
CA GLY A 9 2.53 -2.66 -9.00
C GLY A 9 2.53 -1.35 -8.25
N THR A 10 1.36 -0.72 -8.18
CA THR A 10 1.22 0.56 -7.48
C THR A 10 1.29 0.37 -5.97
N ILE A 11 0.54 -0.61 -5.46
CA ILE A 11 0.52 -0.89 -4.03
C ILE A 11 1.91 -1.24 -3.52
N ASP A 12 2.53 -2.23 -4.14
CA ASP A 12 3.86 -2.67 -3.75
C ASP A 12 4.73 -1.47 -3.37
N GLN A 13 4.47 -0.34 -3.99
CA GLN A 13 5.22 0.88 -3.72
C GLN A 13 4.58 1.69 -2.59
N LEU A 14 3.26 1.86 -2.68
CA LEU A 14 2.52 2.61 -1.68
C LEU A 14 2.84 2.11 -0.27
N VAL A 15 2.61 0.82 -0.05
CA VAL A 15 2.88 0.21 1.26
C VAL A 15 4.25 0.60 1.77
N LYS A 16 5.27 0.38 0.96
CA LYS A 16 6.64 0.71 1.33
C LYS A 16 6.71 2.10 1.97
N ARG A 17 5.90 3.02 1.45
CA ARG A 17 5.87 4.39 1.96
C ARG A 17 5.40 4.42 3.41
N VAL A 18 4.17 3.96 3.64
CA VAL A 18 3.60 3.94 4.98
C VAL A 18 4.51 3.16 5.94
N ILE A 19 5.34 2.30 5.38
CA ILE A 19 6.26 1.50 6.20
C ILE A 19 7.43 2.34 6.68
N GLU A 20 8.22 2.86 5.74
CA GLU A 20 9.37 3.68 6.07
C GLU A 20 8.94 5.08 6.53
N GLY A 21 7.66 5.41 6.28
CA GLY A 21 7.15 6.71 6.68
C GLY A 21 7.47 7.80 5.68
N SER A 22 8.19 7.43 4.62
CA SER A 22 8.58 8.38 3.58
C SER A 22 7.43 9.34 3.27
N LEU A 23 6.21 8.88 3.53
CA LEU A 23 5.02 9.69 3.27
C LEU A 23 4.40 10.18 4.58
N SER A 24 3.93 11.43 4.58
CA SER A 24 3.32 12.01 5.76
C SER A 24 2.14 11.16 6.23
N PRO A 25 1.70 11.40 7.48
CA PRO A 25 0.58 10.67 8.07
C PRO A 25 -0.75 11.05 7.44
N LYS A 26 -0.87 12.29 7.00
CA LYS A 26 -2.08 12.77 6.37
C LYS A 26 -2.25 12.20 4.97
N GLU A 27 -1.14 12.15 4.23
CA GLU A 27 -1.15 11.60 2.87
C GLU A 27 -1.84 10.25 2.83
N ARG A 28 -1.57 9.42 3.84
CA ARG A 28 -2.15 8.10 3.92
C ARG A 28 -3.68 8.16 3.89
N THR A 29 -4.25 8.88 4.85
CA THR A 29 -5.70 9.03 4.94
C THR A 29 -6.26 9.59 3.64
N LEU A 30 -5.45 10.34 2.91
CA LEU A 30 -5.87 10.93 1.65
C LEU A 30 -5.88 9.89 0.54
N LEU A 31 -5.07 8.86 0.69
CA LEU A 31 -4.98 7.79 -0.30
C LEU A 31 -6.37 7.27 -0.67
N LYS A 32 -7.23 7.13 0.34
CA LYS A 32 -8.59 6.65 0.13
C LYS A 32 -9.37 7.60 -0.78
N GLU A 33 -9.06 8.90 -0.68
CA GLU A 33 -9.73 9.90 -1.49
C GLU A 33 -9.32 9.78 -2.95
N ASP A 34 -8.20 9.11 -3.20
CA ASP A 34 -7.69 8.93 -4.56
C ASP A 34 -8.33 7.71 -5.21
N PRO A 35 -8.62 7.82 -6.51
CA PRO A 35 -9.23 6.74 -7.28
C PRO A 35 -8.28 5.56 -7.49
N ALA A 36 -6.98 5.86 -7.56
CA ALA A 36 -5.98 4.82 -7.75
C ALA A 36 -5.98 3.83 -6.59
N TYR A 37 -6.46 4.28 -5.44
CA TYR A 37 -6.52 3.43 -4.25
C TYR A 37 -7.96 3.17 -3.84
N TRP A 38 -8.78 2.73 -4.79
CA TRP A 38 -10.18 2.44 -4.52
C TRP A 38 -10.33 1.13 -3.76
N PHE A 39 -9.44 0.18 -4.03
CA PHE A 39 -9.48 -1.12 -3.38
C PHE A 39 -9.43 -0.96 -1.86
N LEU A 40 -8.70 0.05 -1.40
CA LEU A 40 -8.58 0.30 0.03
C LEU A 40 -9.88 0.01 0.76
N SER A 41 -10.99 0.46 0.18
CA SER A 41 -12.30 0.24 0.77
C SER A 41 -12.73 -1.21 0.62
N ASP A 42 -12.43 -1.80 -0.53
CA ASP A 42 -12.79 -3.19 -0.79
C ASP A 42 -11.87 -4.14 -0.03
N GLU A 43 -12.36 -5.35 0.23
CA GLU A 43 -11.58 -6.34 0.95
C GLU A 43 -11.50 -7.65 0.16
N ASN A 44 -12.55 -7.93 -0.61
CA ASN A 44 -12.59 -9.14 -1.42
C ASN A 44 -11.99 -8.90 -2.80
N SER A 45 -10.84 -8.24 -2.83
CA SER A 45 -10.17 -7.94 -4.09
C SER A 45 -8.69 -8.35 -4.03
N LEU A 46 -7.96 -8.04 -5.09
CA LEU A 46 -6.54 -8.38 -5.15
C LEU A 46 -5.67 -7.18 -4.75
N GLU A 47 -6.03 -6.01 -5.27
CA GLU A 47 -5.29 -4.78 -4.96
C GLU A 47 -5.29 -4.51 -3.46
N TYR A 48 -6.38 -4.88 -2.79
CA TYR A 48 -6.50 -4.67 -1.36
C TYR A 48 -5.75 -5.75 -0.59
N LYS A 49 -5.51 -6.88 -1.23
CA LYS A 49 -4.80 -7.99 -0.61
C LYS A 49 -3.34 -7.61 -0.35
N TYR A 50 -2.78 -6.81 -1.24
CA TYR A 50 -1.39 -6.37 -1.12
C TYR A 50 -1.24 -5.34 -0.01
N TYR A 51 -2.00 -4.26 -0.11
CA TYR A 51 -1.96 -3.19 0.89
C TYR A 51 -2.00 -3.76 2.30
N LYS A 52 -2.74 -4.85 2.48
CA LYS A 52 -2.86 -5.49 3.78
C LYS A 52 -1.78 -6.56 3.96
N LEU A 53 -1.35 -7.16 2.86
CA LEU A 53 -0.32 -8.19 2.90
C LEU A 53 1.07 -7.56 2.97
N LYS A 54 1.48 -6.92 1.88
CA LYS A 54 2.79 -6.27 1.82
C LYS A 54 3.05 -5.45 3.08
N LEU A 55 1.99 -4.82 3.60
CA LEU A 55 2.09 -4.00 4.80
C LEU A 55 2.41 -4.87 6.02
N ALA A 56 1.69 -5.98 6.15
CA ALA A 56 1.89 -6.90 7.27
C ALA A 56 3.33 -7.42 7.30
N GLU A 57 3.81 -7.87 6.15
CA GLU A 57 5.17 -8.40 6.05
C GLU A 57 6.20 -7.29 6.24
N MET A 58 5.96 -6.15 5.60
CA MET A 58 6.86 -5.02 5.71
C MET A 58 6.88 -4.46 7.13
N GLN A 59 5.75 -4.56 7.81
CA GLN A 59 5.63 -4.06 9.17
C GLN A 59 6.24 -5.06 10.16
N ARG A 60 5.89 -6.33 10.01
CA ARG A 60 6.40 -7.37 10.89
C ARG A 60 7.92 -7.49 10.77
N SER A 61 8.41 -7.49 9.54
CA SER A 61 9.84 -7.61 9.30
C SER A 61 10.48 -6.23 9.12
N GLY A 62 10.96 -5.67 10.23
CA GLY A 62 11.58 -4.36 10.18
C GLY A 62 12.52 -4.12 11.36
N PRO A 63 13.27 -3.01 11.30
CA PRO A 63 14.21 -2.64 12.36
C PRO A 63 13.50 -2.21 13.64
N SER A 64 13.16 -3.18 14.47
CA SER A 64 12.47 -2.91 15.73
C SER A 64 12.41 -4.16 16.60
N SER A 65 12.00 -3.97 17.85
CA SER A 65 11.90 -5.09 18.80
C SER A 65 10.44 -5.47 19.04
N GLY A 66 10.10 -6.70 18.71
CA GLY A 66 8.73 -7.18 18.89
C GLY A 66 8.40 -7.43 20.35
N GLY A 1 11.38 5.05 -21.77
CA GLY A 1 10.07 4.67 -21.29
C GLY A 1 9.91 4.88 -19.80
N SER A 2 9.14 4.01 -19.16
CA SER A 2 8.91 4.11 -17.72
C SER A 2 8.39 2.79 -17.16
N SER A 3 8.22 2.74 -15.84
CA SER A 3 7.74 1.53 -15.18
C SER A 3 6.22 1.51 -15.13
N GLY A 4 5.61 0.71 -15.99
CA GLY A 4 4.16 0.61 -16.03
C GLY A 4 3.58 0.01 -14.77
N SER A 5 2.41 0.50 -14.36
CA SER A 5 1.76 0.01 -13.15
C SER A 5 0.36 -0.51 -13.47
N SER A 6 0.19 -1.83 -13.34
CA SER A 6 -1.09 -2.46 -13.61
C SER A 6 -1.40 -3.54 -12.58
N GLY A 7 -0.53 -4.55 -12.50
CA GLY A 7 -0.73 -5.63 -11.55
C GLY A 7 -0.04 -5.36 -10.22
N VAL A 8 -0.84 -5.03 -9.21
CA VAL A 8 -0.31 -4.75 -7.88
C VAL A 8 1.05 -4.06 -7.97
N GLY A 9 1.20 -3.20 -8.97
CA GLY A 9 2.46 -2.49 -9.14
C GLY A 9 2.53 -1.22 -8.32
N THR A 10 1.39 -0.54 -8.19
CA THR A 10 1.33 0.70 -7.42
C THR A 10 1.41 0.43 -5.92
N ILE A 11 0.70 -0.61 -5.48
CA ILE A 11 0.71 -0.98 -4.06
C ILE A 11 2.11 -1.33 -3.59
N ASP A 12 2.74 -2.28 -4.25
CA ASP A 12 4.09 -2.70 -3.90
C ASP A 12 4.95 -1.51 -3.49
N GLN A 13 4.70 -0.36 -4.12
CA GLN A 13 5.45 0.85 -3.81
C GLN A 13 4.80 1.60 -2.66
N LEU A 14 3.49 1.78 -2.72
CA LEU A 14 2.75 2.48 -1.68
C LEU A 14 3.04 1.88 -0.31
N VAL A 15 2.69 0.61 -0.14
CA VAL A 15 2.91 -0.09 1.12
C VAL A 15 4.27 0.27 1.71
N LYS A 16 5.30 0.22 0.88
CA LYS A 16 6.66 0.55 1.32
C LYS A 16 6.70 1.94 1.95
N ARG A 17 5.92 2.87 1.40
CA ARG A 17 5.88 4.23 1.90
C ARG A 17 5.32 4.27 3.32
N VAL A 18 4.11 3.72 3.49
CA VAL A 18 3.47 3.69 4.80
C VAL A 18 4.34 2.99 5.83
N ILE A 19 5.28 2.18 5.35
CA ILE A 19 6.18 1.45 6.24
C ILE A 19 7.38 2.31 6.63
N GLU A 20 8.14 2.74 5.63
CA GLU A 20 9.32 3.57 5.87
C GLU A 20 8.91 4.94 6.41
N GLY A 21 7.66 5.32 6.15
CA GLY A 21 7.17 6.60 6.63
C GLY A 21 7.46 7.73 5.66
N SER A 22 8.17 7.40 4.57
CA SER A 22 8.53 8.40 3.57
C SER A 22 7.36 9.33 3.29
N LEU A 23 6.15 8.86 3.56
CA LEU A 23 4.95 9.65 3.34
C LEU A 23 4.35 10.11 4.66
N SER A 24 3.82 11.34 4.67
CA SER A 24 3.21 11.89 5.87
C SER A 24 2.07 11.02 6.37
N PRO A 25 1.67 11.22 7.64
CA PRO A 25 0.58 10.46 8.25
C PRO A 25 -0.78 10.81 7.67
N LYS A 26 -0.93 12.07 7.24
CA LYS A 26 -2.19 12.53 6.67
C LYS A 26 -2.34 12.04 5.23
N GLU A 27 -1.22 11.99 4.50
CA GLU A 27 -1.23 11.52 3.12
C GLU A 27 -1.96 10.19 3.00
N ARG A 28 -1.71 9.29 3.94
CA ARG A 28 -2.33 7.98 3.94
C ARG A 28 -3.86 8.10 3.84
N THR A 29 -4.45 8.78 4.82
CA THR A 29 -5.90 8.97 4.84
C THR A 29 -6.40 9.58 3.54
N LEU A 30 -5.56 10.41 2.93
CA LEU A 30 -5.92 11.07 1.67
C LEU A 30 -5.94 10.06 0.53
N LEU A 31 -5.13 9.02 0.64
CA LEU A 31 -5.05 7.98 -0.38
C LEU A 31 -6.44 7.51 -0.78
N LYS A 32 -7.31 7.32 0.22
CA LYS A 32 -8.67 6.87 -0.03
C LYS A 32 -9.41 7.84 -0.95
N GLU A 33 -9.12 9.13 -0.80
CA GLU A 33 -9.75 10.15 -1.62
C GLU A 33 -9.29 10.06 -3.07
N ASP A 34 -8.22 9.29 -3.30
CA ASP A 34 -7.68 9.11 -4.64
C ASP A 34 -8.29 7.88 -5.31
N PRO A 35 -8.51 7.97 -6.63
CA PRO A 35 -9.07 6.87 -7.41
C PRO A 35 -8.11 5.69 -7.55
N ALA A 36 -6.82 6.00 -7.60
CA ALA A 36 -5.79 4.97 -7.74
C ALA A 36 -5.86 3.98 -6.59
N TYR A 37 -6.35 4.43 -5.45
CA TYR A 37 -6.46 3.59 -4.27
C TYR A 37 -7.92 3.34 -3.91
N TRP A 38 -8.71 2.91 -4.90
CA TRP A 38 -10.12 2.64 -4.69
C TRP A 38 -10.32 1.30 -3.98
N PHE A 39 -9.40 0.36 -4.22
CA PHE A 39 -9.48 -0.95 -3.60
C PHE A 39 -9.43 -0.83 -2.07
N LEU A 40 -8.80 0.22 -1.58
CA LEU A 40 -8.69 0.46 -0.15
C LEU A 40 -10.00 0.15 0.56
N SER A 41 -11.10 0.64 -0.01
CA SER A 41 -12.42 0.43 0.57
C SER A 41 -12.84 -1.04 0.45
N ASP A 42 -12.54 -1.63 -0.71
CA ASP A 42 -12.88 -3.03 -0.95
C ASP A 42 -11.95 -3.96 -0.18
N GLU A 43 -12.41 -5.18 0.07
CA GLU A 43 -11.62 -6.16 0.80
C GLU A 43 -11.49 -7.46 0.00
N ASN A 44 -12.55 -7.83 -0.69
CA ASN A 44 -12.55 -9.05 -1.50
C ASN A 44 -11.93 -8.80 -2.87
N SER A 45 -10.75 -8.17 -2.87
CA SER A 45 -10.05 -7.87 -4.12
C SER A 45 -8.58 -8.26 -4.03
N LEU A 46 -7.85 -8.07 -5.12
CA LEU A 46 -6.43 -8.40 -5.17
C LEU A 46 -5.58 -7.21 -4.77
N GLU A 47 -5.90 -6.05 -5.32
CA GLU A 47 -5.16 -4.82 -5.02
C GLU A 47 -5.20 -4.52 -3.53
N TYR A 48 -6.29 -4.91 -2.88
CA TYR A 48 -6.45 -4.67 -1.45
C TYR A 48 -5.73 -5.73 -0.63
N LYS A 49 -5.57 -6.92 -1.22
CA LYS A 49 -4.90 -8.01 -0.54
C LYS A 49 -3.44 -7.67 -0.25
N TYR A 50 -2.85 -6.84 -1.12
CA TYR A 50 -1.47 -6.43 -0.96
C TYR A 50 -1.34 -5.34 0.10
N TYR A 51 -2.01 -4.21 -0.13
CA TYR A 51 -1.97 -3.10 0.81
C TYR A 51 -2.05 -3.58 2.25
N LYS A 52 -2.80 -4.67 2.45
CA LYS A 52 -2.96 -5.24 3.79
C LYS A 52 -1.87 -6.28 4.07
N LEU A 53 -1.52 -7.06 3.04
CA LEU A 53 -0.50 -8.09 3.18
C LEU A 53 0.90 -7.47 3.18
N LYS A 54 1.32 -6.97 2.03
CA LYS A 54 2.63 -6.35 1.89
C LYS A 54 2.92 -5.42 3.07
N LEU A 55 1.86 -4.88 3.65
CA LEU A 55 2.00 -3.98 4.80
C LEU A 55 2.33 -4.76 6.07
N ALA A 56 1.60 -5.86 6.28
CA ALA A 56 1.82 -6.70 7.45
C ALA A 56 3.23 -7.30 7.46
N GLU A 57 3.65 -7.81 6.30
CA GLU A 57 4.97 -8.41 6.17
C GLU A 57 6.06 -7.35 6.23
N MET A 58 5.78 -6.18 5.66
CA MET A 58 6.74 -5.09 5.64
C MET A 58 6.84 -4.44 7.02
N GLN A 59 5.78 -4.55 7.81
CA GLN A 59 5.76 -3.98 9.15
C GLN A 59 6.66 -4.77 10.09
N ARG A 60 6.50 -6.09 10.08
CA ARG A 60 7.29 -6.95 10.94
C ARG A 60 8.78 -6.74 10.71
N SER A 61 9.13 -6.29 9.50
CA SER A 61 10.51 -6.04 9.13
C SER A 61 11.11 -4.93 10.00
N GLY A 62 10.35 -3.85 10.17
CA GLY A 62 10.82 -2.73 10.97
C GLY A 62 10.74 -3.01 12.46
N PRO A 63 11.51 -2.24 13.24
CA PRO A 63 11.54 -2.39 14.70
C PRO A 63 10.25 -1.94 15.36
N SER A 64 9.43 -2.91 15.78
CA SER A 64 8.16 -2.59 16.42
C SER A 64 8.36 -2.22 17.88
N SER A 65 7.40 -1.50 18.44
CA SER A 65 7.49 -1.07 19.83
C SER A 65 6.35 -1.67 20.66
N GLY A 66 6.63 -1.98 21.91
CA GLY A 66 5.63 -2.55 22.79
C GLY A 66 6.24 -3.41 23.88
N GLY A 1 -8.43 8.38 -20.76
CA GLY A 1 -8.30 7.27 -21.70
C GLY A 1 -7.99 5.96 -20.99
N SER A 2 -7.77 4.90 -21.76
CA SER A 2 -7.48 3.59 -21.20
C SER A 2 -6.01 3.21 -21.45
N SER A 3 -5.13 4.21 -21.35
CA SER A 3 -3.70 3.98 -21.57
C SER A 3 -2.92 4.22 -20.28
N GLY A 4 -2.38 3.15 -19.71
CA GLY A 4 -1.62 3.26 -18.48
C GLY A 4 -1.80 2.06 -17.58
N SER A 5 -0.73 1.28 -17.41
CA SER A 5 -0.77 0.10 -16.56
C SER A 5 -1.27 0.44 -15.16
N SER A 6 -2.13 -0.42 -14.62
CA SER A 6 -2.68 -0.20 -13.28
C SER A 6 -2.94 -1.53 -12.59
N GLY A 7 -2.05 -1.91 -11.68
CA GLY A 7 -2.20 -3.16 -10.96
C GLY A 7 -1.55 -3.12 -9.60
N VAL A 8 -1.17 -4.30 -9.10
CA VAL A 8 -0.52 -4.39 -7.79
C VAL A 8 0.82 -3.67 -7.78
N GLY A 9 1.28 -3.28 -8.96
CA GLY A 9 2.55 -2.58 -9.07
C GLY A 9 2.57 -1.31 -8.24
N THR A 10 1.45 -0.61 -8.19
CA THR A 10 1.35 0.62 -7.44
C THR A 10 1.44 0.37 -5.94
N ILE A 11 0.60 -0.55 -5.45
CA ILE A 11 0.59 -0.89 -4.04
C ILE A 11 1.98 -1.27 -3.55
N ASP A 12 2.59 -2.24 -4.21
CA ASP A 12 3.93 -2.70 -3.85
C ASP A 12 4.83 -1.51 -3.50
N GLN A 13 4.59 -0.38 -4.16
CA GLN A 13 5.38 0.82 -3.92
C GLN A 13 4.77 1.65 -2.80
N LEU A 14 3.45 1.69 -2.74
CA LEU A 14 2.75 2.45 -1.71
C LEU A 14 3.03 1.88 -0.33
N VAL A 15 2.74 0.60 -0.16
CA VAL A 15 2.96 -0.07 1.12
C VAL A 15 4.31 0.30 1.72
N LYS A 16 5.34 0.28 0.87
CA LYS A 16 6.69 0.62 1.31
C LYS A 16 6.73 2.03 1.90
N ARG A 17 5.94 2.93 1.33
CA ARG A 17 5.88 4.31 1.81
C ARG A 17 5.32 4.37 3.22
N VAL A 18 4.13 3.83 3.41
CA VAL A 18 3.47 3.82 4.71
C VAL A 18 4.35 3.15 5.76
N ILE A 19 5.28 2.31 5.30
CA ILE A 19 6.19 1.60 6.20
C ILE A 19 7.38 2.48 6.58
N GLU A 20 8.14 2.91 5.58
CA GLU A 20 9.29 3.75 5.81
C GLU A 20 8.88 5.14 6.31
N GLY A 21 7.63 5.49 6.06
CA GLY A 21 7.13 6.78 6.48
C GLY A 21 7.44 7.89 5.49
N SER A 22 8.13 7.53 4.42
CA SER A 22 8.50 8.50 3.39
C SER A 22 7.34 9.46 3.10
N LEU A 23 6.13 9.01 3.39
CA LEU A 23 4.94 9.81 3.15
C LEU A 23 4.36 10.31 4.48
N SER A 24 3.80 11.52 4.45
CA SER A 24 3.21 12.11 5.64
C SER A 24 2.09 11.23 6.19
N PRO A 25 1.72 11.46 7.46
CA PRO A 25 0.66 10.70 8.13
C PRO A 25 -0.72 11.02 7.57
N LYS A 26 -0.91 12.28 7.16
CA LYS A 26 -2.19 12.71 6.59
C LYS A 26 -2.36 12.20 5.17
N GLU A 27 -1.26 12.18 4.42
CA GLU A 27 -1.29 11.71 3.04
C GLU A 27 -1.97 10.36 2.93
N ARG A 28 -1.71 9.49 3.91
CA ARG A 28 -2.30 8.16 3.91
C ARG A 28 -3.83 8.23 3.90
N THR A 29 -4.37 8.98 4.85
CA THR A 29 -5.83 9.14 4.95
C THR A 29 -6.41 9.71 3.66
N LEU A 30 -5.60 10.46 2.93
CA LEU A 30 -6.03 11.07 1.68
C LEU A 30 -6.02 10.03 0.55
N LEU A 31 -5.09 9.09 0.64
CA LEU A 31 -4.97 8.05 -0.38
C LEU A 31 -6.34 7.46 -0.72
N LYS A 32 -7.18 7.31 0.29
CA LYS A 32 -8.52 6.76 0.10
C LYS A 32 -9.37 7.69 -0.77
N GLU A 33 -9.12 9.00 -0.65
CA GLU A 33 -9.87 9.99 -1.43
C GLU A 33 -9.50 9.90 -2.91
N ASP A 34 -8.35 9.29 -3.18
CA ASP A 34 -7.88 9.14 -4.56
C ASP A 34 -8.50 7.90 -5.21
N PRO A 35 -8.80 8.00 -6.51
CA PRO A 35 -9.40 6.90 -7.27
C PRO A 35 -8.41 5.76 -7.49
N ALA A 36 -7.13 6.08 -7.58
CA ALA A 36 -6.09 5.09 -7.79
C ALA A 36 -6.05 4.08 -6.64
N TYR A 37 -6.47 4.53 -5.47
CA TYR A 37 -6.49 3.68 -4.29
C TYR A 37 -7.92 3.40 -3.83
N TRP A 38 -8.75 2.91 -4.74
CA TRP A 38 -10.13 2.61 -4.43
C TRP A 38 -10.24 1.29 -3.69
N PHE A 39 -9.36 0.35 -4.01
CA PHE A 39 -9.36 -0.96 -3.38
C PHE A 39 -9.29 -0.83 -1.86
N LEU A 40 -8.57 0.18 -1.39
CA LEU A 40 -8.44 0.42 0.05
C LEU A 40 -9.74 0.13 0.78
N SER A 41 -10.84 0.63 0.22
CA SER A 41 -12.16 0.42 0.82
C SER A 41 -12.61 -1.02 0.67
N ASP A 42 -12.32 -1.60 -0.49
CA ASP A 42 -12.70 -3.00 -0.76
C ASP A 42 -11.76 -3.95 -0.04
N GLU A 43 -12.25 -5.17 0.21
CA GLU A 43 -11.46 -6.18 0.90
C GLU A 43 -11.38 -7.46 0.07
N ASN A 44 -12.49 -7.81 -0.57
CA ASN A 44 -12.55 -9.02 -1.39
C ASN A 44 -11.96 -8.76 -2.78
N SER A 45 -10.76 -8.20 -2.80
CA SER A 45 -10.09 -7.91 -4.07
C SER A 45 -8.62 -8.29 -4.00
N LEU A 46 -7.89 -8.04 -5.09
CA LEU A 46 -6.48 -8.37 -5.17
C LEU A 46 -5.63 -7.16 -4.78
N GLU A 47 -5.98 -5.99 -5.31
CA GLU A 47 -5.25 -4.76 -5.02
C GLU A 47 -5.23 -4.48 -3.52
N TYR A 48 -6.29 -4.89 -2.84
CA TYR A 48 -6.40 -4.68 -1.40
C TYR A 48 -5.65 -5.77 -0.63
N LYS A 49 -5.51 -6.94 -1.26
CA LYS A 49 -4.82 -8.06 -0.63
C LYS A 49 -3.35 -7.73 -0.41
N TYR A 50 -2.83 -6.79 -1.19
CA TYR A 50 -1.44 -6.39 -1.08
C TYR A 50 -1.26 -5.33 0.02
N TYR A 51 -2.07 -4.28 -0.04
CA TYR A 51 -2.00 -3.20 0.94
C TYR A 51 -2.03 -3.76 2.35
N LYS A 52 -2.77 -4.85 2.54
CA LYS A 52 -2.88 -5.48 3.85
C LYS A 52 -1.79 -6.52 4.04
N LEU A 53 -1.37 -7.15 2.95
CA LEU A 53 -0.33 -8.18 3.00
C LEU A 53 1.05 -7.54 3.08
N LYS A 54 1.48 -6.94 1.98
CA LYS A 54 2.79 -6.28 1.93
C LYS A 54 3.03 -5.45 3.17
N LEU A 55 1.98 -4.80 3.66
CA LEU A 55 2.08 -3.96 4.85
C LEU A 55 2.36 -4.81 6.09
N ALA A 56 1.72 -5.97 6.16
CA ALA A 56 1.91 -6.88 7.28
C ALA A 56 3.34 -7.42 7.32
N GLU A 57 3.77 -8.01 6.21
CA GLU A 57 5.12 -8.58 6.13
C GLU A 57 6.17 -7.48 6.28
N MET A 58 5.84 -6.28 5.79
CA MET A 58 6.76 -5.15 5.86
C MET A 58 6.83 -4.60 7.28
N GLN A 59 5.69 -4.59 7.96
CA GLN A 59 5.61 -4.09 9.33
C GLN A 59 6.30 -5.05 10.30
N ARG A 60 6.08 -6.34 10.10
CA ARG A 60 6.68 -7.35 10.96
C ARG A 60 8.19 -7.41 10.75
N SER A 61 8.62 -7.37 9.50
CA SER A 61 10.03 -7.43 9.16
C SER A 61 10.68 -6.05 9.29
N GLY A 62 11.95 -6.04 9.68
CA GLY A 62 12.67 -4.79 9.83
C GLY A 62 12.87 -4.41 11.29
N PRO A 63 13.07 -3.11 11.54
CA PRO A 63 13.27 -2.59 12.90
C PRO A 63 12.01 -2.67 13.75
N SER A 64 12.13 -3.28 14.92
CA SER A 64 10.99 -3.42 15.83
C SER A 64 11.38 -3.03 17.26
N SER A 65 10.40 -2.58 18.03
CA SER A 65 10.64 -2.18 19.40
C SER A 65 9.33 -1.96 20.14
N GLY A 66 9.31 -2.31 21.42
CA GLY A 66 8.10 -2.14 22.23
C GLY A 66 7.64 -3.44 22.86
N GLY A 1 3.36 -14.66 -12.32
CA GLY A 1 4.70 -14.51 -11.78
C GLY A 1 4.90 -15.32 -10.52
N SER A 2 4.86 -14.64 -9.37
CA SER A 2 5.04 -15.31 -8.09
C SER A 2 3.72 -15.44 -7.34
N SER A 3 2.93 -16.44 -7.74
CA SER A 3 1.63 -16.68 -7.11
C SER A 3 0.65 -15.55 -7.44
N GLY A 4 -0.12 -15.75 -8.50
CA GLY A 4 -1.08 -14.73 -8.90
C GLY A 4 -0.48 -13.35 -8.97
N SER A 5 -0.02 -12.97 -10.17
CA SER A 5 0.60 -11.67 -10.37
C SER A 5 -0.09 -10.91 -11.51
N SER A 6 -0.99 -10.01 -11.16
CA SER A 6 -1.71 -9.22 -12.14
C SER A 6 -1.76 -7.75 -11.75
N GLY A 7 -0.70 -7.01 -12.08
CA GLY A 7 -0.65 -5.60 -11.75
C GLY A 7 -0.09 -5.36 -10.36
N VAL A 8 -0.95 -4.90 -9.45
CA VAL A 8 -0.55 -4.63 -8.07
C VAL A 8 0.83 -3.97 -8.04
N GLY A 9 1.12 -3.13 -9.03
CA GLY A 9 2.40 -2.45 -9.09
C GLY A 9 2.41 -1.18 -8.28
N THR A 10 1.29 -0.46 -8.27
CA THR A 10 1.18 0.78 -7.53
C THR A 10 1.27 0.54 -6.02
N ILE A 11 0.54 -0.46 -5.54
CA ILE A 11 0.54 -0.78 -4.12
C ILE A 11 1.94 -1.14 -3.64
N ASP A 12 2.53 -2.15 -4.25
CA ASP A 12 3.88 -2.58 -3.90
C ASP A 12 4.74 -1.40 -3.49
N GLN A 13 4.49 -0.24 -4.12
CA GLN A 13 5.25 0.96 -3.82
C GLN A 13 4.65 1.70 -2.63
N LEU A 14 3.32 1.83 -2.62
CA LEU A 14 2.63 2.52 -1.55
C LEU A 14 2.98 1.92 -0.19
N VAL A 15 2.65 0.65 0.00
CA VAL A 15 2.95 -0.05 1.24
C VAL A 15 4.31 0.35 1.78
N LYS A 16 5.34 0.21 0.94
CA LYS A 16 6.70 0.55 1.34
C LYS A 16 6.74 1.91 2.03
N ARG A 17 5.94 2.85 1.54
CA ARG A 17 5.89 4.18 2.11
C ARG A 17 5.38 4.14 3.55
N VAL A 18 4.09 3.83 3.71
CA VAL A 18 3.49 3.76 5.03
C VAL A 18 4.41 3.04 6.02
N ILE A 19 5.32 2.22 5.49
CA ILE A 19 6.26 1.47 6.32
C ILE A 19 7.38 2.38 6.81
N GLU A 20 8.16 2.92 5.87
CA GLU A 20 9.26 3.80 6.21
C GLU A 20 8.75 5.17 6.65
N GLY A 21 7.46 5.41 6.47
CA GLY A 21 6.87 6.67 6.84
C GLY A 21 7.18 7.78 5.85
N SER A 22 8.00 7.46 4.86
CA SER A 22 8.38 8.43 3.84
C SER A 22 7.21 9.34 3.50
N LEU A 23 6.00 8.81 3.62
CA LEU A 23 4.79 9.58 3.32
C LEU A 23 4.15 10.10 4.60
N SER A 24 3.78 11.37 4.60
CA SER A 24 3.16 12.00 5.77
C SER A 24 1.98 11.17 6.25
N PRO A 25 1.55 11.43 7.50
CA PRO A 25 0.42 10.71 8.11
C PRO A 25 -0.91 11.09 7.47
N LYS A 26 -0.98 12.30 6.92
CA LYS A 26 -2.19 12.78 6.27
C LYS A 26 -2.39 12.13 4.91
N GLU A 27 -1.29 12.02 4.16
CA GLU A 27 -1.34 11.41 2.84
C GLU A 27 -2.04 10.05 2.88
N ARG A 28 -1.67 9.23 3.86
CA ARG A 28 -2.25 7.91 4.02
C ARG A 28 -3.78 7.98 4.00
N THR A 29 -4.32 8.85 4.83
CA THR A 29 -5.77 9.03 4.91
C THR A 29 -6.33 9.63 3.63
N LEU A 30 -5.47 10.31 2.89
CA LEU A 30 -5.88 10.94 1.63
C LEU A 30 -5.88 9.93 0.49
N LEU A 31 -5.04 8.92 0.60
CA LEU A 31 -4.96 7.88 -0.43
C LEU A 31 -6.35 7.41 -0.84
N LYS A 32 -7.23 7.25 0.13
CA LYS A 32 -8.59 6.81 -0.13
C LYS A 32 -9.29 7.76 -1.11
N GLU A 33 -9.03 9.05 -0.96
CA GLU A 33 -9.63 10.06 -1.83
C GLU A 33 -9.10 9.93 -3.25
N ASP A 34 -7.99 9.21 -3.40
CA ASP A 34 -7.38 9.02 -4.72
C ASP A 34 -8.00 7.82 -5.42
N PRO A 35 -8.20 7.95 -6.75
CA PRO A 35 -8.79 6.88 -7.56
C PRO A 35 -7.86 5.70 -7.72
N ALA A 36 -6.55 5.96 -7.67
CA ALA A 36 -5.55 4.91 -7.81
C ALA A 36 -5.64 3.92 -6.66
N TYR A 37 -6.12 4.38 -5.51
CA TYR A 37 -6.25 3.54 -4.33
C TYR A 37 -7.71 3.36 -3.94
N TRP A 38 -8.51 2.89 -4.90
CA TRP A 38 -9.94 2.68 -4.65
C TRP A 38 -10.17 1.38 -3.90
N PHE A 39 -9.28 0.41 -4.09
CA PHE A 39 -9.40 -0.88 -3.42
C PHE A 39 -9.36 -0.71 -1.91
N LEU A 40 -8.64 0.31 -1.45
CA LEU A 40 -8.52 0.58 -0.02
C LEU A 40 -9.82 0.23 0.71
N SER A 41 -10.92 0.83 0.27
CA SER A 41 -12.22 0.59 0.89
C SER A 41 -12.66 -0.86 0.67
N ASP A 42 -12.36 -1.39 -0.51
CA ASP A 42 -12.71 -2.76 -0.84
C ASP A 42 -11.83 -3.75 -0.10
N GLU A 43 -12.37 -4.94 0.19
CA GLU A 43 -11.61 -5.97 0.90
C GLU A 43 -11.59 -7.27 0.10
N ASN A 44 -12.69 -7.57 -0.58
CA ASN A 44 -12.79 -8.78 -1.38
C ASN A 44 -12.15 -8.58 -2.75
N SER A 45 -10.99 -7.92 -2.77
CA SER A 45 -10.28 -7.66 -4.01
C SER A 45 -8.82 -8.09 -3.91
N LEU A 46 -8.07 -7.89 -4.98
CA LEU A 46 -6.66 -8.25 -5.01
C LEU A 46 -5.78 -7.06 -4.65
N GLU A 47 -6.08 -5.92 -5.24
CA GLU A 47 -5.31 -4.70 -4.98
C GLU A 47 -5.30 -4.37 -3.49
N TYR A 48 -6.32 -4.84 -2.78
CA TYR A 48 -6.43 -4.59 -1.34
C TYR A 48 -5.71 -5.68 -0.56
N LYS A 49 -5.59 -6.86 -1.16
CA LYS A 49 -4.92 -7.97 -0.52
C LYS A 49 -3.43 -7.69 -0.31
N TYR A 50 -2.91 -6.73 -1.07
CA TYR A 50 -1.51 -6.35 -0.98
C TYR A 50 -1.29 -5.31 0.12
N TYR A 51 -2.02 -4.20 0.03
CA TYR A 51 -1.91 -3.13 1.01
C TYR A 51 -1.98 -3.68 2.43
N LYS A 52 -2.73 -4.77 2.60
CA LYS A 52 -2.88 -5.40 3.91
C LYS A 52 -1.80 -6.46 4.12
N LEU A 53 -1.40 -7.13 3.04
CA LEU A 53 -0.37 -8.16 3.12
C LEU A 53 1.03 -7.54 3.14
N LYS A 54 1.43 -6.97 2.00
CA LYS A 54 2.74 -6.34 1.88
C LYS A 54 3.03 -5.47 3.10
N LEU A 55 1.99 -4.84 3.64
CA LEU A 55 2.14 -3.98 4.81
C LEU A 55 2.47 -4.79 6.05
N ALA A 56 1.72 -5.87 6.26
CA ALA A 56 1.94 -6.74 7.42
C ALA A 56 3.34 -7.33 7.40
N GLU A 57 3.72 -7.90 6.26
CA GLU A 57 5.04 -8.51 6.11
C GLU A 57 6.14 -7.46 6.22
N MET A 58 5.92 -6.31 5.59
CA MET A 58 6.90 -5.23 5.61
C MET A 58 6.98 -4.62 7.01
N GLN A 59 5.89 -4.73 7.77
CA GLN A 59 5.84 -4.18 9.12
C GLN A 59 6.54 -5.11 10.11
N ARG A 60 6.45 -6.41 9.85
CA ARG A 60 7.06 -7.41 10.72
C ARG A 60 8.56 -7.51 10.46
N SER A 61 8.96 -7.24 9.22
CA SER A 61 10.36 -7.30 8.84
C SER A 61 11.19 -6.35 9.70
N GLY A 62 10.76 -5.10 9.78
CA GLY A 62 11.49 -4.10 10.55
C GLY A 62 12.15 -3.04 9.69
N PRO A 63 12.95 -2.18 10.32
CA PRO A 63 13.65 -1.10 9.63
C PRO A 63 14.76 -1.62 8.72
N SER A 64 14.45 -1.74 7.44
CA SER A 64 15.42 -2.24 6.46
C SER A 64 15.26 -1.53 5.12
N SER A 65 16.35 -1.41 4.39
CA SER A 65 16.34 -0.74 3.09
C SER A 65 17.05 -1.60 2.03
N GLY A 66 16.39 -1.78 0.88
CA GLY A 66 16.98 -2.57 -0.18
C GLY A 66 16.58 -4.03 -0.11
N GLY A 1 7.45 -2.82 -22.01
CA GLY A 1 6.32 -3.74 -22.14
C GLY A 1 5.13 -3.31 -21.31
N SER A 2 5.06 -3.80 -20.08
CA SER A 2 3.95 -3.46 -19.19
C SER A 2 2.62 -3.70 -19.87
N SER A 3 2.12 -4.93 -19.77
CA SER A 3 0.84 -5.29 -20.40
C SER A 3 -0.32 -4.55 -19.71
N GLY A 4 -0.83 -3.53 -20.38
CA GLY A 4 -1.94 -2.77 -19.83
C GLY A 4 -1.57 -2.07 -18.54
N SER A 5 -2.24 -2.42 -17.45
CA SER A 5 -1.98 -1.83 -16.16
C SER A 5 -0.86 -2.56 -15.43
N SER A 6 -0.40 -1.97 -14.33
CA SER A 6 0.68 -2.56 -13.55
C SER A 6 0.12 -3.42 -12.40
N GLY A 7 -0.07 -4.70 -12.67
CA GLY A 7 -0.61 -5.60 -11.67
C GLY A 7 0.01 -5.36 -10.30
N VAL A 8 -0.84 -5.06 -9.31
CA VAL A 8 -0.37 -4.80 -7.96
C VAL A 8 1.00 -4.12 -7.96
N GLY A 9 1.16 -3.16 -8.86
CA GLY A 9 2.43 -2.45 -8.95
C GLY A 9 2.44 -1.19 -8.11
N THR A 10 1.29 -0.53 -8.01
CA THR A 10 1.18 0.70 -7.23
C THR A 10 1.23 0.41 -5.74
N ILE A 11 0.53 -0.64 -5.32
CA ILE A 11 0.51 -1.02 -3.91
C ILE A 11 1.90 -1.40 -3.42
N ASP A 12 2.52 -2.38 -4.08
CA ASP A 12 3.85 -2.82 -3.71
C ASP A 12 4.74 -1.64 -3.33
N GLN A 13 4.56 -0.53 -4.04
CA GLN A 13 5.35 0.67 -3.79
C GLN A 13 4.76 1.48 -2.64
N LEU A 14 3.45 1.75 -2.73
CA LEU A 14 2.76 2.51 -1.70
C LEU A 14 3.05 1.95 -0.31
N VAL A 15 2.72 0.68 -0.11
CA VAL A 15 2.94 0.02 1.17
C VAL A 15 4.32 0.35 1.72
N LYS A 16 5.34 0.25 0.87
CA LYS A 16 6.71 0.54 1.26
C LYS A 16 6.80 1.89 1.95
N ARG A 17 5.97 2.84 1.52
CA ARG A 17 5.96 4.17 2.11
C ARG A 17 5.41 4.14 3.54
N VAL A 18 4.12 3.85 3.66
CA VAL A 18 3.48 3.78 4.97
C VAL A 18 4.35 3.05 5.98
N ILE A 19 5.25 2.21 5.47
CA ILE A 19 6.16 1.45 6.32
C ILE A 19 7.29 2.31 6.83
N GLU A 20 7.99 2.97 5.90
CA GLU A 20 9.11 3.83 6.26
C GLU A 20 8.62 5.20 6.73
N GLY A 21 7.32 5.45 6.54
CA GLY A 21 6.75 6.73 6.94
C GLY A 21 7.12 7.85 6.00
N SER A 22 7.93 7.54 5.00
CA SER A 22 8.36 8.54 4.02
C SER A 22 7.20 9.47 3.65
N LEU A 23 5.98 8.96 3.79
CA LEU A 23 4.79 9.74 3.47
C LEU A 23 4.13 10.27 4.75
N SER A 24 3.69 11.53 4.70
CA SER A 24 3.04 12.15 5.84
C SER A 24 1.88 11.31 6.34
N PRO A 25 1.43 11.58 7.57
CA PRO A 25 0.31 10.86 8.19
C PRO A 25 -1.02 11.18 7.52
N LYS A 26 -1.18 12.42 7.07
CA LYS A 26 -2.40 12.85 6.42
C LYS A 26 -2.52 12.23 5.03
N GLU A 27 -1.40 12.17 4.31
CA GLU A 27 -1.39 11.60 2.97
C GLU A 27 -2.10 10.25 2.94
N ARG A 28 -1.76 9.39 3.90
CA ARG A 28 -2.37 8.07 3.99
C ARG A 28 -3.89 8.17 3.96
N THR A 29 -4.43 9.06 4.77
CA THR A 29 -5.87 9.26 4.86
C THR A 29 -6.40 9.91 3.59
N LEU A 30 -5.51 10.49 2.80
CA LEU A 30 -5.89 11.16 1.56
C LEU A 30 -5.92 10.18 0.40
N LEU A 31 -5.11 9.13 0.50
CA LEU A 31 -5.04 8.11 -0.55
C LEU A 31 -6.44 7.66 -0.96
N LYS A 32 -7.31 7.49 0.03
CA LYS A 32 -8.68 7.06 -0.23
C LYS A 32 -9.39 8.06 -1.14
N GLU A 33 -9.07 9.33 -0.98
CA GLU A 33 -9.69 10.38 -1.80
C GLU A 33 -9.22 10.30 -3.24
N ASP A 34 -8.18 9.50 -3.47
CA ASP A 34 -7.62 9.33 -4.81
C ASP A 34 -8.19 8.06 -5.47
N PRO A 35 -8.40 8.13 -6.79
CA PRO A 35 -8.94 7.01 -7.56
C PRO A 35 -7.95 5.87 -7.69
N ALA A 36 -6.66 6.20 -7.75
CA ALA A 36 -5.61 5.20 -7.87
C ALA A 36 -5.69 4.20 -6.73
N TYR A 37 -6.26 4.62 -5.61
CA TYR A 37 -6.39 3.75 -4.44
C TYR A 37 -7.86 3.51 -4.10
N TRP A 38 -8.63 3.08 -5.11
CA TRP A 38 -10.05 2.82 -4.91
C TRP A 38 -10.25 1.48 -4.19
N PHE A 39 -9.31 0.57 -4.36
CA PHE A 39 -9.39 -0.74 -3.72
C PHE A 39 -9.38 -0.61 -2.21
N LEU A 40 -8.80 0.48 -1.72
CA LEU A 40 -8.72 0.73 -0.29
C LEU A 40 -10.04 0.40 0.40
N SER A 41 -11.13 0.93 -0.15
CA SER A 41 -12.46 0.70 0.41
C SER A 41 -12.86 -0.77 0.28
N ASP A 42 -12.51 -1.37 -0.86
CA ASP A 42 -12.83 -2.77 -1.09
C ASP A 42 -11.92 -3.69 -0.29
N GLU A 43 -12.44 -4.86 0.06
CA GLU A 43 -11.68 -5.83 0.85
C GLU A 43 -11.61 -7.18 0.14
N ASN A 44 -12.67 -7.50 -0.60
CA ASN A 44 -12.73 -8.76 -1.34
C ASN A 44 -12.12 -8.62 -2.72
N SER A 45 -10.91 -8.07 -2.79
CA SER A 45 -10.22 -7.88 -4.05
C SER A 45 -8.75 -8.28 -3.94
N LEU A 46 -7.99 -8.01 -5.00
CA LEU A 46 -6.58 -8.35 -5.02
C LEU A 46 -5.72 -7.14 -4.64
N GLU A 47 -5.97 -6.01 -5.31
CA GLU A 47 -5.24 -4.78 -5.03
C GLU A 47 -5.25 -4.45 -3.54
N TYR A 48 -6.30 -4.91 -2.86
CA TYR A 48 -6.44 -4.65 -1.43
C TYR A 48 -5.73 -5.73 -0.62
N LYS A 49 -5.60 -6.91 -1.20
CA LYS A 49 -4.93 -8.03 -0.54
C LYS A 49 -3.46 -7.72 -0.30
N TYR A 50 -2.91 -6.81 -1.10
CA TYR A 50 -1.51 -6.42 -0.97
C TYR A 50 -1.33 -5.36 0.12
N TYR A 51 -2.02 -4.24 -0.05
CA TYR A 51 -1.94 -3.15 0.91
C TYR A 51 -2.01 -3.66 2.34
N LYS A 52 -2.74 -4.77 2.52
CA LYS A 52 -2.88 -5.37 3.84
C LYS A 52 -1.77 -6.38 4.11
N LEU A 53 -1.46 -7.18 3.10
CA LEU A 53 -0.41 -8.19 3.22
C LEU A 53 0.97 -7.55 3.18
N LYS A 54 1.36 -7.05 2.01
CA LYS A 54 2.64 -6.40 1.83
C LYS A 54 2.98 -5.51 3.03
N LEU A 55 1.94 -4.97 3.67
CA LEU A 55 2.12 -4.11 4.83
C LEU A 55 2.55 -4.91 6.05
N ALA A 56 1.91 -6.06 6.25
CA ALA A 56 2.22 -6.93 7.38
C ALA A 56 3.64 -7.48 7.26
N GLU A 57 3.91 -8.15 6.14
CA GLU A 57 5.22 -8.74 5.91
C GLU A 57 6.31 -7.67 5.94
N MET A 58 5.94 -6.44 5.61
CA MET A 58 6.88 -5.33 5.60
C MET A 58 7.05 -4.75 7.00
N GLN A 59 5.97 -4.74 7.76
CA GLN A 59 6.00 -4.21 9.12
C GLN A 59 6.79 -5.13 10.04
N ARG A 60 6.67 -6.43 9.83
CA ARG A 60 7.37 -7.41 10.64
C ARG A 60 8.88 -7.33 10.41
N SER A 61 9.28 -7.18 9.15
CA SER A 61 10.69 -7.08 8.80
C SER A 61 11.42 -6.13 9.72
N GLY A 62 10.83 -4.95 9.94
CA GLY A 62 11.44 -3.96 10.81
C GLY A 62 10.80 -3.93 12.18
N PRO A 63 10.97 -2.80 12.88
CA PRO A 63 10.40 -2.61 14.23
C PRO A 63 8.88 -2.49 14.21
N SER A 64 8.23 -3.34 15.00
CA SER A 64 6.77 -3.34 15.07
C SER A 64 6.30 -2.67 16.36
N SER A 65 5.51 -1.61 16.21
CA SER A 65 4.98 -0.88 17.36
C SER A 65 3.46 -0.87 17.35
N GLY A 66 2.87 -1.66 18.24
CA GLY A 66 1.41 -1.73 18.31
C GLY A 66 0.78 -0.35 18.41
N GLY A 1 13.86 -0.17 -11.32
CA GLY A 1 13.43 0.97 -12.11
C GLY A 1 13.88 0.88 -13.56
N SER A 2 13.58 -0.24 -14.20
CA SER A 2 13.96 -0.46 -15.59
C SER A 2 12.74 -0.74 -16.46
N SER A 3 11.92 -1.69 -16.03
CA SER A 3 10.72 -2.06 -16.76
C SER A 3 9.47 -1.71 -15.97
N GLY A 4 8.38 -1.46 -16.68
CA GLY A 4 7.13 -1.10 -16.03
C GLY A 4 6.63 -2.20 -15.11
N SER A 5 5.32 -2.22 -14.87
CA SER A 5 4.72 -3.23 -14.00
C SER A 5 3.37 -3.68 -14.54
N SER A 6 2.80 -4.72 -13.93
CA SER A 6 1.52 -5.25 -14.35
C SER A 6 0.75 -5.81 -13.16
N GLY A 7 -0.16 -5.00 -12.61
CA GLY A 7 -0.95 -5.42 -11.47
C GLY A 7 -0.24 -5.19 -10.15
N VAL A 8 -1.01 -4.85 -9.12
CA VAL A 8 -0.45 -4.59 -7.80
C VAL A 8 0.92 -3.93 -7.90
N GLY A 9 1.05 -3.03 -8.86
CA GLY A 9 2.32 -2.33 -9.05
C GLY A 9 2.42 -1.08 -8.20
N THR A 10 1.29 -0.38 -8.03
CA THR A 10 1.26 0.84 -7.24
C THR A 10 1.36 0.54 -5.75
N ILE A 11 0.67 -0.51 -5.32
CA ILE A 11 0.67 -0.90 -3.91
C ILE A 11 2.07 -1.28 -3.46
N ASP A 12 2.71 -2.20 -4.17
CA ASP A 12 4.05 -2.64 -3.84
C ASP A 12 4.91 -1.47 -3.39
N GLN A 13 4.68 -0.31 -4.00
CA GLN A 13 5.44 0.90 -3.67
C GLN A 13 4.76 1.67 -2.55
N LEU A 14 3.45 1.85 -2.66
CA LEU A 14 2.68 2.57 -1.64
C LEU A 14 2.95 2.01 -0.25
N VAL A 15 2.66 0.73 -0.07
CA VAL A 15 2.87 0.07 1.22
C VAL A 15 4.26 0.38 1.77
N LYS A 16 5.26 0.28 0.92
CA LYS A 16 6.64 0.55 1.32
C LYS A 16 6.75 1.93 1.96
N ARG A 17 5.88 2.85 1.54
CA ARG A 17 5.89 4.21 2.08
C ARG A 17 5.46 4.21 3.54
N VAL A 18 4.18 3.97 3.78
CA VAL A 18 3.64 3.94 5.14
C VAL A 18 4.56 3.14 6.07
N ILE A 19 5.37 2.27 5.49
CA ILE A 19 6.29 1.45 6.27
C ILE A 19 7.52 2.25 6.69
N GLU A 20 8.15 2.91 5.73
CA GLU A 20 9.33 3.71 6.00
C GLU A 20 8.95 5.11 6.46
N GLY A 21 7.66 5.43 6.37
CA GLY A 21 7.19 6.73 6.78
C GLY A 21 7.49 7.81 5.74
N SER A 22 8.20 7.43 4.69
CA SER A 22 8.56 8.37 3.63
C SER A 22 7.40 9.29 3.31
N LEU A 23 6.18 8.82 3.58
CA LEU A 23 4.98 9.60 3.32
C LEU A 23 4.35 10.09 4.62
N SER A 24 3.83 11.32 4.60
CA SER A 24 3.20 11.91 5.78
C SER A 24 2.04 11.05 6.26
N PRO A 25 1.61 11.28 7.51
CA PRO A 25 0.50 10.53 8.10
C PRO A 25 -0.84 10.89 7.48
N LYS A 26 -0.97 12.14 7.03
CA LYS A 26 -2.20 12.60 6.41
C LYS A 26 -2.33 12.05 4.99
N GLU A 27 -1.23 12.03 4.27
CA GLU A 27 -1.22 11.52 2.89
C GLU A 27 -1.94 10.19 2.80
N ARG A 28 -1.69 9.32 3.78
CA ARG A 28 -2.32 8.00 3.82
C ARG A 28 -3.84 8.11 3.73
N THR A 29 -4.42 8.85 4.67
CA THR A 29 -5.87 9.03 4.71
C THR A 29 -6.37 9.59 3.39
N LEU A 30 -5.57 10.43 2.75
CA LEU A 30 -5.94 11.04 1.48
C LEU A 30 -5.97 10.00 0.36
N LEU A 31 -5.13 8.98 0.50
CA LEU A 31 -5.06 7.90 -0.49
C LEU A 31 -6.46 7.42 -0.87
N LYS A 32 -7.33 7.30 0.13
CA LYS A 32 -8.69 6.86 -0.11
C LYS A 32 -9.43 7.81 -1.03
N GLU A 33 -9.16 9.10 -0.87
CA GLU A 33 -9.80 10.12 -1.70
C GLU A 33 -9.33 10.03 -3.15
N ASP A 34 -8.21 9.33 -3.35
CA ASP A 34 -7.65 9.17 -4.70
C ASP A 34 -8.25 7.95 -5.39
N PRO A 35 -8.48 8.07 -6.71
CA PRO A 35 -9.05 6.99 -7.51
C PRO A 35 -8.07 5.83 -7.69
N ALA A 36 -6.79 6.13 -7.70
CA ALA A 36 -5.76 5.12 -7.87
C ALA A 36 -5.80 4.11 -6.72
N TYR A 37 -6.35 4.53 -5.58
CA TYR A 37 -6.44 3.68 -4.41
C TYR A 37 -7.90 3.40 -4.06
N TRP A 38 -8.67 2.96 -5.03
CA TRP A 38 -10.09 2.66 -4.83
C TRP A 38 -10.25 1.34 -4.08
N PHE A 39 -9.35 0.39 -4.35
CA PHE A 39 -9.41 -0.91 -3.69
C PHE A 39 -9.36 -0.77 -2.17
N LEU A 40 -8.77 0.33 -1.71
CA LEU A 40 -8.66 0.59 -0.28
C LEU A 40 -9.97 0.29 0.43
N SER A 41 -11.06 0.82 -0.12
CA SER A 41 -12.39 0.62 0.46
C SER A 41 -12.82 -0.84 0.33
N ASP A 42 -12.50 -1.44 -0.81
CA ASP A 42 -12.86 -2.83 -1.06
C ASP A 42 -11.97 -3.78 -0.27
N GLU A 43 -12.49 -4.96 0.05
CA GLU A 43 -11.74 -5.95 0.82
C GLU A 43 -11.67 -7.27 0.06
N ASN A 44 -12.72 -7.58 -0.69
CA ASN A 44 -12.77 -8.81 -1.47
C ASN A 44 -12.15 -8.63 -2.84
N SER A 45 -10.94 -8.06 -2.87
CA SER A 45 -10.25 -7.81 -4.13
C SER A 45 -8.79 -8.23 -4.02
N LEU A 46 -8.01 -7.93 -5.06
CA LEU A 46 -6.60 -8.27 -5.08
C LEU A 46 -5.73 -7.07 -4.69
N GLU A 47 -6.05 -5.91 -5.26
CA GLU A 47 -5.31 -4.70 -4.97
C GLU A 47 -5.30 -4.41 -3.47
N TYR A 48 -6.35 -4.83 -2.78
CA TYR A 48 -6.47 -4.62 -1.35
C TYR A 48 -5.75 -5.72 -0.58
N LYS A 49 -5.63 -6.89 -1.19
CA LYS A 49 -4.96 -8.02 -0.56
C LYS A 49 -3.48 -7.73 -0.34
N TYR A 50 -2.96 -6.75 -1.08
CA TYR A 50 -1.56 -6.37 -0.95
C TYR A 50 -1.37 -5.31 0.13
N TYR A 51 -2.06 -4.19 -0.03
CA TYR A 51 -1.98 -3.09 0.93
C TYR A 51 -2.04 -3.63 2.36
N LYS A 52 -2.75 -4.73 2.55
CA LYS A 52 -2.90 -5.34 3.86
C LYS A 52 -1.78 -6.35 4.12
N LEU A 53 -1.50 -7.17 3.11
CA LEU A 53 -0.46 -8.19 3.22
C LEU A 53 0.93 -7.55 3.18
N LYS A 54 1.30 -7.04 2.01
CA LYS A 54 2.60 -6.40 1.84
C LYS A 54 2.94 -5.53 3.04
N LEU A 55 1.92 -5.00 3.69
CA LEU A 55 2.11 -4.15 4.86
C LEU A 55 2.46 -4.97 6.08
N ALA A 56 1.77 -6.10 6.24
CA ALA A 56 2.01 -6.99 7.38
C ALA A 56 3.44 -7.54 7.35
N GLU A 57 3.86 -8.02 6.19
CA GLU A 57 5.20 -8.58 6.04
C GLU A 57 6.25 -7.48 6.13
N MET A 58 5.94 -6.32 5.57
CA MET A 58 6.85 -5.19 5.59
C MET A 58 6.98 -4.61 6.99
N GLN A 59 5.87 -4.61 7.73
CA GLN A 59 5.86 -4.08 9.09
C GLN A 59 6.63 -5.00 10.03
N ARG A 60 6.37 -6.30 9.94
CA ARG A 60 7.04 -7.27 10.80
C ARG A 60 8.52 -7.36 10.45
N SER A 61 8.84 -7.29 9.16
CA SER A 61 10.22 -7.36 8.70
C SER A 61 10.83 -5.97 8.60
N GLY A 62 12.16 -5.91 8.61
CA GLY A 62 12.84 -4.64 8.52
C GLY A 62 13.22 -4.09 9.88
N PRO A 63 14.08 -3.05 9.88
CA PRO A 63 14.53 -2.41 11.12
C PRO A 63 13.42 -1.62 11.81
N SER A 64 13.12 -2.00 13.05
CA SER A 64 12.07 -1.34 13.82
C SER A 64 12.46 -1.23 15.29
N SER A 65 11.69 -0.44 16.04
CA SER A 65 11.97 -0.26 17.47
C SER A 65 11.44 -1.44 18.28
N GLY A 66 12.35 -2.26 18.78
CA GLY A 66 11.97 -3.41 19.57
C GLY A 66 13.14 -4.31 19.90
N GLY A 1 16.08 -2.46 -19.04
CA GLY A 1 15.09 -3.17 -19.85
C GLY A 1 13.76 -2.44 -19.89
N SER A 2 12.75 -3.02 -19.25
CA SER A 2 11.43 -2.43 -19.22
C SER A 2 10.53 -3.13 -18.20
N SER A 3 9.38 -2.53 -17.90
CA SER A 3 8.45 -3.11 -16.94
C SER A 3 7.12 -2.36 -16.97
N GLY A 4 6.12 -2.92 -16.31
CA GLY A 4 4.81 -2.29 -16.27
C GLY A 4 4.29 -2.13 -14.85
N SER A 5 3.01 -1.78 -14.73
CA SER A 5 2.39 -1.58 -13.43
C SER A 5 1.19 -2.50 -13.25
N SER A 6 0.38 -2.61 -14.29
CA SER A 6 -0.81 -3.45 -14.25
C SER A 6 -1.80 -2.96 -13.19
N GLY A 7 -1.50 -3.26 -11.93
CA GLY A 7 -2.37 -2.84 -10.85
C GLY A 7 -1.67 -2.87 -9.51
N VAL A 8 -1.36 -4.07 -9.02
CA VAL A 8 -0.69 -4.23 -7.74
C VAL A 8 0.66 -3.51 -7.74
N GLY A 9 1.21 -3.29 -8.92
CA GLY A 9 2.49 -2.62 -9.04
C GLY A 9 2.55 -1.34 -8.23
N THR A 10 1.40 -0.66 -8.13
CA THR A 10 1.33 0.59 -7.38
C THR A 10 1.37 0.34 -5.88
N ILE A 11 0.57 -0.61 -5.42
CA ILE A 11 0.52 -0.96 -4.00
C ILE A 11 1.91 -1.32 -3.48
N ASP A 12 2.56 -2.26 -4.16
CA ASP A 12 3.89 -2.71 -3.77
C ASP A 12 4.77 -1.52 -3.39
N GLN A 13 4.51 -0.37 -4.02
CA GLN A 13 5.28 0.83 -3.75
C GLN A 13 4.65 1.65 -2.63
N LEU A 14 3.32 1.76 -2.67
CA LEU A 14 2.58 2.51 -1.66
C LEU A 14 2.91 2.01 -0.26
N VAL A 15 2.65 0.74 -0.01
CA VAL A 15 2.92 0.14 1.29
C VAL A 15 4.30 0.55 1.81
N LYS A 16 5.32 0.32 1.00
CA LYS A 16 6.69 0.67 1.38
C LYS A 16 6.74 2.07 2.00
N ARG A 17 5.87 2.95 1.51
CA ARG A 17 5.82 4.32 2.02
C ARG A 17 5.34 4.35 3.47
N VAL A 18 4.11 3.91 3.69
CA VAL A 18 3.54 3.88 5.03
C VAL A 18 4.45 3.14 6.01
N ILE A 19 5.33 2.29 5.46
CA ILE A 19 6.25 1.52 6.28
C ILE A 19 7.40 2.40 6.78
N GLU A 20 8.11 3.01 5.85
CA GLU A 20 9.24 3.88 6.20
C GLU A 20 8.75 5.27 6.60
N GLY A 21 7.46 5.53 6.37
CA GLY A 21 6.89 6.82 6.71
C GLY A 21 7.22 7.89 5.69
N SER A 22 7.97 7.52 4.66
CA SER A 22 8.37 8.45 3.62
C SER A 22 7.21 9.37 3.25
N LEU A 23 5.99 8.90 3.48
CA LEU A 23 4.79 9.67 3.19
C LEU A 23 4.18 10.27 4.46
N SER A 24 3.78 11.53 4.38
CA SER A 24 3.19 12.20 5.52
C SER A 24 2.02 11.40 6.10
N PRO A 25 1.69 11.68 7.36
CA PRO A 25 0.60 10.97 8.06
C PRO A 25 -0.78 11.34 7.50
N LYS A 26 -0.88 12.54 6.94
CA LYS A 26 -2.14 13.00 6.36
C LYS A 26 -2.35 12.42 4.98
N GLU A 27 -1.25 12.20 4.25
CA GLU A 27 -1.33 11.64 2.91
C GLU A 27 -2.06 10.31 2.92
N ARG A 28 -1.72 9.46 3.88
CA ARG A 28 -2.33 8.15 3.99
C ARG A 28 -3.85 8.25 3.97
N THR A 29 -4.39 9.16 4.78
CA THR A 29 -5.83 9.37 4.85
C THR A 29 -6.39 9.88 3.52
N LEU A 30 -5.57 10.67 2.81
CA LEU A 30 -5.98 11.23 1.52
C LEU A 30 -5.98 10.14 0.44
N LEU A 31 -5.12 9.14 0.61
CA LEU A 31 -5.03 8.05 -0.35
C LEU A 31 -6.41 7.55 -0.73
N LYS A 32 -7.30 7.42 0.25
CA LYS A 32 -8.65 6.95 0.01
C LYS A 32 -9.39 7.90 -0.93
N GLU A 33 -9.16 9.20 -0.77
CA GLU A 33 -9.80 10.20 -1.61
C GLU A 33 -9.37 10.06 -3.06
N ASP A 34 -8.26 9.34 -3.27
CA ASP A 34 -7.73 9.14 -4.61
C ASP A 34 -8.35 7.89 -5.26
N PRO A 35 -8.62 7.97 -6.57
CA PRO A 35 -9.22 6.86 -7.32
C PRO A 35 -8.25 5.70 -7.50
N ALA A 36 -6.96 6.02 -7.57
CA ALA A 36 -5.93 4.99 -7.73
C ALA A 36 -5.95 4.00 -6.57
N TYR A 37 -6.46 4.45 -5.43
CA TYR A 37 -6.53 3.61 -4.24
C TYR A 37 -7.98 3.37 -3.83
N TRP A 38 -8.78 2.90 -4.78
CA TRP A 38 -10.19 2.62 -4.53
C TRP A 38 -10.36 1.30 -3.78
N PHE A 39 -9.49 0.34 -4.08
CA PHE A 39 -9.54 -0.96 -3.44
C PHE A 39 -9.53 -0.83 -1.92
N LEU A 40 -8.87 0.21 -1.44
CA LEU A 40 -8.79 0.46 0.00
C LEU A 40 -10.10 0.11 0.69
N SER A 41 -11.20 0.62 0.14
CA SER A 41 -12.52 0.37 0.71
C SER A 41 -12.91 -1.10 0.55
N ASP A 42 -12.52 -1.69 -0.57
CA ASP A 42 -12.82 -3.09 -0.85
C ASP A 42 -11.90 -4.01 -0.06
N GLU A 43 -12.39 -5.21 0.25
CA GLU A 43 -11.61 -6.18 1.01
C GLU A 43 -11.48 -7.49 0.23
N ASN A 44 -12.54 -7.85 -0.49
CA ASN A 44 -12.54 -9.08 -1.26
C ASN A 44 -11.97 -8.84 -2.66
N SER A 45 -10.81 -8.21 -2.72
CA SER A 45 -10.16 -7.91 -4.00
C SER A 45 -8.68 -8.27 -3.94
N LEU A 46 -7.99 -8.06 -5.06
CA LEU A 46 -6.57 -8.37 -5.14
C LEU A 46 -5.73 -7.16 -4.74
N GLU A 47 -6.07 -6.00 -5.29
CA GLU A 47 -5.35 -4.77 -5.00
C GLU A 47 -5.32 -4.51 -3.49
N TYR A 48 -6.36 -4.95 -2.80
CA TYR A 48 -6.46 -4.77 -1.35
C TYR A 48 -5.71 -5.88 -0.61
N LYS A 49 -5.60 -7.03 -1.25
CA LYS A 49 -4.91 -8.17 -0.65
C LYS A 49 -3.43 -7.86 -0.44
N TYR A 50 -2.93 -6.87 -1.17
CA TYR A 50 -1.52 -6.47 -1.05
C TYR A 50 -1.34 -5.46 0.08
N TYR A 51 -2.02 -4.33 -0.03
CA TYR A 51 -1.93 -3.29 0.99
C TYR A 51 -1.98 -3.88 2.39
N LYS A 52 -2.72 -4.98 2.53
CA LYS A 52 -2.86 -5.64 3.83
C LYS A 52 -1.77 -6.69 4.00
N LEU A 53 -1.38 -7.34 2.91
CA LEU A 53 -0.35 -8.36 2.95
C LEU A 53 1.04 -7.73 3.01
N LYS A 54 1.46 -7.14 1.90
CA LYS A 54 2.76 -6.49 1.83
C LYS A 54 3.05 -5.68 3.08
N LEU A 55 2.04 -4.96 3.56
CA LEU A 55 2.18 -4.14 4.76
C LEU A 55 2.56 -5.01 5.96
N ALA A 56 1.91 -6.16 6.08
CA ALA A 56 2.18 -7.07 7.18
C ALA A 56 3.63 -7.55 7.16
N GLU A 57 4.03 -8.16 6.05
CA GLU A 57 5.40 -8.66 5.91
C GLU A 57 6.40 -7.53 6.01
N MET A 58 5.97 -6.32 5.66
CA MET A 58 6.83 -5.15 5.71
C MET A 58 6.89 -4.57 7.13
N GLN A 59 5.79 -4.72 7.86
CA GLN A 59 5.72 -4.21 9.22
C GLN A 59 6.41 -5.16 10.19
N ARG A 60 6.19 -6.45 10.02
CA ARG A 60 6.79 -7.46 10.87
C ARG A 60 8.31 -7.47 10.73
N SER A 61 8.79 -7.04 9.56
CA SER A 61 10.21 -7.00 9.29
C SER A 61 10.82 -5.67 9.74
N GLY A 62 11.92 -5.74 10.49
CA GLY A 62 12.57 -4.55 10.98
C GLY A 62 12.48 -4.42 12.49
N PRO A 63 12.63 -3.18 12.98
CA PRO A 63 12.58 -2.90 14.42
C PRO A 63 11.18 -3.07 14.99
N SER A 64 11.10 -3.22 16.32
CA SER A 64 9.81 -3.40 16.99
C SER A 64 9.23 -4.77 16.68
N SER A 65 9.46 -5.73 17.57
CA SER A 65 8.96 -7.09 17.39
C SER A 65 7.93 -7.43 18.46
N GLY A 66 6.66 -7.32 18.10
CA GLY A 66 5.59 -7.62 19.04
C GLY A 66 4.26 -7.04 18.61
N GLY A 1 6.61 7.35 -20.20
CA GLY A 1 6.80 8.04 -18.94
C GLY A 1 6.37 7.21 -17.74
N SER A 2 5.73 7.85 -16.77
CA SER A 2 5.28 7.16 -15.57
C SER A 2 4.17 6.17 -15.90
N SER A 3 4.54 4.98 -16.31
CA SER A 3 3.57 3.94 -16.67
C SER A 3 4.27 2.67 -17.14
N GLY A 4 3.66 1.53 -16.88
CA GLY A 4 4.23 0.27 -17.28
C GLY A 4 3.19 -0.80 -17.52
N SER A 5 2.86 -1.57 -16.48
CA SER A 5 1.87 -2.63 -16.60
C SER A 5 0.95 -2.64 -15.37
N SER A 6 -0.17 -3.35 -15.49
CA SER A 6 -1.14 -3.44 -14.42
C SER A 6 -0.97 -4.74 -13.64
N GLY A 7 -0.94 -4.64 -12.31
CA GLY A 7 -0.78 -5.82 -11.49
C GLY A 7 -0.10 -5.51 -10.16
N VAL A 8 -0.89 -5.13 -9.16
CA VAL A 8 -0.36 -4.80 -7.85
C VAL A 8 0.98 -4.08 -7.96
N GLY A 9 1.06 -3.15 -8.91
CA GLY A 9 2.29 -2.39 -9.10
C GLY A 9 2.33 -1.13 -8.27
N THR A 10 1.17 -0.49 -8.11
CA THR A 10 1.08 0.74 -7.32
C THR A 10 1.22 0.46 -5.84
N ILE A 11 0.50 -0.55 -5.36
CA ILE A 11 0.54 -0.93 -3.96
C ILE A 11 1.97 -1.23 -3.51
N ASP A 12 2.62 -2.16 -4.21
CA ASP A 12 3.98 -2.54 -3.89
C ASP A 12 4.81 -1.34 -3.45
N GLN A 13 4.55 -0.20 -4.10
CA GLN A 13 5.27 1.03 -3.78
C GLN A 13 4.62 1.75 -2.60
N LEU A 14 3.30 1.88 -2.66
CA LEU A 14 2.55 2.55 -1.60
C LEU A 14 2.91 1.98 -0.23
N VAL A 15 2.57 0.71 -0.02
CA VAL A 15 2.86 0.03 1.24
C VAL A 15 4.26 0.36 1.72
N LYS A 16 5.23 0.29 0.82
CA LYS A 16 6.62 0.58 1.16
C LYS A 16 6.73 1.92 1.88
N ARG A 17 5.91 2.89 1.46
CA ARG A 17 5.93 4.21 2.06
C ARG A 17 5.44 4.16 3.50
N VAL A 18 4.14 3.92 3.68
CA VAL A 18 3.55 3.85 5.01
C VAL A 18 4.49 3.14 5.98
N ILE A 19 5.35 2.27 5.45
CA ILE A 19 6.30 1.53 6.28
C ILE A 19 7.45 2.43 6.73
N GLU A 20 8.22 2.92 5.76
CA GLU A 20 9.35 3.79 6.06
C GLU A 20 8.88 5.15 6.58
N GLY A 21 7.59 5.42 6.41
CA GLY A 21 7.02 6.67 6.85
C GLY A 21 7.33 7.82 5.90
N SER A 22 8.08 7.52 4.85
CA SER A 22 8.44 8.52 3.86
C SER A 22 7.26 9.44 3.55
N LEU A 23 6.05 8.93 3.78
CA LEU A 23 4.83 9.70 3.53
C LEU A 23 4.18 10.11 4.84
N SER A 24 3.74 11.36 4.91
CA SER A 24 3.09 11.88 6.10
C SER A 24 1.86 11.04 6.47
N PRO A 25 1.38 11.21 7.71
CA PRO A 25 0.21 10.47 8.21
C PRO A 25 -1.08 10.93 7.54
N LYS A 26 -1.12 12.19 7.15
CA LYS A 26 -2.30 12.75 6.49
C LYS A 26 -2.46 12.21 5.08
N GLU A 27 -1.33 12.08 4.38
CA GLU A 27 -1.34 11.57 3.02
C GLU A 27 -2.06 10.23 2.94
N ARG A 28 -1.76 9.35 3.89
CA ARG A 28 -2.38 8.03 3.93
C ARG A 28 -3.89 8.13 3.82
N THR A 29 -4.50 8.89 4.74
CA THR A 29 -5.94 9.07 4.75
C THR A 29 -6.43 9.70 3.45
N LEU A 30 -5.55 10.43 2.79
CA LEU A 30 -5.88 11.08 1.52
C LEU A 30 -5.87 10.07 0.38
N LEU A 31 -4.99 9.08 0.47
CA LEU A 31 -4.87 8.06 -0.56
C LEU A 31 -6.25 7.58 -1.00
N LYS A 32 -7.16 7.45 -0.05
CA LYS A 32 -8.52 6.99 -0.34
C LYS A 32 -9.22 7.94 -1.30
N GLU A 33 -8.94 9.23 -1.17
CA GLU A 33 -9.53 10.24 -2.02
C GLU A 33 -9.05 10.09 -3.46
N ASP A 34 -7.95 9.36 -3.63
CA ASP A 34 -7.38 9.13 -4.96
C ASP A 34 -7.99 7.89 -5.61
N PRO A 35 -8.19 7.96 -6.94
CA PRO A 35 -8.77 6.85 -7.71
C PRO A 35 -7.82 5.66 -7.80
N ALA A 36 -6.53 5.94 -7.82
CA ALA A 36 -5.52 4.88 -7.91
C ALA A 36 -5.63 3.92 -6.74
N TYR A 37 -6.12 4.42 -5.61
CA TYR A 37 -6.28 3.60 -4.41
C TYR A 37 -7.75 3.38 -4.09
N TRP A 38 -8.49 2.88 -5.08
CA TRP A 38 -9.92 2.63 -4.91
C TRP A 38 -10.14 1.32 -4.16
N PHE A 39 -9.22 0.38 -4.32
CA PHE A 39 -9.32 -0.92 -3.66
C PHE A 39 -9.37 -0.75 -2.14
N LEU A 40 -8.79 0.34 -1.66
CA LEU A 40 -8.75 0.62 -0.22
C LEU A 40 -10.10 0.28 0.42
N SER A 41 -11.17 0.86 -0.11
CA SER A 41 -12.51 0.62 0.42
C SER A 41 -12.88 -0.85 0.29
N ASP A 42 -12.52 -1.45 -0.84
CA ASP A 42 -12.82 -2.85 -1.09
C ASP A 42 -11.92 -3.76 -0.25
N GLU A 43 -12.43 -4.94 0.06
CA GLU A 43 -11.67 -5.90 0.87
C GLU A 43 -11.59 -7.26 0.15
N ASN A 44 -12.61 -7.57 -0.64
CA ASN A 44 -12.64 -8.83 -1.37
C ASN A 44 -12.02 -8.66 -2.76
N SER A 45 -10.84 -8.07 -2.80
CA SER A 45 -10.14 -7.84 -4.07
C SER A 45 -8.68 -8.27 -3.97
N LEU A 46 -7.92 -7.99 -5.02
CA LEU A 46 -6.50 -8.36 -5.04
C LEU A 46 -5.64 -7.16 -4.65
N GLU A 47 -5.94 -6.00 -5.23
CA GLU A 47 -5.19 -4.78 -4.93
C GLU A 47 -5.21 -4.48 -3.44
N TYR A 48 -6.30 -4.85 -2.78
CA TYR A 48 -6.45 -4.60 -1.36
C TYR A 48 -5.76 -5.68 -0.54
N LYS A 49 -5.56 -6.85 -1.16
CA LYS A 49 -4.91 -7.97 -0.50
C LYS A 49 -3.43 -7.67 -0.24
N TYR A 50 -2.87 -6.78 -1.04
CA TYR A 50 -1.46 -6.39 -0.89
C TYR A 50 -1.30 -5.33 0.19
N TYR A 51 -2.05 -4.25 0.06
CA TYR A 51 -1.99 -3.15 1.02
C TYR A 51 -2.07 -3.68 2.45
N LYS A 52 -2.79 -4.78 2.63
CA LYS A 52 -2.94 -5.39 3.95
C LYS A 52 -1.83 -6.40 4.21
N LEU A 53 -1.50 -7.18 3.18
CA LEU A 53 -0.45 -8.19 3.29
C LEU A 53 0.93 -7.55 3.27
N LYS A 54 1.31 -7.03 2.10
CA LYS A 54 2.60 -6.38 1.94
C LYS A 54 2.94 -5.52 3.15
N LEU A 55 1.92 -4.94 3.76
CA LEU A 55 2.10 -4.10 4.94
C LEU A 55 2.52 -4.93 6.14
N ALA A 56 1.87 -6.07 6.32
CA ALA A 56 2.17 -6.97 7.43
C ALA A 56 3.59 -7.51 7.33
N GLU A 57 3.90 -8.14 6.20
CA GLU A 57 5.23 -8.71 5.98
C GLU A 57 6.30 -7.63 6.03
N MET A 58 5.94 -6.42 5.61
CA MET A 58 6.87 -5.29 5.60
C MET A 58 7.02 -4.72 7.01
N GLN A 59 5.96 -4.81 7.80
CA GLN A 59 5.98 -4.29 9.16
C GLN A 59 6.76 -5.23 10.09
N ARG A 60 6.53 -6.52 9.95
CA ARG A 60 7.21 -7.52 10.77
C ARG A 60 8.71 -7.45 10.55
N SER A 61 9.13 -7.22 9.31
CA SER A 61 10.55 -7.15 8.96
C SER A 61 11.28 -6.23 9.93
N GLY A 62 10.86 -4.97 9.99
CA GLY A 62 11.49 -4.01 10.87
C GLY A 62 11.41 -4.43 12.33
N PRO A 63 11.54 -3.44 13.24
CA PRO A 63 11.49 -3.69 14.68
C PRO A 63 10.09 -4.07 15.15
N SER A 64 9.93 -5.33 15.55
CA SER A 64 8.64 -5.82 16.03
C SER A 64 8.68 -6.08 17.53
N SER A 65 7.60 -5.72 18.21
CA SER A 65 7.50 -5.91 19.66
C SER A 65 6.51 -7.01 20.00
N GLY A 66 7.01 -8.10 20.58
CA GLY A 66 6.15 -9.21 20.95
C GLY A 66 6.94 -10.44 21.34
N GLY A 1 10.44 -6.53 -15.42
CA GLY A 1 10.81 -5.58 -16.46
C GLY A 1 10.15 -4.23 -16.26
N SER A 2 8.87 -4.14 -16.60
CA SER A 2 8.12 -2.90 -16.46
C SER A 2 6.76 -3.14 -15.83
N SER A 3 6.34 -2.23 -14.96
CA SER A 3 5.06 -2.35 -14.28
C SER A 3 4.31 -1.02 -14.29
N GLY A 4 3.19 -0.99 -14.99
CA GLY A 4 2.40 0.23 -15.08
C GLY A 4 1.65 0.52 -13.79
N SER A 5 1.48 1.80 -13.49
CA SER A 5 0.78 2.21 -12.27
C SER A 5 -0.72 2.01 -12.42
N SER A 6 -1.20 0.83 -12.03
CA SER A 6 -2.63 0.52 -12.13
C SER A 6 -2.96 -0.72 -11.30
N GLY A 7 -2.25 -1.82 -11.57
CA GLY A 7 -2.48 -3.04 -10.86
C GLY A 7 -1.81 -3.06 -9.49
N VAL A 8 -1.27 -4.22 -9.11
CA VAL A 8 -0.60 -4.36 -7.83
C VAL A 8 0.77 -3.70 -7.85
N GLY A 9 1.12 -3.11 -8.99
CA GLY A 9 2.41 -2.45 -9.13
C GLY A 9 2.50 -1.18 -8.30
N THR A 10 1.36 -0.50 -8.14
CA THR A 10 1.31 0.74 -7.37
C THR A 10 1.37 0.46 -5.87
N ILE A 11 0.65 -0.56 -5.45
CA ILE A 11 0.62 -0.94 -4.04
C ILE A 11 2.00 -1.31 -3.53
N ASP A 12 2.67 -2.21 -4.25
CA ASP A 12 4.01 -2.65 -3.88
C ASP A 12 4.86 -1.47 -3.42
N GLN A 13 4.66 -0.32 -4.05
CA GLN A 13 5.40 0.89 -3.71
C GLN A 13 4.73 1.63 -2.57
N LEU A 14 3.41 1.80 -2.67
CA LEU A 14 2.66 2.50 -1.63
C LEU A 14 2.96 1.93 -0.25
N VAL A 15 2.61 0.67 -0.04
CA VAL A 15 2.84 0.01 1.24
C VAL A 15 4.23 0.33 1.77
N LYS A 16 5.23 0.24 0.90
CA LYS A 16 6.61 0.52 1.28
C LYS A 16 6.71 1.87 1.98
N ARG A 17 5.92 2.83 1.54
CA ARG A 17 5.92 4.17 2.12
C ARG A 17 5.40 4.12 3.56
N VAL A 18 4.11 3.89 3.70
CA VAL A 18 3.48 3.82 5.02
C VAL A 18 4.39 3.12 6.03
N ILE A 19 5.26 2.27 5.52
CA ILE A 19 6.20 1.54 6.38
C ILE A 19 7.32 2.45 6.86
N GLU A 20 8.09 2.99 5.92
CA GLU A 20 9.20 3.88 6.26
C GLU A 20 8.69 5.25 6.69
N GLY A 21 7.39 5.48 6.49
CA GLY A 21 6.79 6.75 6.87
C GLY A 21 7.16 7.87 5.92
N SER A 22 8.00 7.55 4.93
CA SER A 22 8.42 8.54 3.95
C SER A 22 7.27 9.45 3.56
N LEU A 23 6.05 8.95 3.69
CA LEU A 23 4.85 9.72 3.35
C LEU A 23 4.21 10.30 4.62
N SER A 24 3.76 11.55 4.53
CA SER A 24 3.12 12.22 5.65
C SER A 24 1.98 11.38 6.20
N PRO A 25 1.61 11.65 7.46
CA PRO A 25 0.52 10.93 8.14
C PRO A 25 -0.85 11.28 7.56
N LYS A 26 -0.95 12.45 6.93
CA LYS A 26 -2.20 12.89 6.33
C LYS A 26 -2.37 12.30 4.94
N GLU A 27 -1.27 12.13 4.23
CA GLU A 27 -1.30 11.56 2.88
C GLU A 27 -2.02 10.22 2.88
N ARG A 28 -1.70 9.37 3.84
CA ARG A 28 -2.32 8.06 3.95
C ARG A 28 -3.84 8.17 3.97
N THR A 29 -4.34 9.07 4.80
CA THR A 29 -5.78 9.28 4.92
C THR A 29 -6.36 9.85 3.63
N LEU A 30 -5.50 10.44 2.81
CA LEU A 30 -5.94 11.02 1.55
C LEU A 30 -5.93 9.98 0.43
N LEU A 31 -5.10 8.96 0.59
CA LEU A 31 -5.01 7.88 -0.40
C LEU A 31 -6.40 7.40 -0.80
N LYS A 32 -7.30 7.34 0.17
CA LYS A 32 -8.67 6.89 -0.07
C LYS A 32 -9.39 7.83 -1.03
N GLU A 33 -9.12 9.14 -0.89
CA GLU A 33 -9.73 10.14 -1.74
C GLU A 33 -9.26 9.99 -3.19
N ASP A 34 -8.19 9.24 -3.39
CA ASP A 34 -7.64 9.02 -4.71
C ASP A 34 -8.28 7.81 -5.38
N PRO A 35 -8.51 7.90 -6.69
CA PRO A 35 -9.12 6.81 -7.47
C PRO A 35 -8.19 5.61 -7.62
N ALA A 36 -6.89 5.88 -7.66
CA ALA A 36 -5.90 4.82 -7.79
C ALA A 36 -5.97 3.85 -6.62
N TYR A 37 -6.45 4.34 -5.48
CA TYR A 37 -6.57 3.52 -4.28
C TYR A 37 -8.03 3.31 -3.90
N TRP A 38 -8.83 2.85 -4.85
CA TRP A 38 -10.25 2.60 -4.62
C TRP A 38 -10.46 1.29 -3.87
N PHE A 39 -9.58 0.33 -4.10
CA PHE A 39 -9.66 -0.96 -3.45
C PHE A 39 -9.67 -0.80 -1.93
N LEU A 40 -9.01 0.24 -1.45
CA LEU A 40 -8.94 0.50 -0.01
C LEU A 40 -10.25 0.17 0.67
N SER A 41 -11.36 0.63 0.08
CA SER A 41 -12.69 0.38 0.63
C SER A 41 -13.06 -1.10 0.48
N ASP A 42 -12.65 -1.70 -0.63
CA ASP A 42 -12.95 -3.10 -0.90
C ASP A 42 -11.99 -4.01 -0.14
N GLU A 43 -12.49 -5.19 0.25
CA GLU A 43 -11.67 -6.14 0.98
C GLU A 43 -11.60 -7.48 0.24
N ASN A 44 -12.61 -7.75 -0.56
CA ASN A 44 -12.68 -9.00 -1.33
C ASN A 44 -12.06 -8.81 -2.72
N SER A 45 -10.91 -8.17 -2.76
CA SER A 45 -10.22 -7.91 -4.03
C SER A 45 -8.74 -8.31 -3.94
N LEU A 46 -8.00 -8.04 -5.00
CA LEU A 46 -6.58 -8.36 -5.04
C LEU A 46 -5.74 -7.15 -4.66
N GLU A 47 -6.07 -6.00 -5.24
CA GLU A 47 -5.35 -4.77 -4.96
C GLU A 47 -5.34 -4.47 -3.46
N TYR A 48 -6.39 -4.90 -2.78
CA TYR A 48 -6.51 -4.68 -1.34
C TYR A 48 -5.79 -5.77 -0.55
N LYS A 49 -5.58 -6.92 -1.20
CA LYS A 49 -4.91 -8.05 -0.57
C LYS A 49 -3.43 -7.74 -0.36
N TYR A 50 -2.90 -6.80 -1.13
CA TYR A 50 -1.50 -6.42 -1.03
C TYR A 50 -1.31 -5.38 0.07
N TYR A 51 -2.07 -4.31 0.01
CA TYR A 51 -1.99 -3.23 1.00
C TYR A 51 -2.03 -3.80 2.41
N LYS A 52 -2.77 -4.90 2.58
CA LYS A 52 -2.89 -5.54 3.88
C LYS A 52 -1.79 -6.58 4.08
N LEU A 53 -1.40 -7.24 3.00
CA LEU A 53 -0.35 -8.26 3.06
C LEU A 53 1.03 -7.62 3.07
N LYS A 54 1.39 -7.00 1.95
CA LYS A 54 2.68 -6.35 1.82
C LYS A 54 2.99 -5.49 3.05
N LEU A 55 1.95 -4.90 3.62
CA LEU A 55 2.10 -4.05 4.80
C LEU A 55 2.45 -4.89 6.02
N ALA A 56 1.76 -6.01 6.20
CA ALA A 56 2.01 -6.90 7.32
C ALA A 56 3.43 -7.44 7.29
N GLU A 57 3.80 -8.07 6.18
CA GLU A 57 5.13 -8.64 6.03
C GLU A 57 6.20 -7.55 6.14
N MET A 58 5.91 -6.39 5.56
CA MET A 58 6.84 -5.27 5.59
C MET A 58 7.00 -4.73 7.01
N GLN A 59 5.89 -4.66 7.74
CA GLN A 59 5.92 -4.17 9.12
C GLN A 59 6.73 -5.11 10.02
N ARG A 60 6.45 -6.41 9.92
CA ARG A 60 7.15 -7.39 10.72
C ARG A 60 8.64 -7.43 10.37
N SER A 61 8.97 -7.00 9.16
CA SER A 61 10.35 -6.99 8.69
C SER A 61 11.15 -5.90 9.41
N GLY A 62 12.47 -6.03 9.37
CA GLY A 62 13.33 -5.05 10.01
C GLY A 62 13.59 -5.37 11.47
N PRO A 63 14.27 -4.46 12.16
CA PRO A 63 14.59 -4.62 13.59
C PRO A 63 13.37 -4.53 14.48
N SER A 64 12.27 -4.04 13.92
CA SER A 64 11.02 -3.90 14.66
C SER A 64 11.04 -2.63 15.50
N SER A 65 9.90 -2.31 16.12
CA SER A 65 9.78 -1.12 16.94
C SER A 65 9.44 -1.48 18.38
N GLY A 66 10.08 -2.53 18.89
CA GLY A 66 9.83 -2.97 20.24
C GLY A 66 10.39 -4.35 20.52
N GLY A 1 9.06 9.82 -17.60
CA GLY A 1 9.39 8.79 -16.64
C GLY A 1 8.67 7.48 -16.90
N SER A 2 7.64 7.21 -16.10
CA SER A 2 6.86 5.98 -16.26
C SER A 2 5.37 6.25 -16.07
N SER A 3 4.56 5.23 -16.29
CA SER A 3 3.11 5.35 -16.15
C SER A 3 2.48 3.99 -15.84
N GLY A 4 1.71 3.94 -14.76
CA GLY A 4 1.06 2.70 -14.38
C GLY A 4 -0.19 2.94 -13.54
N SER A 5 -1.35 2.91 -14.19
CA SER A 5 -2.61 3.13 -13.49
C SER A 5 -3.15 1.81 -12.94
N SER A 6 -3.60 1.84 -11.69
CA SER A 6 -4.15 0.65 -11.04
C SER A 6 -3.15 -0.50 -11.11
N GLY A 7 -3.51 -1.61 -10.47
CA GLY A 7 -2.64 -2.78 -10.47
C GLY A 7 -1.87 -2.91 -9.18
N VAL A 8 -1.35 -4.12 -8.93
CA VAL A 8 -0.58 -4.38 -7.72
C VAL A 8 0.77 -3.66 -7.76
N GLY A 9 1.11 -3.12 -8.93
CA GLY A 9 2.36 -2.41 -9.08
C GLY A 9 2.42 -1.13 -8.26
N THR A 10 1.27 -0.49 -8.10
CA THR A 10 1.18 0.75 -7.34
C THR A 10 1.25 0.48 -5.84
N ILE A 11 0.49 -0.50 -5.38
CA ILE A 11 0.47 -0.87 -3.97
C ILE A 11 1.87 -1.26 -3.48
N ASP A 12 2.48 -2.21 -4.17
CA ASP A 12 3.81 -2.68 -3.82
C ASP A 12 4.71 -1.51 -3.45
N GLN A 13 4.44 -0.35 -4.03
CA GLN A 13 5.23 0.85 -3.75
C GLN A 13 4.61 1.65 -2.61
N LEU A 14 3.30 1.78 -2.62
CA LEU A 14 2.59 2.53 -1.58
C LEU A 14 2.93 1.98 -0.20
N VAL A 15 2.64 0.70 0.01
CA VAL A 15 2.90 0.04 1.29
C VAL A 15 4.27 0.43 1.82
N LYS A 16 5.31 0.22 1.01
CA LYS A 16 6.67 0.55 1.40
C LYS A 16 6.73 1.92 2.07
N ARG A 17 5.92 2.84 1.58
CA ARG A 17 5.88 4.19 2.13
C ARG A 17 5.37 4.17 3.56
N VAL A 18 4.08 3.89 3.73
CA VAL A 18 3.47 3.84 5.05
C VAL A 18 4.38 3.13 6.05
N ILE A 19 5.26 2.29 5.54
CA ILE A 19 6.19 1.55 6.39
C ILE A 19 7.37 2.42 6.81
N GLU A 20 8.09 2.95 5.83
CA GLU A 20 9.24 3.80 6.10
C GLU A 20 8.79 5.19 6.54
N GLY A 21 7.50 5.45 6.43
CA GLY A 21 6.97 6.74 6.81
C GLY A 21 7.29 7.83 5.80
N SER A 22 8.06 7.47 4.78
CA SER A 22 8.44 8.42 3.74
C SER A 22 7.28 9.34 3.38
N LEU A 23 6.06 8.86 3.61
CA LEU A 23 4.86 9.63 3.32
C LEU A 23 4.22 10.16 4.60
N SER A 24 3.81 11.42 4.57
CA SER A 24 3.18 12.04 5.74
C SER A 24 1.99 11.21 6.22
N PRO A 25 1.57 11.46 7.47
CA PRO A 25 0.45 10.75 8.08
C PRO A 25 -0.89 11.14 7.46
N LYS A 26 -0.97 12.37 6.96
CA LYS A 26 -2.20 12.86 6.33
C LYS A 26 -2.37 12.27 4.94
N GLU A 27 -1.27 12.14 4.21
CA GLU A 27 -1.30 11.59 2.86
C GLU A 27 -2.02 10.25 2.84
N ARG A 28 -1.70 9.40 3.82
CA ARG A 28 -2.32 8.08 3.92
C ARG A 28 -3.84 8.18 3.84
N THR A 29 -4.43 8.97 4.73
CA THR A 29 -5.87 9.15 4.76
C THR A 29 -6.38 9.72 3.45
N LEU A 30 -5.53 10.49 2.76
CA LEU A 30 -5.89 11.10 1.49
C LEU A 30 -5.88 10.07 0.37
N LEU A 31 -5.04 9.04 0.54
CA LEU A 31 -4.94 7.98 -0.47
C LEU A 31 -6.31 7.44 -0.84
N LYS A 32 -7.19 7.33 0.15
CA LYS A 32 -8.54 6.83 -0.07
C LYS A 32 -9.32 7.77 -0.99
N GLU A 33 -9.05 9.06 -0.87
CA GLU A 33 -9.73 10.06 -1.69
C GLU A 33 -9.28 9.97 -3.14
N ASP A 34 -8.14 9.32 -3.36
CA ASP A 34 -7.61 9.16 -4.71
C ASP A 34 -8.26 7.98 -5.41
N PRO A 35 -8.52 8.14 -6.73
CA PRO A 35 -9.14 7.09 -7.54
C PRO A 35 -8.22 5.90 -7.76
N ALA A 36 -6.91 6.17 -7.72
CA ALA A 36 -5.91 5.11 -7.93
C ALA A 36 -5.96 4.10 -6.79
N TYR A 37 -6.38 4.54 -5.62
CA TYR A 37 -6.46 3.68 -4.46
C TYR A 37 -7.91 3.42 -4.07
N TRP A 38 -8.70 2.93 -5.02
CA TRP A 38 -10.11 2.64 -4.78
C TRP A 38 -10.27 1.34 -4.00
N PHE A 39 -9.51 0.32 -4.40
CA PHE A 39 -9.57 -0.98 -3.75
C PHE A 39 -9.55 -0.82 -2.23
N LEU A 40 -8.85 0.20 -1.75
CA LEU A 40 -8.75 0.45 -0.32
C LEU A 40 -10.08 0.18 0.37
N SER A 41 -11.15 0.74 -0.16
CA SER A 41 -12.49 0.54 0.42
C SER A 41 -12.92 -0.91 0.30
N ASP A 42 -12.56 -1.54 -0.81
CA ASP A 42 -12.91 -2.94 -1.05
C ASP A 42 -11.99 -3.87 -0.27
N GLU A 43 -12.49 -5.07 0.02
CA GLU A 43 -11.70 -6.06 0.77
C GLU A 43 -11.63 -7.37 0.01
N ASN A 44 -12.68 -7.68 -0.74
CA ASN A 44 -12.73 -8.92 -1.52
C ASN A 44 -12.11 -8.72 -2.90
N SER A 45 -10.91 -8.13 -2.92
CA SER A 45 -10.22 -7.88 -4.18
C SER A 45 -8.75 -8.31 -4.08
N LEU A 46 -7.97 -7.98 -5.10
CA LEU A 46 -6.56 -8.34 -5.13
C LEU A 46 -5.69 -7.15 -4.74
N GLU A 47 -6.01 -5.98 -5.28
CA GLU A 47 -5.26 -4.77 -4.99
C GLU A 47 -5.25 -4.49 -3.49
N TYR A 48 -6.33 -4.86 -2.81
CA TYR A 48 -6.45 -4.65 -1.38
C TYR A 48 -5.72 -5.75 -0.61
N LYS A 49 -5.63 -6.93 -1.21
CA LYS A 49 -4.96 -8.05 -0.58
C LYS A 49 -3.48 -7.75 -0.36
N TYR A 50 -2.95 -6.80 -1.10
CA TYR A 50 -1.55 -6.41 -0.98
C TYR A 50 -1.36 -5.36 0.11
N TYR A 51 -1.98 -4.19 -0.10
CA TYR A 51 -1.88 -3.10 0.87
C TYR A 51 -1.92 -3.65 2.30
N LYS A 52 -2.69 -4.71 2.51
CA LYS A 52 -2.81 -5.31 3.83
C LYS A 52 -1.74 -6.38 4.03
N LEU A 53 -1.41 -7.10 2.97
CA LEU A 53 -0.40 -8.15 3.03
C LEU A 53 1.00 -7.55 3.06
N LYS A 54 1.42 -6.99 1.94
CA LYS A 54 2.74 -6.37 1.83
C LYS A 54 3.06 -5.55 3.07
N LEU A 55 2.04 -4.91 3.63
CA LEU A 55 2.21 -4.10 4.83
C LEU A 55 2.60 -4.95 6.03
N ALA A 56 1.88 -6.06 6.22
CA ALA A 56 2.15 -6.97 7.33
C ALA A 56 3.59 -7.48 7.27
N GLU A 57 3.92 -8.14 6.17
CA GLU A 57 5.27 -8.68 5.99
C GLU A 57 6.32 -7.59 6.09
N MET A 58 5.97 -6.39 5.61
CA MET A 58 6.88 -5.26 5.65
C MET A 58 6.99 -4.69 7.05
N GLN A 59 5.90 -4.78 7.81
CA GLN A 59 5.88 -4.28 9.18
C GLN A 59 6.66 -5.19 10.11
N ARG A 60 6.36 -6.48 10.05
CA ARG A 60 7.02 -7.47 10.89
C ARG A 60 8.54 -7.43 10.68
N SER A 61 8.94 -7.07 9.46
CA SER A 61 10.35 -7.01 9.12
C SER A 61 10.92 -5.63 9.38
N GLY A 62 12.22 -5.56 9.64
CA GLY A 62 12.86 -4.29 9.91
C GLY A 62 12.80 -3.91 11.38
N PRO A 63 12.90 -2.60 11.67
CA PRO A 63 12.87 -2.08 13.04
C PRO A 63 11.49 -2.22 13.67
N SER A 64 11.37 -3.10 14.66
CA SER A 64 10.11 -3.32 15.34
C SER A 64 10.28 -3.23 16.85
N SER A 65 9.17 -3.19 17.58
CA SER A 65 9.20 -3.10 19.03
C SER A 65 7.83 -3.41 19.63
N GLY A 66 7.66 -4.65 20.07
CA GLY A 66 6.40 -5.08 20.65
C GLY A 66 6.32 -6.57 20.85
N GLY A 1 11.28 3.33 -25.02
CA GLY A 1 10.84 1.94 -24.92
C GLY A 1 9.80 1.74 -23.84
N SER A 2 8.59 1.40 -24.24
CA SER A 2 7.50 1.18 -23.29
C SER A 2 7.69 -0.14 -22.55
N SER A 3 6.95 -0.30 -21.45
CA SER A 3 7.03 -1.52 -20.65
C SER A 3 6.10 -1.45 -19.45
N GLY A 4 5.70 -2.60 -18.94
CA GLY A 4 4.81 -2.66 -17.80
C GLY A 4 3.59 -3.53 -18.05
N SER A 5 3.04 -4.09 -16.98
CA SER A 5 1.87 -4.96 -17.09
C SER A 5 1.50 -5.53 -15.74
N SER A 6 2.45 -6.20 -15.09
CA SER A 6 2.22 -6.80 -13.79
C SER A 6 1.40 -5.87 -12.89
N GLY A 7 0.22 -6.33 -12.51
CA GLY A 7 -0.64 -5.53 -11.65
C GLY A 7 -0.05 -5.30 -10.28
N VAL A 8 -0.91 -4.93 -9.32
CA VAL A 8 -0.45 -4.67 -7.96
C VAL A 8 0.91 -3.99 -7.94
N GLY A 9 1.15 -3.14 -8.94
CA GLY A 9 2.41 -2.44 -9.02
C GLY A 9 2.44 -1.19 -8.15
N THR A 10 1.35 -0.45 -8.14
CA THR A 10 1.25 0.76 -7.34
C THR A 10 1.27 0.44 -5.85
N ILE A 11 0.51 -0.56 -5.45
CA ILE A 11 0.46 -0.96 -4.06
C ILE A 11 1.84 -1.30 -3.52
N ASP A 12 2.49 -2.27 -4.14
CA ASP A 12 3.83 -2.69 -3.72
C ASP A 12 4.66 -1.49 -3.30
N GLN A 13 4.45 -0.36 -3.98
CA GLN A 13 5.18 0.87 -3.67
C GLN A 13 4.54 1.61 -2.51
N LEU A 14 3.23 1.84 -2.62
CA LEU A 14 2.49 2.54 -1.58
C LEU A 14 2.86 2.02 -0.19
N VAL A 15 2.57 0.76 0.05
CA VAL A 15 2.87 0.13 1.34
C VAL A 15 4.24 0.57 1.85
N LYS A 16 5.27 0.28 1.07
CA LYS A 16 6.63 0.65 1.45
C LYS A 16 6.68 2.06 2.05
N ARG A 17 5.86 2.95 1.49
CA ARG A 17 5.81 4.33 1.97
C ARG A 17 5.38 4.37 3.44
N VAL A 18 4.12 4.04 3.70
CA VAL A 18 3.60 4.04 5.06
C VAL A 18 4.52 3.29 6.01
N ILE A 19 5.30 2.37 5.46
CA ILE A 19 6.24 1.59 6.26
C ILE A 19 7.44 2.42 6.67
N GLU A 20 8.18 2.94 5.69
CA GLU A 20 9.35 3.76 5.97
C GLU A 20 8.94 5.15 6.42
N GLY A 21 7.67 5.47 6.25
CA GLY A 21 7.17 6.78 6.64
C GLY A 21 7.47 7.85 5.61
N SER A 22 8.14 7.45 4.53
CA SER A 22 8.50 8.39 3.47
C SER A 22 7.34 9.32 3.16
N LEU A 23 6.12 8.89 3.48
CA LEU A 23 4.93 9.68 3.24
C LEU A 23 4.31 10.16 4.56
N SER A 24 3.85 11.40 4.58
CA SER A 24 3.24 11.97 5.77
C SER A 24 2.06 11.13 6.23
N PRO A 25 1.61 11.37 7.47
CA PRO A 25 0.48 10.64 8.06
C PRO A 25 -0.84 11.01 7.41
N LYS A 26 -0.96 12.26 6.97
CA LYS A 26 -2.17 12.75 6.33
C LYS A 26 -2.32 12.17 4.92
N GLU A 27 -1.21 12.13 4.19
CA GLU A 27 -1.20 11.60 2.84
C GLU A 27 -1.88 10.24 2.78
N ARG A 28 -1.64 9.43 3.80
CA ARG A 28 -2.23 8.09 3.87
C ARG A 28 -3.75 8.15 3.75
N THR A 29 -4.38 8.83 4.72
CA THR A 29 -5.83 8.98 4.72
C THR A 29 -6.34 9.51 3.38
N LEU A 30 -5.55 10.39 2.77
CA LEU A 30 -5.92 10.98 1.49
C LEU A 30 -5.93 9.92 0.38
N LEU A 31 -5.05 8.94 0.52
CA LEU A 31 -4.96 7.86 -0.47
C LEU A 31 -6.35 7.36 -0.87
N LYS A 32 -7.21 7.16 0.12
CA LYS A 32 -8.57 6.70 -0.12
C LYS A 32 -9.34 7.71 -0.97
N GLU A 33 -9.07 8.98 -0.75
CA GLU A 33 -9.75 10.05 -1.49
C GLU A 33 -9.32 10.04 -2.96
N ASP A 34 -8.27 9.30 -3.26
CA ASP A 34 -7.75 9.20 -4.62
C ASP A 34 -8.35 8.00 -5.34
N PRO A 35 -8.57 8.14 -6.66
CA PRO A 35 -9.13 7.07 -7.49
C PRO A 35 -8.16 5.90 -7.67
N ALA A 36 -6.87 6.22 -7.70
CA ALA A 36 -5.85 5.20 -7.87
C ALA A 36 -5.92 4.17 -6.74
N TYR A 37 -6.30 4.60 -5.56
CA TYR A 37 -6.40 3.72 -4.40
C TYR A 37 -7.85 3.50 -4.01
N TRP A 38 -8.65 3.05 -4.96
CA TRP A 38 -10.06 2.78 -4.73
C TRP A 38 -10.26 1.44 -4.03
N PHE A 39 -9.35 0.51 -4.30
CA PHE A 39 -9.44 -0.82 -3.70
C PHE A 39 -9.36 -0.74 -2.19
N LEU A 40 -8.67 0.28 -1.69
CA LEU A 40 -8.53 0.46 -0.24
C LEU A 40 -9.82 0.12 0.48
N SER A 41 -10.92 0.69 0.02
CA SER A 41 -12.22 0.44 0.63
C SER A 41 -12.66 -1.00 0.41
N ASP A 42 -12.42 -1.51 -0.79
CA ASP A 42 -12.78 -2.89 -1.13
C ASP A 42 -11.77 -3.88 -0.56
N GLU A 43 -12.24 -4.78 0.28
CA GLU A 43 -11.38 -5.78 0.91
C GLU A 43 -11.46 -7.10 0.15
N ASN A 44 -12.57 -7.33 -0.54
CA ASN A 44 -12.76 -8.55 -1.30
C ASN A 44 -12.16 -8.43 -2.70
N SER A 45 -11.00 -7.77 -2.78
CA SER A 45 -10.33 -7.58 -4.05
C SER A 45 -8.87 -8.03 -3.96
N LEU A 46 -8.13 -7.82 -5.04
CA LEU A 46 -6.72 -8.20 -5.08
C LEU A 46 -5.81 -7.03 -4.71
N GLU A 47 -6.08 -5.87 -5.30
CA GLU A 47 -5.29 -4.68 -5.02
C GLU A 47 -5.27 -4.38 -3.52
N TYR A 48 -6.32 -4.80 -2.83
CA TYR A 48 -6.43 -4.57 -1.39
C TYR A 48 -5.71 -5.66 -0.61
N LYS A 49 -5.60 -6.84 -1.24
CA LYS A 49 -4.93 -7.97 -0.61
C LYS A 49 -3.45 -7.68 -0.38
N TYR A 50 -2.92 -6.72 -1.14
CA TYR A 50 -1.52 -6.35 -1.03
C TYR A 50 -1.32 -5.28 0.04
N TYR A 51 -1.98 -4.14 -0.14
CA TYR A 51 -1.89 -3.04 0.81
C TYR A 51 -1.93 -3.56 2.25
N LYS A 52 -2.69 -4.63 2.46
CA LYS A 52 -2.80 -5.22 3.79
C LYS A 52 -1.73 -6.28 4.01
N LEU A 53 -1.46 -7.07 2.99
CA LEU A 53 -0.45 -8.12 3.07
C LEU A 53 0.95 -7.53 3.15
N LYS A 54 1.42 -6.98 2.04
CA LYS A 54 2.74 -6.36 1.97
C LYS A 54 3.04 -5.58 3.25
N LEU A 55 2.02 -4.90 3.76
CA LEU A 55 2.17 -4.11 4.99
C LEU A 55 2.51 -5.00 6.18
N ALA A 56 1.85 -6.15 6.25
CA ALA A 56 2.09 -7.10 7.34
C ALA A 56 3.51 -7.63 7.31
N GLU A 57 3.94 -8.10 6.14
CA GLU A 57 5.29 -8.63 5.98
C GLU A 57 6.34 -7.54 6.16
N MET A 58 6.03 -6.35 5.64
CA MET A 58 6.95 -5.21 5.74
C MET A 58 7.03 -4.72 7.18
N GLN A 59 5.89 -4.70 7.87
CA GLN A 59 5.84 -4.24 9.25
C GLN A 59 6.52 -5.24 10.18
N ARG A 60 6.25 -6.52 9.97
CA ARG A 60 6.82 -7.58 10.78
C ARG A 60 8.30 -7.77 10.44
N SER A 61 8.64 -7.57 9.18
CA SER A 61 10.03 -7.72 8.73
C SER A 61 10.99 -7.04 9.69
N GLY A 62 12.04 -7.75 10.08
CA GLY A 62 13.02 -7.18 10.99
C GLY A 62 14.28 -8.03 11.08
N PRO A 63 15.00 -8.16 9.95
CA PRO A 63 16.23 -8.95 9.89
C PRO A 63 17.38 -8.29 10.66
N SER A 64 18.49 -9.01 10.78
CA SER A 64 19.65 -8.51 11.49
C SER A 64 19.24 -7.84 12.81
N SER A 65 18.33 -8.49 13.52
CA SER A 65 17.86 -7.97 14.80
C SER A 65 18.21 -8.91 15.95
N GLY A 66 17.95 -8.47 17.17
CA GLY A 66 18.24 -9.28 18.33
C GLY A 66 17.36 -8.96 19.51
N GLY A 1 7.34 2.64 -25.57
CA GLY A 1 5.98 3.10 -25.32
C GLY A 1 5.81 3.64 -23.92
N SER A 2 4.80 3.13 -23.21
CA SER A 2 4.52 3.56 -21.85
C SER A 2 3.97 2.40 -21.02
N SER A 3 4.00 2.57 -19.70
CA SER A 3 3.51 1.54 -18.79
C SER A 3 1.98 1.59 -18.69
N GLY A 4 1.32 0.64 -19.33
CA GLY A 4 -0.13 0.60 -19.30
C GLY A 4 -0.67 0.40 -17.90
N SER A 5 -1.98 0.24 -17.79
CA SER A 5 -2.64 0.05 -16.50
C SER A 5 -2.02 -1.14 -15.77
N SER A 6 -1.49 -0.88 -14.57
CA SER A 6 -0.87 -1.94 -13.77
C SER A 6 -1.85 -2.48 -12.73
N GLY A 7 -1.56 -3.67 -12.22
CA GLY A 7 -2.43 -4.27 -11.23
C GLY A 7 -1.99 -3.96 -9.81
N VAL A 8 -1.03 -4.73 -9.30
CA VAL A 8 -0.53 -4.53 -7.95
C VAL A 8 0.83 -3.83 -7.97
N GLY A 9 1.02 -2.94 -8.93
CA GLY A 9 2.27 -2.23 -9.04
C GLY A 9 2.31 -0.99 -8.17
N THR A 10 1.19 -0.28 -8.10
CA THR A 10 1.09 0.93 -7.30
C THR A 10 1.18 0.62 -5.80
N ILE A 11 0.42 -0.38 -5.37
CA ILE A 11 0.42 -0.78 -3.97
C ILE A 11 1.82 -1.14 -3.50
N ASP A 12 2.44 -2.10 -4.17
CA ASP A 12 3.79 -2.53 -3.82
C ASP A 12 4.63 -1.35 -3.34
N GLN A 13 4.48 -0.20 -4.00
CA GLN A 13 5.22 0.99 -3.63
C GLN A 13 4.58 1.69 -2.45
N LEU A 14 3.26 1.89 -2.53
CA LEU A 14 2.52 2.55 -1.46
C LEU A 14 2.86 1.96 -0.10
N VAL A 15 2.58 0.66 0.06
CA VAL A 15 2.86 -0.03 1.31
C VAL A 15 4.24 0.33 1.84
N LYS A 16 5.24 0.21 0.98
CA LYS A 16 6.63 0.53 1.35
C LYS A 16 6.71 1.89 2.03
N ARG A 17 5.89 2.83 1.55
CA ARG A 17 5.87 4.17 2.11
C ARG A 17 5.38 4.16 3.55
N VAL A 18 4.10 3.82 3.72
CA VAL A 18 3.50 3.77 5.05
C VAL A 18 4.39 3.03 6.03
N ILE A 19 5.30 2.22 5.50
CA ILE A 19 6.23 1.45 6.33
C ILE A 19 7.44 2.30 6.72
N GLU A 20 8.11 2.86 5.73
CA GLU A 20 9.28 3.69 5.97
C GLU A 20 8.87 5.09 6.43
N GLY A 21 7.58 5.36 6.37
CA GLY A 21 7.08 6.67 6.79
C GLY A 21 7.39 7.75 5.78
N SER A 22 8.13 7.40 4.74
CA SER A 22 8.50 8.35 3.71
C SER A 22 7.33 9.28 3.37
N LEU A 23 6.12 8.79 3.62
CA LEU A 23 4.91 9.57 3.34
C LEU A 23 4.29 10.08 4.64
N SER A 24 3.84 11.34 4.61
CA SER A 24 3.22 11.94 5.79
C SER A 24 2.03 11.12 6.26
N PRO A 25 1.58 11.37 7.50
CA PRO A 25 0.45 10.67 8.09
C PRO A 25 -0.88 11.05 7.45
N LYS A 26 -0.93 12.28 6.93
CA LYS A 26 -2.14 12.78 6.28
C LYS A 26 -2.29 12.18 4.87
N GLU A 27 -1.17 12.08 4.17
CA GLU A 27 -1.17 11.53 2.82
C GLU A 27 -1.92 10.20 2.77
N ARG A 28 -1.68 9.36 3.77
CA ARG A 28 -2.34 8.05 3.84
C ARG A 28 -3.85 8.19 3.70
N THR A 29 -4.45 8.96 4.61
CA THR A 29 -5.90 9.18 4.59
C THR A 29 -6.36 9.69 3.23
N LEU A 30 -5.53 10.52 2.61
CA LEU A 30 -5.87 11.08 1.30
C LEU A 30 -5.90 9.98 0.23
N LEU A 31 -5.06 8.98 0.40
CA LEU A 31 -5.00 7.87 -0.56
C LEU A 31 -6.41 7.41 -0.94
N LYS A 32 -7.25 7.22 0.06
CA LYS A 32 -8.63 6.78 -0.16
C LYS A 32 -9.35 7.76 -1.08
N GLU A 33 -9.09 9.05 -0.89
CA GLU A 33 -9.72 10.09 -1.70
C GLU A 33 -9.29 9.97 -3.16
N ASP A 34 -8.17 9.31 -3.40
CA ASP A 34 -7.65 9.12 -4.74
C ASP A 34 -8.23 7.87 -5.39
N PRO A 35 -8.45 7.93 -6.71
CA PRO A 35 -9.00 6.80 -7.47
C PRO A 35 -8.02 5.64 -7.59
N ALA A 36 -6.73 5.97 -7.64
CA ALA A 36 -5.69 4.96 -7.75
C ALA A 36 -5.74 3.99 -6.57
N TYR A 37 -6.23 4.47 -5.43
CA TYR A 37 -6.33 3.65 -4.24
C TYR A 37 -7.79 3.38 -3.88
N TRP A 38 -8.54 2.90 -4.85
CA TRP A 38 -9.96 2.60 -4.63
C TRP A 38 -10.13 1.28 -3.89
N PHE A 39 -9.25 0.33 -4.17
CA PHE A 39 -9.30 -0.98 -3.51
C PHE A 39 -9.26 -0.84 -2.00
N LEU A 40 -8.64 0.23 -1.53
CA LEU A 40 -8.54 0.49 -0.09
C LEU A 40 -9.86 0.19 0.61
N SER A 41 -10.94 0.75 0.07
CA SER A 41 -12.27 0.53 0.65
C SER A 41 -12.70 -0.91 0.50
N ASP A 42 -12.35 -1.52 -0.63
CA ASP A 42 -12.70 -2.91 -0.89
C ASP A 42 -11.79 -3.86 -0.13
N GLU A 43 -12.30 -5.04 0.20
CA GLU A 43 -11.53 -6.04 0.93
C GLU A 43 -11.45 -7.35 0.14
N ASN A 44 -12.55 -7.72 -0.50
CA ASN A 44 -12.60 -8.94 -1.28
C ASN A 44 -12.00 -8.74 -2.67
N SER A 45 -10.88 -8.04 -2.70
CA SER A 45 -10.19 -7.76 -3.97
C SER A 45 -8.72 -8.18 -3.89
N LEU A 46 -8.00 -7.96 -4.99
CA LEU A 46 -6.58 -8.31 -5.04
C LEU A 46 -5.71 -7.12 -4.67
N GLU A 47 -6.03 -5.96 -5.25
CA GLU A 47 -5.28 -4.74 -4.98
C GLU A 47 -5.26 -4.44 -3.48
N TYR A 48 -6.30 -4.88 -2.78
CA TYR A 48 -6.40 -4.65 -1.34
C TYR A 48 -5.64 -5.72 -0.56
N LYS A 49 -5.52 -6.90 -1.15
CA LYS A 49 -4.81 -8.00 -0.52
C LYS A 49 -3.34 -7.66 -0.30
N TYR A 50 -2.84 -6.75 -1.10
CA TYR A 50 -1.44 -6.33 -1.00
C TYR A 50 -1.26 -5.27 0.08
N TYR A 51 -2.00 -4.18 -0.04
CA TYR A 51 -1.93 -3.09 0.93
C TYR A 51 -1.96 -3.63 2.36
N LYS A 52 -2.67 -4.73 2.55
CA LYS A 52 -2.78 -5.35 3.87
C LYS A 52 -1.67 -6.37 4.07
N LEU A 53 -1.35 -7.12 3.03
CA LEU A 53 -0.29 -8.13 3.09
C LEU A 53 1.08 -7.48 3.15
N LYS A 54 1.51 -6.90 2.03
CA LYS A 54 2.80 -6.25 1.96
C LYS A 54 3.08 -5.43 3.23
N LEU A 55 2.02 -4.86 3.79
CA LEU A 55 2.14 -4.05 5.01
C LEU A 55 2.48 -4.93 6.20
N ALA A 56 1.83 -6.09 6.29
CA ALA A 56 2.06 -7.02 7.38
C ALA A 56 3.46 -7.62 7.30
N GLU A 57 3.82 -8.10 6.12
CA GLU A 57 5.14 -8.70 5.92
C GLU A 57 6.25 -7.66 6.04
N MET A 58 5.91 -6.42 5.70
CA MET A 58 6.88 -5.32 5.77
C MET A 58 7.02 -4.83 7.20
N GLN A 59 5.92 -4.77 7.92
CA GLN A 59 5.92 -4.30 9.30
C GLN A 59 6.68 -5.28 10.20
N ARG A 60 6.48 -6.57 9.96
CA ARG A 60 7.14 -7.61 10.75
C ARG A 60 8.65 -7.59 10.49
N SER A 61 9.04 -7.25 9.27
CA SER A 61 10.45 -7.20 8.89
C SER A 61 10.95 -5.77 8.85
N GLY A 62 11.93 -5.47 9.71
CA GLY A 62 12.48 -4.12 9.76
C GLY A 62 13.57 -3.99 10.79
N PRO A 63 13.99 -2.74 11.04
CA PRO A 63 15.06 -2.44 12.02
C PRO A 63 14.59 -2.68 13.46
N SER A 64 15.08 -3.76 14.06
CA SER A 64 14.72 -4.10 15.43
C SER A 64 13.22 -3.89 15.66
N SER A 65 12.42 -4.89 15.31
CA SER A 65 10.98 -4.80 15.47
C SER A 65 10.35 -6.19 15.49
N GLY A 66 10.66 -6.99 14.48
CA GLY A 66 10.12 -8.34 14.39
C GLY A 66 11.18 -9.36 14.04
N GLY A 1 -10.39 5.88 -24.49
CA GLY A 1 -10.76 5.66 -23.10
C GLY A 1 -9.66 4.96 -22.32
N SER A 2 -9.70 5.12 -20.99
CA SER A 2 -8.71 4.49 -20.12
C SER A 2 -9.27 3.23 -19.48
N SER A 3 -8.60 2.10 -19.72
CA SER A 3 -9.03 0.83 -19.17
C SER A 3 -7.85 0.08 -18.54
N GLY A 4 -7.69 0.25 -17.23
CA GLY A 4 -6.60 -0.41 -16.53
C GLY A 4 -7.05 -1.69 -15.85
N SER A 5 -6.33 -2.78 -16.12
CA SER A 5 -6.66 -4.07 -15.53
C SER A 5 -6.00 -4.24 -14.17
N SER A 6 -6.34 -5.31 -13.46
CA SER A 6 -5.79 -5.58 -12.14
C SER A 6 -4.28 -5.35 -12.13
N GLY A 7 -3.83 -4.47 -11.24
CA GLY A 7 -2.41 -4.18 -11.14
C GLY A 7 -1.99 -3.86 -9.72
N VAL A 8 -1.02 -4.63 -9.21
CA VAL A 8 -0.52 -4.43 -7.85
C VAL A 8 0.83 -3.72 -7.87
N GLY A 9 1.04 -2.87 -8.87
CA GLY A 9 2.29 -2.15 -8.99
C GLY A 9 2.34 -0.93 -8.09
N THR A 10 1.20 -0.25 -7.96
CA THR A 10 1.11 0.94 -7.13
C THR A 10 1.21 0.59 -5.65
N ILE A 11 0.62 -0.54 -5.27
CA ILE A 11 0.63 -0.99 -3.88
C ILE A 11 2.04 -1.37 -3.45
N ASP A 12 2.64 -2.32 -4.14
CA ASP A 12 3.99 -2.77 -3.83
C ASP A 12 4.88 -1.59 -3.43
N GLN A 13 4.66 -0.45 -4.08
CA GLN A 13 5.44 0.75 -3.80
C GLN A 13 4.83 1.53 -2.64
N LEU A 14 3.53 1.77 -2.73
CA LEU A 14 2.82 2.51 -1.69
C LEU A 14 3.12 1.95 -0.32
N VAL A 15 2.74 0.69 -0.10
CA VAL A 15 2.98 0.03 1.18
C VAL A 15 4.36 0.36 1.72
N LYS A 16 5.37 0.21 0.88
CA LYS A 16 6.76 0.49 1.27
C LYS A 16 6.85 1.84 1.96
N ARG A 17 6.06 2.81 1.49
CA ARG A 17 6.05 4.15 2.07
C ARG A 17 5.56 4.12 3.51
N VAL A 18 4.25 3.89 3.66
CA VAL A 18 3.63 3.84 4.99
C VAL A 18 4.54 3.10 5.98
N ILE A 19 5.39 2.23 5.46
CA ILE A 19 6.29 1.46 6.30
C ILE A 19 7.44 2.33 6.81
N GLU A 20 8.09 3.04 5.89
CA GLU A 20 9.20 3.91 6.25
C GLU A 20 8.70 5.28 6.68
N GLY A 21 7.42 5.53 6.46
CA GLY A 21 6.83 6.81 6.83
C GLY A 21 7.19 7.92 5.86
N SER A 22 8.02 7.58 4.87
CA SER A 22 8.45 8.55 3.87
C SER A 22 7.30 9.48 3.49
N LEU A 23 6.07 8.99 3.64
CA LEU A 23 4.89 9.78 3.31
C LEU A 23 4.24 10.36 4.56
N SER A 24 3.72 11.57 4.45
CA SER A 24 3.07 12.23 5.58
C SER A 24 1.94 11.38 6.13
N PRO A 25 1.55 11.64 7.39
CA PRO A 25 0.48 10.90 8.06
C PRO A 25 -0.90 11.24 7.47
N LYS A 26 -1.03 12.45 6.95
CA LYS A 26 -2.30 12.88 6.36
C LYS A 26 -2.44 12.34 4.95
N GLU A 27 -1.32 12.16 4.26
CA GLU A 27 -1.33 11.65 2.89
C GLU A 27 -2.01 10.29 2.83
N ARG A 28 -1.75 9.46 3.84
CA ARG A 28 -2.33 8.11 3.90
C ARG A 28 -3.85 8.19 3.82
N THR A 29 -4.45 9.00 4.70
CA THR A 29 -5.89 9.15 4.73
C THR A 29 -6.43 9.69 3.41
N LEU A 30 -5.59 10.45 2.71
CA LEU A 30 -5.97 11.03 1.43
C LEU A 30 -5.94 9.98 0.33
N LEU A 31 -5.10 8.96 0.51
CA LEU A 31 -4.98 7.89 -0.46
C LEU A 31 -6.34 7.33 -0.86
N LYS A 32 -7.23 7.20 0.13
CA LYS A 32 -8.57 6.69 -0.11
C LYS A 32 -9.37 7.66 -0.98
N GLU A 33 -9.16 8.95 -0.78
CA GLU A 33 -9.85 9.98 -1.55
C GLU A 33 -9.43 9.93 -3.01
N ASP A 34 -8.43 9.12 -3.32
CA ASP A 34 -7.93 8.99 -4.68
C ASP A 34 -8.47 7.72 -5.33
N PRO A 35 -8.72 7.79 -6.66
CA PRO A 35 -9.24 6.66 -7.42
C PRO A 35 -8.22 5.54 -7.58
N ALA A 36 -6.95 5.90 -7.61
CA ALA A 36 -5.87 4.93 -7.74
C ALA A 36 -5.89 3.92 -6.60
N TYR A 37 -6.40 4.36 -5.45
CA TYR A 37 -6.47 3.49 -4.28
C TYR A 37 -7.93 3.22 -3.90
N TRP A 38 -8.72 2.79 -4.87
CA TRP A 38 -10.13 2.50 -4.65
C TRP A 38 -10.29 1.20 -3.87
N PHE A 39 -9.40 0.24 -4.13
CA PHE A 39 -9.45 -1.05 -3.45
C PHE A 39 -9.41 -0.87 -1.94
N LEU A 40 -8.77 0.20 -1.49
CA LEU A 40 -8.66 0.49 -0.06
C LEU A 40 -9.97 0.16 0.66
N SER A 41 -11.07 0.70 0.17
CA SER A 41 -12.38 0.46 0.76
C SER A 41 -12.79 -1.00 0.58
N ASP A 42 -12.50 -1.55 -0.58
CA ASP A 42 -12.85 -2.94 -0.88
C ASP A 42 -11.95 -3.90 -0.10
N GLU A 43 -12.45 -5.10 0.16
CA GLU A 43 -11.70 -6.11 0.89
C GLU A 43 -11.63 -7.42 0.12
N ASN A 44 -12.68 -7.71 -0.64
CA ASN A 44 -12.75 -8.93 -1.44
C ASN A 44 -12.11 -8.71 -2.81
N SER A 45 -10.94 -8.11 -2.83
CA SER A 45 -10.23 -7.83 -4.07
C SER A 45 -8.77 -8.26 -3.97
N LEU A 46 -8.01 -8.00 -5.03
CA LEU A 46 -6.59 -8.36 -5.07
C LEU A 46 -5.72 -7.17 -4.68
N GLU A 47 -6.07 -6.00 -5.22
CA GLU A 47 -5.31 -4.78 -4.94
C GLU A 47 -5.31 -4.48 -3.44
N TYR A 48 -6.39 -4.86 -2.77
CA TYR A 48 -6.51 -4.63 -1.34
C TYR A 48 -5.78 -5.71 -0.54
N LYS A 49 -5.61 -6.87 -1.16
CA LYS A 49 -4.92 -7.99 -0.53
C LYS A 49 -3.45 -7.66 -0.28
N TYR A 50 -2.90 -6.80 -1.13
CA TYR A 50 -1.50 -6.41 -0.99
C TYR A 50 -1.33 -5.34 0.08
N TYR A 51 -2.01 -4.21 -0.10
CA TYR A 51 -1.94 -3.12 0.85
C TYR A 51 -1.99 -3.64 2.29
N LYS A 52 -2.73 -4.71 2.49
CA LYS A 52 -2.86 -5.32 3.82
C LYS A 52 -1.78 -6.37 4.05
N LEU A 53 -1.44 -7.10 2.99
CA LEU A 53 -0.42 -8.14 3.07
C LEU A 53 0.98 -7.53 3.10
N LYS A 54 1.40 -6.99 1.96
CA LYS A 54 2.71 -6.37 1.85
C LYS A 54 3.01 -5.51 3.06
N LEU A 55 1.97 -4.94 3.66
CA LEU A 55 2.12 -4.10 4.84
C LEU A 55 2.44 -4.94 6.07
N ALA A 56 1.72 -6.04 6.23
CA ALA A 56 1.92 -6.93 7.37
C ALA A 56 3.30 -7.57 7.32
N GLU A 57 3.69 -8.03 6.13
CA GLU A 57 4.99 -8.67 5.94
C GLU A 57 6.11 -7.65 6.02
N MET A 58 5.81 -6.41 5.63
CA MET A 58 6.79 -5.34 5.65
C MET A 58 6.92 -4.74 7.05
N GLN A 59 5.83 -4.80 7.81
CA GLN A 59 5.83 -4.26 9.17
C GLN A 59 6.62 -5.16 10.11
N ARG A 60 6.48 -6.46 9.94
CA ARG A 60 7.18 -7.43 10.79
C ARG A 60 8.69 -7.33 10.58
N SER A 61 9.09 -6.61 9.53
CA SER A 61 10.51 -6.43 9.23
C SER A 61 11.00 -5.06 9.66
N GLY A 62 11.89 -5.04 10.65
CA GLY A 62 12.41 -3.78 11.14
C GLY A 62 13.91 -3.84 11.38
N PRO A 63 14.59 -2.69 11.15
CA PRO A 63 16.05 -2.60 11.33
C PRO A 63 16.45 -2.67 12.80
N SER A 64 15.48 -2.52 13.69
CA SER A 64 15.73 -2.56 15.12
C SER A 64 14.59 -3.26 15.86
N SER A 65 13.36 -2.89 15.52
CA SER A 65 12.19 -3.48 16.14
C SER A 65 11.84 -4.83 15.49
N GLY A 66 11.79 -5.87 16.31
CA GLY A 66 11.47 -7.19 15.80
C GLY A 66 10.29 -7.82 16.51
N GLY A 1 0.16 -1.85 -22.49
CA GLY A 1 1.02 -1.67 -21.33
C GLY A 1 2.24 -0.82 -21.64
N SER A 2 2.37 0.30 -20.95
CA SER A 2 3.50 1.21 -21.16
C SER A 2 3.51 2.33 -20.13
N SER A 3 4.67 2.91 -19.90
CA SER A 3 4.82 3.99 -18.93
C SER A 3 4.81 3.45 -17.50
N GLY A 4 3.70 2.84 -17.11
CA GLY A 4 3.59 2.29 -15.78
C GLY A 4 2.94 0.92 -15.76
N SER A 5 2.51 0.48 -14.59
CA SER A 5 1.88 -0.83 -14.45
C SER A 5 0.62 -0.73 -13.58
N SER A 6 -0.54 -0.70 -14.24
CA SER A 6 -1.81 -0.60 -13.55
C SER A 6 -2.13 -1.91 -12.82
N GLY A 7 -2.17 -1.84 -11.49
CA GLY A 7 -2.46 -3.02 -10.71
C GLY A 7 -1.76 -3.01 -9.36
N VAL A 8 -1.30 -4.18 -8.93
CA VAL A 8 -0.60 -4.29 -7.65
C VAL A 8 0.73 -3.56 -7.67
N GLY A 9 1.23 -3.28 -8.88
CA GLY A 9 2.49 -2.58 -9.02
C GLY A 9 2.53 -1.30 -8.19
N THR A 10 1.41 -0.61 -8.11
CA THR A 10 1.32 0.63 -7.35
C THR A 10 1.43 0.36 -5.86
N ILE A 11 0.65 -0.60 -5.37
CA ILE A 11 0.65 -0.94 -3.96
C ILE A 11 2.07 -1.32 -3.49
N ASP A 12 2.66 -2.30 -4.15
CA ASP A 12 4.01 -2.74 -3.81
C ASP A 12 4.90 -1.55 -3.45
N GLN A 13 4.62 -0.41 -4.07
CA GLN A 13 5.39 0.80 -3.83
C GLN A 13 4.77 1.64 -2.72
N LEU A 14 3.45 1.75 -2.75
CA LEU A 14 2.72 2.52 -1.74
C LEU A 14 3.00 1.99 -0.34
N VAL A 15 2.70 0.72 -0.12
CA VAL A 15 2.92 0.08 1.17
C VAL A 15 4.29 0.47 1.75
N LYS A 16 5.33 0.30 0.93
CA LYS A 16 6.68 0.64 1.35
C LYS A 16 6.73 2.03 1.98
N ARG A 17 5.90 2.93 1.49
CA ARG A 17 5.84 4.30 2.00
C ARG A 17 5.34 4.31 3.44
N VAL A 18 4.06 3.99 3.62
CA VAL A 18 3.45 3.97 4.95
C VAL A 18 4.36 3.24 5.95
N ILE A 19 5.20 2.36 5.44
CA ILE A 19 6.11 1.60 6.29
C ILE A 19 7.30 2.46 6.72
N GLU A 20 7.97 3.05 5.74
CA GLU A 20 9.13 3.91 6.02
C GLU A 20 8.68 5.31 6.42
N GLY A 21 7.39 5.57 6.31
CA GLY A 21 6.87 6.88 6.67
C GLY A 21 7.20 7.94 5.64
N SER A 22 7.98 7.56 4.64
CA SER A 22 8.39 8.50 3.58
C SER A 22 7.23 9.42 3.22
N LEU A 23 6.01 8.95 3.44
CA LEU A 23 4.82 9.73 3.11
C LEU A 23 4.18 10.29 4.38
N SER A 24 3.78 11.56 4.31
CA SER A 24 3.16 12.23 5.46
C SER A 24 2.05 11.37 6.04
N PRO A 25 1.66 11.67 7.29
CA PRO A 25 0.61 10.94 8.00
C PRO A 25 -0.77 11.21 7.40
N LYS A 26 -1.00 12.44 6.97
CA LYS A 26 -2.28 12.83 6.39
C LYS A 26 -2.44 12.22 4.99
N GLU A 27 -1.34 12.18 4.24
CA GLU A 27 -1.37 11.63 2.89
C GLU A 27 -2.05 10.26 2.88
N ARG A 28 -1.66 9.40 3.82
CA ARG A 28 -2.23 8.06 3.91
C ARG A 28 -3.75 8.12 3.94
N THR A 29 -4.29 8.96 4.82
CA THR A 29 -5.73 9.12 4.95
C THR A 29 -6.34 9.73 3.68
N LEU A 30 -5.52 10.46 2.94
CA LEU A 30 -5.98 11.09 1.71
C LEU A 30 -5.95 10.10 0.55
N LEU A 31 -5.13 9.07 0.67
CA LEU A 31 -5.01 8.05 -0.37
C LEU A 31 -6.38 7.51 -0.76
N LYS A 32 -7.25 7.33 0.22
CA LYS A 32 -8.59 6.82 -0.02
C LYS A 32 -9.38 7.77 -0.93
N GLU A 33 -9.16 9.07 -0.75
CA GLU A 33 -9.84 10.08 -1.56
C GLU A 33 -9.40 9.99 -3.02
N ASP A 34 -8.29 9.28 -3.27
CA ASP A 34 -7.78 9.13 -4.61
C ASP A 34 -8.38 7.89 -5.29
N PRO A 35 -8.66 8.01 -6.59
CA PRO A 35 -9.25 6.92 -7.38
C PRO A 35 -8.27 5.77 -7.59
N ALA A 36 -6.98 6.10 -7.67
CA ALA A 36 -5.95 5.10 -7.87
C ALA A 36 -5.94 4.09 -6.72
N TYR A 37 -6.50 4.48 -5.59
CA TYR A 37 -6.55 3.61 -4.42
C TYR A 37 -8.00 3.29 -4.04
N TRP A 38 -8.80 2.93 -5.04
CA TRP A 38 -10.20 2.61 -4.82
C TRP A 38 -10.34 1.26 -4.11
N PHE A 39 -9.37 0.38 -4.36
CA PHE A 39 -9.38 -0.95 -3.74
C PHE A 39 -9.36 -0.85 -2.22
N LEU A 40 -8.73 0.20 -1.71
CA LEU A 40 -8.64 0.42 -0.27
C LEU A 40 -9.97 0.09 0.41
N SER A 41 -11.06 0.53 -0.21
CA SER A 41 -12.40 0.29 0.34
C SER A 41 -12.81 -1.17 0.14
N ASP A 42 -12.40 -1.75 -0.98
CA ASP A 42 -12.73 -3.14 -1.29
C ASP A 42 -11.78 -4.09 -0.57
N GLU A 43 -12.34 -5.08 0.12
CA GLU A 43 -11.54 -6.06 0.84
C GLU A 43 -11.44 -7.36 0.07
N ASN A 44 -12.55 -7.79 -0.53
CA ASN A 44 -12.59 -9.02 -1.29
C ASN A 44 -12.00 -8.82 -2.69
N SER A 45 -10.86 -8.15 -2.74
CA SER A 45 -10.18 -7.87 -4.00
C SER A 45 -8.72 -8.30 -3.95
N LEU A 46 -7.98 -7.98 -5.00
CA LEU A 46 -6.57 -8.32 -5.07
C LEU A 46 -5.69 -7.13 -4.70
N GLU A 47 -6.02 -5.96 -5.25
CA GLU A 47 -5.27 -4.74 -4.97
C GLU A 47 -5.27 -4.44 -3.48
N TYR A 48 -6.33 -4.83 -2.79
CA TYR A 48 -6.46 -4.60 -1.36
C TYR A 48 -5.73 -5.68 -0.57
N LYS A 49 -5.55 -6.84 -1.19
CA LYS A 49 -4.87 -7.96 -0.56
C LYS A 49 -3.40 -7.65 -0.32
N TYR A 50 -2.84 -6.78 -1.15
CA TYR A 50 -1.45 -6.38 -1.04
C TYR A 50 -1.26 -5.35 0.08
N TYR A 51 -2.00 -4.26 -0.02
CA TYR A 51 -1.92 -3.19 0.98
C TYR A 51 -1.98 -3.76 2.39
N LYS A 52 -2.73 -4.84 2.55
CA LYS A 52 -2.87 -5.49 3.84
C LYS A 52 -1.78 -6.54 4.06
N LEU A 53 -1.39 -7.21 2.97
CA LEU A 53 -0.36 -8.24 3.04
C LEU A 53 1.03 -7.61 3.04
N LYS A 54 1.41 -7.01 1.92
CA LYS A 54 2.71 -6.37 1.80
C LYS A 54 3.01 -5.50 3.02
N LEU A 55 1.96 -4.98 3.64
CA LEU A 55 2.11 -4.14 4.81
C LEU A 55 2.45 -4.97 6.04
N ALA A 56 1.72 -6.07 6.23
CA ALA A 56 1.95 -6.96 7.36
C ALA A 56 3.36 -7.54 7.33
N GLU A 57 3.75 -8.06 6.18
CA GLU A 57 5.07 -8.65 6.01
C GLU A 57 6.16 -7.59 6.11
N MET A 58 5.85 -6.38 5.62
CA MET A 58 6.80 -5.28 5.66
C MET A 58 6.91 -4.71 7.07
N GLN A 59 5.83 -4.77 7.83
CA GLN A 59 5.81 -4.26 9.19
C GLN A 59 6.54 -5.22 10.13
N ARG A 60 6.32 -6.51 9.96
CA ARG A 60 6.96 -7.52 10.79
C ARG A 60 8.46 -7.57 10.53
N SER A 61 8.86 -7.29 9.29
CA SER A 61 10.26 -7.32 8.91
C SER A 61 10.80 -5.90 8.74
N GLY A 62 11.45 -5.38 9.77
CA GLY A 62 11.99 -4.04 9.72
C GLY A 62 13.39 -3.96 10.29
N PRO A 63 13.91 -2.73 10.42
CA PRO A 63 15.26 -2.49 10.97
C PRO A 63 15.35 -2.80 12.45
N SER A 64 16.21 -3.73 12.82
CA SER A 64 16.39 -4.12 14.21
C SER A 64 15.05 -4.13 14.94
N SER A 65 14.36 -5.26 14.87
CA SER A 65 13.06 -5.39 15.52
C SER A 65 12.90 -6.78 16.13
N GLY A 66 13.96 -7.28 16.75
CA GLY A 66 13.92 -8.59 17.36
C GLY A 66 14.89 -8.73 18.52
N GLY A 1 12.25 -7.17 -13.61
CA GLY A 1 11.58 -5.88 -13.75
C GLY A 1 12.17 -5.03 -14.85
N SER A 2 12.07 -5.53 -16.08
CA SER A 2 12.59 -4.81 -17.24
C SER A 2 11.96 -3.43 -17.36
N SER A 3 10.67 -3.40 -17.65
CA SER A 3 9.94 -2.14 -17.80
C SER A 3 8.46 -2.40 -18.04
N GLY A 4 7.64 -2.15 -17.02
CA GLY A 4 6.21 -2.36 -17.15
C GLY A 4 5.57 -2.73 -15.83
N SER A 5 4.48 -2.05 -15.50
CA SER A 5 3.76 -2.31 -14.25
C SER A 5 2.27 -2.04 -14.41
N SER A 6 1.48 -2.59 -13.50
CA SER A 6 0.03 -2.41 -13.55
C SER A 6 -0.65 -3.20 -12.43
N GLY A 7 -1.79 -2.70 -11.96
CA GLY A 7 -2.52 -3.37 -10.90
C GLY A 7 -1.83 -3.23 -9.55
N VAL A 8 -1.29 -4.35 -9.06
CA VAL A 8 -0.61 -4.35 -7.78
C VAL A 8 0.75 -3.66 -7.88
N GLY A 9 1.12 -3.26 -9.09
CA GLY A 9 2.39 -2.59 -9.29
C GLY A 9 2.50 -1.29 -8.50
N THR A 10 1.35 -0.67 -8.24
CA THR A 10 1.32 0.59 -7.51
C THR A 10 1.38 0.34 -6.00
N ILE A 11 0.56 -0.59 -5.52
CA ILE A 11 0.51 -0.93 -4.11
C ILE A 11 1.89 -1.33 -3.60
N ASP A 12 2.58 -2.17 -4.37
CA ASP A 12 3.91 -2.63 -4.00
C ASP A 12 4.81 -1.46 -3.63
N GLN A 13 4.50 -0.28 -4.17
CA GLN A 13 5.28 0.92 -3.89
C GLN A 13 4.67 1.70 -2.72
N LEU A 14 3.35 1.83 -2.72
CA LEU A 14 2.66 2.55 -1.66
C LEU A 14 2.99 1.96 -0.29
N VAL A 15 2.67 0.68 -0.11
CA VAL A 15 2.94 0.00 1.16
C VAL A 15 4.32 0.37 1.70
N LYS A 16 5.33 0.24 0.85
CA LYS A 16 6.70 0.55 1.24
C LYS A 16 6.77 1.92 1.92
N ARG A 17 5.94 2.84 1.46
CA ARG A 17 5.90 4.19 2.02
C ARG A 17 5.37 4.17 3.44
N VAL A 18 4.08 3.91 3.59
CA VAL A 18 3.44 3.86 4.90
C VAL A 18 4.36 3.21 5.93
N ILE A 19 5.25 2.35 5.45
CA ILE A 19 6.19 1.66 6.34
C ILE A 19 7.33 2.59 6.76
N GLU A 20 8.14 2.99 5.80
CA GLU A 20 9.28 3.87 6.07
C GLU A 20 8.78 5.25 6.52
N GLY A 21 7.50 5.51 6.33
CA GLY A 21 6.93 6.78 6.72
C GLY A 21 7.25 7.88 5.73
N SER A 22 8.03 7.56 4.72
CA SER A 22 8.41 8.53 3.71
C SER A 22 7.25 9.46 3.37
N LEU A 23 6.03 8.96 3.57
CA LEU A 23 4.84 9.74 3.29
C LEU A 23 4.20 10.25 4.58
N SER A 24 3.81 11.52 4.58
CA SER A 24 3.20 12.13 5.75
C SER A 24 2.03 11.29 6.25
N PRO A 25 1.65 11.51 7.52
CA PRO A 25 0.54 10.77 8.15
C PRO A 25 -0.81 11.15 7.57
N LYS A 26 -0.89 12.35 7.01
CA LYS A 26 -2.14 12.84 6.41
C LYS A 26 -2.34 12.24 5.03
N GLU A 27 -1.26 12.12 4.27
CA GLU A 27 -1.33 11.56 2.92
C GLU A 27 -2.01 10.19 2.94
N ARG A 28 -1.62 9.35 3.90
CA ARG A 28 -2.19 8.02 4.02
C ARG A 28 -3.72 8.07 4.01
N THR A 29 -4.28 8.91 4.89
CA THR A 29 -5.72 9.05 4.98
C THR A 29 -6.30 9.67 3.72
N LEU A 30 -5.45 10.36 2.95
CA LEU A 30 -5.88 10.99 1.72
C LEU A 30 -5.86 10.00 0.56
N LEU A 31 -5.06 8.94 0.71
CA LEU A 31 -4.94 7.91 -0.33
C LEU A 31 -6.32 7.38 -0.71
N LYS A 32 -7.21 7.28 0.27
CA LYS A 32 -8.56 6.79 0.03
C LYS A 32 -9.34 7.74 -0.89
N GLU A 33 -9.10 9.04 -0.71
CA GLU A 33 -9.77 10.05 -1.53
C GLU A 33 -9.35 9.94 -2.99
N ASP A 34 -8.31 9.16 -3.25
CA ASP A 34 -7.81 8.97 -4.60
C ASP A 34 -8.41 7.71 -5.23
N PRO A 35 -8.69 7.78 -6.54
CA PRO A 35 -9.27 6.67 -7.29
C PRO A 35 -8.29 5.52 -7.47
N ALA A 36 -7.01 5.85 -7.59
CA ALA A 36 -5.97 4.85 -7.75
C ALA A 36 -5.97 3.85 -6.60
N TYR A 37 -6.44 4.29 -5.45
CA TYR A 37 -6.50 3.43 -4.27
C TYR A 37 -7.95 3.18 -3.85
N TRP A 38 -8.75 2.72 -4.79
CA TRP A 38 -10.16 2.43 -4.51
C TRP A 38 -10.31 1.12 -3.76
N PHE A 39 -9.37 0.21 -3.96
CA PHE A 39 -9.40 -1.08 -3.30
C PHE A 39 -9.37 -0.93 -1.78
N LEU A 40 -8.73 0.13 -1.32
CA LEU A 40 -8.63 0.39 0.12
C LEU A 40 -9.93 0.05 0.82
N SER A 41 -11.05 0.50 0.25
CA SER A 41 -12.36 0.24 0.83
C SER A 41 -12.75 -1.22 0.65
N ASP A 42 -12.42 -1.78 -0.51
CA ASP A 42 -12.74 -3.16 -0.82
C ASP A 42 -11.79 -4.10 -0.09
N GLU A 43 -12.27 -5.31 0.20
CA GLU A 43 -11.46 -6.30 0.90
C GLU A 43 -11.43 -7.62 0.12
N ASN A 44 -12.53 -7.93 -0.56
CA ASN A 44 -12.63 -9.16 -1.33
C ASN A 44 -12.01 -8.97 -2.72
N SER A 45 -10.93 -8.20 -2.78
CA SER A 45 -10.24 -7.94 -4.03
C SER A 45 -8.78 -8.36 -3.95
N LEU A 46 -8.02 -8.05 -5.00
CA LEU A 46 -6.60 -8.39 -5.04
C LEU A 46 -5.73 -7.19 -4.66
N GLU A 47 -6.03 -6.04 -5.26
CA GLU A 47 -5.28 -4.82 -4.98
C GLU A 47 -5.27 -4.53 -3.49
N TYR A 48 -6.34 -4.92 -2.80
CA TYR A 48 -6.44 -4.70 -1.36
C TYR A 48 -5.70 -5.76 -0.58
N LYS A 49 -5.53 -6.93 -1.20
CA LYS A 49 -4.84 -8.04 -0.56
C LYS A 49 -3.37 -7.70 -0.33
N TYR A 50 -2.83 -6.82 -1.17
CA TYR A 50 -1.43 -6.42 -1.07
C TYR A 50 -1.26 -5.37 0.03
N TYR A 51 -1.97 -4.25 -0.10
CA TYR A 51 -1.89 -3.18 0.87
C TYR A 51 -1.93 -3.72 2.30
N LYS A 52 -2.68 -4.80 2.48
CA LYS A 52 -2.81 -5.43 3.79
C LYS A 52 -1.73 -6.49 4.00
N LEU A 53 -1.33 -7.14 2.91
CA LEU A 53 -0.30 -8.17 2.97
C LEU A 53 1.09 -7.55 3.02
N LYS A 54 1.49 -6.91 1.92
CA LYS A 54 2.80 -6.27 1.84
C LYS A 54 3.06 -5.42 3.08
N LEU A 55 2.00 -4.88 3.66
CA LEU A 55 2.12 -4.06 4.87
C LEU A 55 2.39 -4.91 6.09
N ALA A 56 1.63 -5.98 6.24
CA ALA A 56 1.80 -6.89 7.38
C ALA A 56 3.21 -7.46 7.42
N GLU A 57 3.71 -7.86 6.26
CA GLU A 57 5.05 -8.43 6.17
C GLU A 57 6.11 -7.35 6.30
N MET A 58 5.88 -6.22 5.64
CA MET A 58 6.82 -5.10 5.69
C MET A 58 6.86 -4.49 7.09
N GLN A 59 5.80 -4.71 7.86
CA GLN A 59 5.73 -4.18 9.22
C GLN A 59 6.45 -5.10 10.21
N ARG A 60 6.10 -6.38 10.17
CA ARG A 60 6.70 -7.37 11.06
C ARG A 60 8.21 -7.45 10.83
N SER A 61 8.62 -7.35 9.57
CA SER A 61 10.04 -7.41 9.22
C SER A 61 10.64 -6.01 9.16
N GLY A 62 11.66 -5.77 9.97
CA GLY A 62 12.31 -4.48 9.98
C GLY A 62 13.82 -4.59 10.09
N PRO A 63 14.50 -3.43 10.19
CA PRO A 63 15.96 -3.38 10.31
C PRO A 63 16.45 -3.88 11.65
N SER A 64 17.14 -5.01 11.65
CA SER A 64 17.66 -5.61 12.87
C SER A 64 16.58 -6.40 13.60
N SER A 65 15.45 -5.74 13.88
CA SER A 65 14.34 -6.39 14.57
C SER A 65 14.73 -6.73 16.01
N GLY A 66 13.81 -6.49 16.94
CA GLY A 66 14.07 -6.78 18.33
C GLY A 66 14.41 -5.53 19.13
N GLY A 1 8.39 -7.14 -26.40
CA GLY A 1 8.19 -6.15 -25.37
C GLY A 1 7.07 -6.53 -24.41
N SER A 2 5.87 -6.74 -24.95
CA SER A 2 4.72 -7.10 -24.14
C SER A 2 4.41 -6.00 -23.12
N SER A 3 3.41 -5.18 -23.45
CA SER A 3 3.02 -4.08 -22.56
C SER A 3 1.61 -4.32 -22.01
N GLY A 4 1.32 -3.70 -20.87
CA GLY A 4 0.01 -3.86 -20.26
C GLY A 4 0.08 -4.52 -18.90
N SER A 5 -1.05 -5.05 -18.43
CA SER A 5 -1.11 -5.71 -17.14
C SER A 5 -0.55 -4.80 -16.04
N SER A 6 -1.46 -4.16 -15.31
CA SER A 6 -1.06 -3.27 -14.23
C SER A 6 -2.10 -3.28 -13.10
N GLY A 7 -1.66 -2.91 -11.89
CA GLY A 7 -2.56 -2.90 -10.75
C GLY A 7 -1.81 -2.98 -9.44
N VAL A 8 -1.41 -4.19 -9.06
CA VAL A 8 -0.69 -4.40 -7.81
C VAL A 8 0.67 -3.71 -7.84
N GLY A 9 1.09 -3.28 -9.02
CA GLY A 9 2.37 -2.60 -9.16
C GLY A 9 2.42 -1.31 -8.38
N THR A 10 1.27 -0.66 -8.21
CA THR A 10 1.20 0.60 -7.49
C THR A 10 1.28 0.37 -5.98
N ILE A 11 0.48 -0.58 -5.49
CA ILE A 11 0.47 -0.90 -4.07
C ILE A 11 1.86 -1.26 -3.57
N ASP A 12 2.50 -2.21 -4.26
CA ASP A 12 3.84 -2.64 -3.89
C ASP A 12 4.71 -1.46 -3.47
N GLN A 13 4.54 -0.34 -4.16
CA GLN A 13 5.31 0.86 -3.87
C GLN A 13 4.68 1.63 -2.70
N LEU A 14 3.35 1.78 -2.74
CA LEU A 14 2.64 2.49 -1.70
C LEU A 14 2.98 1.94 -0.32
N VAL A 15 2.67 0.66 -0.11
CA VAL A 15 2.96 0.01 1.16
C VAL A 15 4.34 0.38 1.68
N LYS A 16 5.34 0.30 0.81
CA LYS A 16 6.70 0.62 1.18
C LYS A 16 6.77 1.98 1.89
N ARG A 17 5.96 2.92 1.41
CA ARG A 17 5.92 4.25 2.00
C ARG A 17 5.41 4.21 3.43
N VAL A 18 4.12 3.93 3.59
CA VAL A 18 3.50 3.84 4.90
C VAL A 18 4.42 3.17 5.90
N ILE A 19 5.32 2.33 5.39
CA ILE A 19 6.27 1.62 6.25
C ILE A 19 7.40 2.53 6.68
N GLU A 20 8.22 2.96 5.72
CA GLU A 20 9.35 3.84 6.01
C GLU A 20 8.86 5.17 6.58
N GLY A 21 7.58 5.47 6.37
CA GLY A 21 7.03 6.71 6.86
C GLY A 21 7.30 7.88 5.93
N SER A 22 8.06 7.63 4.87
CA SER A 22 8.41 8.67 3.91
C SER A 22 7.21 9.59 3.66
N LEU A 23 6.01 9.06 3.87
CA LEU A 23 4.79 9.83 3.66
C LEU A 23 4.12 10.15 5.00
N SER A 24 3.73 11.41 5.17
CA SER A 24 3.09 11.84 6.40
C SER A 24 1.86 10.98 6.70
N PRO A 25 1.35 11.10 7.93
CA PRO A 25 0.17 10.33 8.38
C PRO A 25 -1.11 10.78 7.68
N LYS A 26 -1.18 12.07 7.36
CA LYS A 26 -2.35 12.63 6.69
C LYS A 26 -2.44 12.14 5.24
N GLU A 27 -1.31 12.20 4.55
CA GLU A 27 -1.24 11.76 3.16
C GLU A 27 -1.92 10.41 2.98
N ARG A 28 -1.68 9.50 3.92
CA ARG A 28 -2.26 8.16 3.88
C ARG A 28 -3.78 8.24 3.80
N THR A 29 -4.38 8.90 4.79
CA THR A 29 -5.83 9.04 4.84
C THR A 29 -6.37 9.68 3.56
N LEU A 30 -5.49 10.36 2.83
CA LEU A 30 -5.87 11.02 1.59
C LEU A 30 -5.84 10.04 0.42
N LEU A 31 -5.00 9.01 0.54
CA LEU A 31 -4.88 8.00 -0.50
C LEU A 31 -6.24 7.49 -0.94
N LYS A 32 -7.17 7.40 0.02
CA LYS A 32 -8.52 6.93 -0.27
C LYS A 32 -9.23 7.88 -1.22
N GLU A 33 -9.01 9.18 -1.05
CA GLU A 33 -9.63 10.19 -1.89
C GLU A 33 -9.20 10.03 -3.34
N ASP A 34 -8.12 9.28 -3.55
CA ASP A 34 -7.60 9.04 -4.89
C ASP A 34 -8.22 7.80 -5.50
N PRO A 35 -8.47 7.85 -6.82
CA PRO A 35 -9.06 6.72 -7.55
C PRO A 35 -8.11 5.54 -7.68
N ALA A 36 -6.82 5.84 -7.76
CA ALA A 36 -5.81 4.80 -7.89
C ALA A 36 -5.84 3.85 -6.69
N TYR A 37 -6.32 4.36 -5.55
CA TYR A 37 -6.40 3.57 -4.34
C TYR A 37 -7.85 3.35 -3.93
N TRP A 38 -8.65 2.83 -4.86
CA TRP A 38 -10.06 2.57 -4.59
C TRP A 38 -10.24 1.28 -3.80
N PHE A 39 -9.28 0.37 -3.94
CA PHE A 39 -9.33 -0.90 -3.25
C PHE A 39 -9.31 -0.71 -1.74
N LEU A 40 -8.57 0.31 -1.29
CA LEU A 40 -8.46 0.60 0.13
C LEU A 40 -9.79 0.38 0.84
N SER A 41 -10.88 0.83 0.22
CA SER A 41 -12.21 0.67 0.78
C SER A 41 -12.69 -0.77 0.67
N ASP A 42 -12.33 -1.42 -0.44
CA ASP A 42 -12.71 -2.81 -0.67
C ASP A 42 -11.82 -3.76 0.11
N GLU A 43 -12.33 -4.94 0.41
CA GLU A 43 -11.58 -5.95 1.16
C GLU A 43 -11.52 -7.27 0.40
N ASN A 44 -12.59 -7.57 -0.33
CA ASN A 44 -12.66 -8.81 -1.10
C ASN A 44 -12.11 -8.60 -2.52
N SER A 45 -10.90 -8.05 -2.59
CA SER A 45 -10.26 -7.80 -3.88
C SER A 45 -8.80 -8.24 -3.86
N LEU A 46 -8.07 -7.89 -4.91
CA LEU A 46 -6.66 -8.25 -5.01
C LEU A 46 -5.76 -7.07 -4.63
N GLU A 47 -6.09 -5.89 -5.15
CA GLU A 47 -5.32 -4.69 -4.86
C GLU A 47 -5.28 -4.42 -3.36
N TYR A 48 -6.35 -4.79 -2.67
CA TYR A 48 -6.45 -4.59 -1.22
C TYR A 48 -5.70 -5.69 -0.48
N LYS A 49 -5.58 -6.86 -1.11
CA LYS A 49 -4.89 -7.99 -0.50
C LYS A 49 -3.41 -7.67 -0.27
N TYR A 50 -2.87 -6.78 -1.10
CA TYR A 50 -1.46 -6.40 -0.99
C TYR A 50 -1.28 -5.36 0.11
N TYR A 51 -2.03 -4.27 0.02
CA TYR A 51 -1.94 -3.20 1.00
C TYR A 51 -1.95 -3.76 2.42
N LYS A 52 -2.72 -4.82 2.63
CA LYS A 52 -2.81 -5.45 3.94
C LYS A 52 -1.74 -6.52 4.10
N LEU A 53 -1.36 -7.15 2.99
CA LEU A 53 -0.34 -8.19 3.02
C LEU A 53 1.06 -7.58 3.09
N LYS A 54 1.49 -6.98 1.99
CA LYS A 54 2.80 -6.35 1.92
C LYS A 54 3.07 -5.53 3.18
N LEU A 55 2.05 -4.83 3.66
CA LEU A 55 2.18 -4.00 4.85
C LEU A 55 2.48 -4.85 6.07
N ALA A 56 1.77 -5.96 6.22
CA ALA A 56 1.97 -6.86 7.34
C ALA A 56 3.39 -7.42 7.35
N GLU A 57 3.77 -8.05 6.24
CA GLU A 57 5.11 -8.63 6.12
C GLU A 57 6.18 -7.56 6.21
N MET A 58 5.90 -6.40 5.62
CA MET A 58 6.84 -5.28 5.62
C MET A 58 6.95 -4.68 7.02
N GLN A 59 5.86 -4.71 7.76
CA GLN A 59 5.83 -4.16 9.11
C GLN A 59 6.62 -5.05 10.07
N ARG A 60 6.25 -6.32 10.12
CA ARG A 60 6.92 -7.27 10.99
C ARG A 60 8.43 -7.20 10.83
N SER A 61 8.88 -6.81 9.64
CA SER A 61 10.30 -6.70 9.36
C SER A 61 10.80 -5.29 9.63
N GLY A 62 11.96 -5.19 10.29
CA GLY A 62 12.53 -3.90 10.61
C GLY A 62 12.84 -3.74 12.08
N PRO A 63 14.01 -4.25 12.50
CA PRO A 63 14.46 -4.18 13.89
C PRO A 63 14.80 -2.77 14.32
N SER A 64 15.20 -1.93 13.35
CA SER A 64 15.56 -0.56 13.64
C SER A 64 14.67 0.41 12.86
N SER A 65 13.72 1.03 13.56
CA SER A 65 12.81 1.98 12.94
C SER A 65 13.54 2.86 11.91
N GLY A 66 12.93 3.03 10.75
CA GLY A 66 13.54 3.84 9.71
C GLY A 66 14.29 3.00 8.69
N GLY A 1 8.80 3.33 -20.55
CA GLY A 1 8.06 2.62 -21.57
C GLY A 1 6.64 3.11 -21.73
N SER A 2 5.69 2.19 -21.76
CA SER A 2 4.28 2.53 -21.91
C SER A 2 3.42 1.75 -20.92
N SER A 3 3.50 0.43 -20.99
CA SER A 3 2.73 -0.43 -20.11
C SER A 3 3.61 -1.04 -19.04
N GLY A 4 3.31 -0.75 -17.78
CA GLY A 4 4.09 -1.28 -16.67
C GLY A 4 3.32 -1.28 -15.37
N SER A 5 2.97 -0.09 -14.89
CA SER A 5 2.24 0.05 -13.64
C SER A 5 0.81 -0.46 -13.79
N SER A 6 0.61 -1.75 -13.53
CA SER A 6 -0.72 -2.35 -13.64
C SER A 6 -0.86 -3.52 -12.67
N GLY A 7 -2.06 -3.69 -12.14
CA GLY A 7 -2.30 -4.79 -11.21
C GLY A 7 -1.86 -4.46 -9.80
N VAL A 8 -0.80 -5.13 -9.34
CA VAL A 8 -0.26 -4.90 -8.01
C VAL A 8 1.10 -4.22 -8.07
N GLY A 9 1.24 -3.27 -8.99
CA GLY A 9 2.49 -2.56 -9.12
C GLY A 9 2.54 -1.30 -8.29
N THR A 10 1.40 -0.63 -8.17
CA THR A 10 1.31 0.61 -7.40
C THR A 10 1.39 0.33 -5.90
N ILE A 11 0.66 -0.70 -5.46
CA ILE A 11 0.65 -1.06 -4.05
C ILE A 11 2.06 -1.39 -3.55
N ASP A 12 2.71 -2.32 -4.24
CA ASP A 12 4.07 -2.72 -3.88
C ASP A 12 4.90 -1.52 -3.46
N GLN A 13 4.63 -0.37 -4.08
CA GLN A 13 5.36 0.85 -3.77
C GLN A 13 4.70 1.61 -2.64
N LEU A 14 3.38 1.79 -2.73
CA LEU A 14 2.62 2.50 -1.71
C LEU A 14 2.94 1.95 -0.32
N VAL A 15 2.65 0.67 -0.12
CA VAL A 15 2.91 0.02 1.17
C VAL A 15 4.33 0.32 1.65
N LYS A 16 5.30 0.24 0.74
CA LYS A 16 6.69 0.49 1.07
C LYS A 16 6.85 1.87 1.72
N ARG A 17 5.95 2.79 1.37
CA ARG A 17 5.99 4.14 1.92
C ARG A 17 5.49 4.16 3.35
N VAL A 18 4.19 3.95 3.53
CA VAL A 18 3.59 3.95 4.86
C VAL A 18 4.48 3.26 5.87
N ILE A 19 5.33 2.35 5.38
CA ILE A 19 6.24 1.61 6.24
C ILE A 19 7.40 2.50 6.71
N GLU A 20 8.10 3.09 5.75
CA GLU A 20 9.23 3.96 6.06
C GLU A 20 8.74 5.33 6.55
N GLY A 21 7.47 5.62 6.31
CA GLY A 21 6.90 6.89 6.71
C GLY A 21 7.24 8.01 5.75
N SER A 22 8.04 7.70 4.75
CA SER A 22 8.45 8.69 3.75
C SER A 22 7.29 9.63 3.42
N LEU A 23 6.07 9.14 3.59
CA LEU A 23 4.87 9.92 3.30
C LEU A 23 4.24 10.43 4.59
N SER A 24 3.75 11.67 4.55
CA SER A 24 3.12 12.28 5.71
C SER A 24 2.00 11.40 6.26
N PRO A 25 1.65 11.60 7.53
CA PRO A 25 0.59 10.83 8.20
C PRO A 25 -0.79 11.17 7.66
N LYS A 26 -0.92 12.37 7.10
CA LYS A 26 -2.19 12.83 6.55
C LYS A 26 -2.39 12.30 5.13
N GLU A 27 -1.30 12.18 4.39
CA GLU A 27 -1.35 11.69 3.02
C GLU A 27 -2.02 10.33 2.96
N ARG A 28 -1.68 9.45 3.90
CA ARG A 28 -2.25 8.12 3.96
C ARG A 28 -3.76 8.17 3.96
N THR A 29 -4.32 8.96 4.88
CA THR A 29 -5.77 9.09 4.98
C THR A 29 -6.36 9.70 3.72
N LEU A 30 -5.54 10.43 2.98
CA LEU A 30 -5.99 11.06 1.73
C LEU A 30 -5.99 10.07 0.58
N LEU A 31 -5.13 9.05 0.69
CA LEU A 31 -5.02 8.02 -0.34
C LEU A 31 -6.41 7.48 -0.71
N LYS A 32 -7.27 7.37 0.29
CA LYS A 32 -8.62 6.86 0.08
C LYS A 32 -9.41 7.79 -0.83
N GLU A 33 -9.16 9.09 -0.71
CA GLU A 33 -9.85 10.09 -1.51
C GLU A 33 -9.39 10.01 -2.97
N ASP A 34 -8.32 9.26 -3.21
CA ASP A 34 -7.78 9.10 -4.56
C ASP A 34 -8.39 7.89 -5.25
N PRO A 35 -8.64 8.01 -6.56
CA PRO A 35 -9.22 6.93 -7.36
C PRO A 35 -8.26 5.76 -7.55
N ALA A 36 -6.97 6.08 -7.61
CA ALA A 36 -5.94 5.05 -7.79
C ALA A 36 -5.97 4.04 -6.65
N TYR A 37 -6.48 4.47 -5.50
CA TYR A 37 -6.57 3.59 -4.33
C TYR A 37 -8.02 3.34 -3.95
N TRP A 38 -8.83 2.96 -4.93
CA TRP A 38 -10.24 2.69 -4.70
C TRP A 38 -10.43 1.35 -3.98
N PHE A 39 -9.58 0.38 -4.32
CA PHE A 39 -9.66 -0.94 -3.71
C PHE A 39 -9.57 -0.84 -2.18
N LEU A 40 -8.98 0.25 -1.70
CA LEU A 40 -8.83 0.47 -0.27
C LEU A 40 -10.10 0.08 0.47
N SER A 41 -11.23 0.64 0.06
CA SER A 41 -12.51 0.35 0.69
C SER A 41 -12.88 -1.12 0.52
N ASP A 42 -12.60 -1.65 -0.66
CA ASP A 42 -12.90 -3.06 -0.96
C ASP A 42 -11.96 -3.99 -0.20
N GLU A 43 -12.42 -5.20 0.07
CA GLU A 43 -11.62 -6.18 0.78
C GLU A 43 -11.49 -7.48 -0.02
N ASN A 44 -12.56 -7.82 -0.75
CA ASN A 44 -12.57 -9.04 -1.55
C ASN A 44 -11.96 -8.78 -2.92
N SER A 45 -10.74 -8.24 -2.93
CA SER A 45 -10.03 -7.94 -4.17
C SER A 45 -8.56 -8.32 -4.08
N LEU A 46 -7.84 -8.15 -5.18
CA LEU A 46 -6.42 -8.48 -5.21
C LEU A 46 -5.58 -7.27 -4.81
N GLU A 47 -5.89 -6.11 -5.38
CA GLU A 47 -5.16 -4.89 -5.09
C GLU A 47 -5.20 -4.59 -3.58
N TYR A 48 -6.28 -4.98 -2.93
CA TYR A 48 -6.45 -4.75 -1.50
C TYR A 48 -5.74 -5.84 -0.70
N LYS A 49 -5.58 -7.01 -1.31
CA LYS A 49 -4.92 -8.13 -0.65
C LYS A 49 -3.45 -7.82 -0.38
N TYR A 50 -2.90 -6.89 -1.14
CA TYR A 50 -1.50 -6.50 -0.98
C TYR A 50 -1.36 -5.43 0.10
N TYR A 51 -1.99 -4.29 -0.12
CA TYR A 51 -1.93 -3.18 0.82
C TYR A 51 -2.02 -3.69 2.26
N LYS A 52 -2.77 -4.77 2.45
CA LYS A 52 -2.94 -5.36 3.77
C LYS A 52 -1.87 -6.40 4.05
N LEU A 53 -1.44 -7.10 2.99
CA LEU A 53 -0.41 -8.13 3.12
C LEU A 53 0.98 -7.51 3.11
N LYS A 54 1.39 -6.97 1.97
CA LYS A 54 2.69 -6.34 1.84
C LYS A 54 3.01 -5.47 3.05
N LEU A 55 1.96 -4.92 3.66
CA LEU A 55 2.12 -4.06 4.84
C LEU A 55 2.44 -4.90 6.07
N ALA A 56 1.69 -5.99 6.25
CA ALA A 56 1.89 -6.87 7.40
C ALA A 56 3.29 -7.46 7.39
N GLU A 57 3.72 -7.94 6.24
CA GLU A 57 5.05 -8.54 6.10
C GLU A 57 6.14 -7.47 6.20
N MET A 58 5.87 -6.31 5.62
CA MET A 58 6.83 -5.21 5.65
C MET A 58 6.93 -4.61 7.05
N GLN A 59 5.83 -4.66 7.79
CA GLN A 59 5.80 -4.13 9.15
C GLN A 59 6.54 -5.05 10.11
N ARG A 60 6.15 -6.32 10.14
CA ARG A 60 6.76 -7.29 11.01
C ARG A 60 8.28 -7.33 10.82
N SER A 61 8.71 -7.20 9.56
CA SER A 61 10.12 -7.22 9.22
C SER A 61 10.73 -5.83 9.39
N GLY A 62 11.91 -5.77 9.99
CA GLY A 62 12.59 -4.51 10.20
C GLY A 62 13.19 -4.38 11.58
N PRO A 63 13.47 -3.14 12.00
CA PRO A 63 14.05 -2.86 13.32
C PRO A 63 13.07 -3.12 14.46
N SER A 64 11.88 -3.61 14.10
CA SER A 64 10.86 -3.90 15.09
C SER A 64 10.64 -5.41 15.22
N SER A 65 10.94 -5.95 16.40
CA SER A 65 10.78 -7.37 16.66
C SER A 65 9.32 -7.79 16.50
N GLY A 66 9.12 -9.03 16.01
CA GLY A 66 7.78 -9.52 15.83
C GLY A 66 7.69 -10.52 14.68
N GLY A 1 2.87 -2.28 -29.27
CA GLY A 1 3.41 -2.86 -28.04
C GLY A 1 3.13 -2.00 -26.83
N SER A 2 1.94 -1.43 -26.76
CA SER A 2 1.56 -0.56 -25.65
C SER A 2 2.09 -1.12 -24.33
N SER A 3 2.80 -0.29 -23.58
CA SER A 3 3.37 -0.70 -22.31
C SER A 3 2.59 -0.08 -21.14
N GLY A 4 1.82 -0.91 -20.45
CA GLY A 4 1.04 -0.43 -19.32
C GLY A 4 0.96 -1.44 -18.20
N SER A 5 2.03 -1.55 -17.43
CA SER A 5 2.09 -2.49 -16.31
C SER A 5 0.80 -2.43 -15.50
N SER A 6 0.12 -3.57 -15.40
CA SER A 6 -1.13 -3.66 -14.65
C SER A 6 -1.16 -4.92 -13.79
N GLY A 7 -0.71 -4.79 -12.55
CA GLY A 7 -0.70 -5.92 -11.64
C GLY A 7 -0.06 -5.58 -10.31
N VAL A 8 -0.87 -5.18 -9.34
CA VAL A 8 -0.39 -4.82 -8.01
C VAL A 8 0.96 -4.12 -8.11
N GLY A 9 1.08 -3.19 -9.05
CA GLY A 9 2.33 -2.46 -9.21
C GLY A 9 2.40 -1.23 -8.33
N THR A 10 1.28 -0.54 -8.20
CA THR A 10 1.22 0.67 -7.38
C THR A 10 1.34 0.33 -5.89
N ILE A 11 0.53 -0.62 -5.44
CA ILE A 11 0.55 -1.03 -4.04
C ILE A 11 1.97 -1.36 -3.58
N ASP A 12 2.61 -2.27 -4.31
CA ASP A 12 3.98 -2.68 -3.98
C ASP A 12 4.80 -1.48 -3.52
N GLN A 13 4.57 -0.33 -4.14
CA GLN A 13 5.29 0.89 -3.80
C GLN A 13 4.66 1.58 -2.58
N LEU A 14 3.35 1.82 -2.66
CA LEU A 14 2.63 2.46 -1.58
C LEU A 14 3.02 1.87 -0.23
N VAL A 15 2.68 0.59 -0.04
CA VAL A 15 3.00 -0.10 1.21
C VAL A 15 4.40 0.26 1.69
N LYS A 16 5.38 0.15 0.81
CA LYS A 16 6.76 0.47 1.14
C LYS A 16 6.86 1.83 1.83
N ARG A 17 6.07 2.79 1.35
CA ARG A 17 6.06 4.12 1.92
C ARG A 17 5.51 4.11 3.34
N VAL A 18 4.22 3.84 3.46
CA VAL A 18 3.56 3.79 4.77
C VAL A 18 4.46 3.15 5.81
N ILE A 19 5.38 2.31 5.36
CA ILE A 19 6.32 1.62 6.25
C ILE A 19 7.42 2.57 6.71
N GLU A 20 8.27 2.98 5.77
CA GLU A 20 9.37 3.88 6.07
C GLU A 20 8.85 5.21 6.61
N GLY A 21 7.59 5.52 6.30
CA GLY A 21 7.00 6.76 6.76
C GLY A 21 7.29 7.92 5.83
N SER A 22 8.09 7.66 4.80
CA SER A 22 8.46 8.70 3.84
C SER A 22 7.27 9.61 3.55
N LEU A 23 6.06 9.07 3.71
CA LEU A 23 4.85 9.84 3.47
C LEU A 23 4.18 10.25 4.78
N SER A 24 3.69 11.48 4.83
CA SER A 24 3.04 11.99 6.03
C SER A 24 1.90 11.06 6.46
N PRO A 25 1.48 11.19 7.73
CA PRO A 25 0.40 10.39 8.29
C PRO A 25 -0.96 10.75 7.71
N LYS A 26 -1.07 11.97 7.21
CA LYS A 26 -2.32 12.45 6.62
C LYS A 26 -2.49 11.94 5.19
N GLU A 27 -1.38 11.92 4.45
CA GLU A 27 -1.39 11.45 3.07
C GLU A 27 -2.03 10.07 2.97
N ARG A 28 -1.68 9.20 3.92
CA ARG A 28 -2.21 7.84 3.93
C ARG A 28 -3.74 7.85 3.90
N THR A 29 -4.33 8.62 4.80
CA THR A 29 -5.79 8.72 4.89
C THR A 29 -6.36 9.39 3.64
N LEU A 30 -5.52 10.16 2.95
CA LEU A 30 -5.94 10.86 1.74
C LEU A 30 -5.95 9.92 0.54
N LEU A 31 -5.04 8.95 0.56
CA LEU A 31 -4.93 7.98 -0.54
C LEU A 31 -6.32 7.49 -0.96
N LYS A 32 -7.16 7.19 0.01
CA LYS A 32 -8.51 6.72 -0.26
C LYS A 32 -9.26 7.70 -1.16
N GLU A 33 -9.02 9.00 -0.95
CA GLU A 33 -9.67 10.03 -1.75
C GLU A 33 -9.13 10.02 -3.18
N ASP A 34 -7.98 9.41 -3.37
CA ASP A 34 -7.36 9.34 -4.69
C ASP A 34 -7.93 8.17 -5.50
N PRO A 35 -8.07 8.38 -6.81
CA PRO A 35 -8.62 7.35 -7.72
C PRO A 35 -7.66 6.19 -7.91
N ALA A 36 -6.36 6.45 -7.79
CA ALA A 36 -5.34 5.43 -7.94
C ALA A 36 -5.43 4.40 -6.81
N TYR A 37 -5.90 4.84 -5.65
CA TYR A 37 -6.03 3.96 -4.50
C TYR A 37 -7.50 3.71 -4.16
N TRP A 38 -8.25 3.23 -5.14
CA TRP A 38 -9.67 2.96 -4.94
C TRP A 38 -9.87 1.63 -4.21
N PHE A 39 -9.03 0.65 -4.51
CA PHE A 39 -9.11 -0.65 -3.88
C PHE A 39 -9.13 -0.52 -2.36
N LEU A 40 -8.48 0.52 -1.85
CA LEU A 40 -8.42 0.75 -0.41
C LEU A 40 -9.79 0.56 0.23
N SER A 41 -10.81 1.17 -0.37
CA SER A 41 -12.17 1.06 0.15
C SER A 41 -12.66 -0.38 0.08
N ASP A 42 -12.32 -1.06 -1.01
CA ASP A 42 -12.74 -2.45 -1.20
C ASP A 42 -11.86 -3.39 -0.36
N GLU A 43 -12.41 -4.56 -0.04
CA GLU A 43 -11.69 -5.55 0.76
C GLU A 43 -11.64 -6.89 0.04
N ASN A 44 -12.72 -7.23 -0.65
CA ASN A 44 -12.81 -8.49 -1.38
C ASN A 44 -12.17 -8.36 -2.76
N SER A 45 -10.98 -7.78 -2.81
CA SER A 45 -10.26 -7.59 -4.07
C SER A 45 -8.81 -8.05 -3.94
N LEU A 46 -8.03 -7.82 -5.00
CA LEU A 46 -6.63 -8.22 -5.01
C LEU A 46 -5.73 -7.04 -4.66
N GLU A 47 -6.01 -5.89 -5.28
CA GLU A 47 -5.23 -4.68 -5.03
C GLU A 47 -5.24 -4.32 -3.56
N TYR A 48 -6.31 -4.70 -2.86
CA TYR A 48 -6.44 -4.42 -1.44
C TYR A 48 -5.77 -5.50 -0.60
N LYS A 49 -5.65 -6.69 -1.16
CA LYS A 49 -5.02 -7.81 -0.49
C LYS A 49 -3.54 -7.55 -0.24
N TYR A 50 -2.97 -6.65 -1.05
CA TYR A 50 -1.55 -6.32 -0.92
C TYR A 50 -1.35 -5.23 0.13
N TYR A 51 -1.99 -4.08 -0.09
CA TYR A 51 -1.88 -2.96 0.85
C TYR A 51 -1.93 -3.44 2.29
N LYS A 52 -2.73 -4.48 2.53
CA LYS A 52 -2.87 -5.04 3.87
C LYS A 52 -1.82 -6.12 4.12
N LEU A 53 -1.52 -6.90 3.10
CA LEU A 53 -0.53 -7.97 3.20
C LEU A 53 0.89 -7.39 3.21
N LYS A 54 1.31 -6.87 2.07
CA LYS A 54 2.64 -6.29 1.93
C LYS A 54 2.98 -5.42 3.14
N LEU A 55 1.96 -4.80 3.72
CA LEU A 55 2.14 -3.95 4.89
C LEU A 55 2.45 -4.78 6.14
N ALA A 56 1.75 -5.90 6.27
CA ALA A 56 1.95 -6.78 7.41
C ALA A 56 3.35 -7.40 7.40
N GLU A 57 3.74 -7.93 6.25
CA GLU A 57 5.07 -8.54 6.11
C GLU A 57 6.16 -7.49 6.18
N MET A 58 5.89 -6.30 5.66
CA MET A 58 6.85 -5.20 5.68
C MET A 58 6.97 -4.61 7.07
N GLN A 59 5.86 -4.54 7.78
CA GLN A 59 5.83 -3.99 9.13
C GLN A 59 6.58 -4.90 10.11
N ARG A 60 6.26 -6.18 10.08
CA ARG A 60 6.89 -7.16 10.95
C ARG A 60 8.40 -7.20 10.71
N SER A 61 8.80 -6.97 9.46
CA SER A 61 10.21 -6.99 9.10
C SER A 61 11.03 -6.14 10.06
N GLY A 62 10.70 -4.85 10.14
CA GLY A 62 11.41 -3.95 11.02
C GLY A 62 11.58 -4.52 12.42
N PRO A 63 12.62 -4.06 13.12
CA PRO A 63 12.92 -4.52 14.48
C PRO A 63 11.90 -4.02 15.50
N SER A 64 11.33 -4.93 16.27
CA SER A 64 10.35 -4.58 17.28
C SER A 64 9.11 -3.97 16.63
N SER A 65 8.00 -4.71 16.65
CA SER A 65 6.76 -4.23 16.06
C SER A 65 6.19 -3.05 16.85
N GLY A 66 6.22 -3.16 18.18
CA GLY A 66 5.71 -2.10 19.02
C GLY A 66 6.78 -1.10 19.40
N GLY A 1 -0.06 -6.31 -17.72
CA GLY A 1 0.80 -7.41 -18.07
C GLY A 1 0.52 -7.94 -19.47
N SER A 2 -0.40 -8.89 -19.56
CA SER A 2 -0.76 -9.49 -20.85
C SER A 2 -2.28 -9.65 -20.97
N SER A 3 -2.91 -8.66 -21.59
CA SER A 3 -4.36 -8.69 -21.78
C SER A 3 -5.07 -8.82 -20.43
N GLY A 4 -4.56 -8.12 -19.43
CA GLY A 4 -5.15 -8.17 -18.10
C GLY A 4 -4.72 -9.39 -17.32
N SER A 5 -3.49 -9.37 -16.81
CA SER A 5 -2.96 -10.49 -16.05
C SER A 5 -2.24 -9.99 -14.80
N SER A 6 -2.98 -9.84 -13.71
CA SER A 6 -2.42 -9.37 -12.45
C SER A 6 -1.77 -8.00 -12.63
N GLY A 7 -1.53 -7.32 -11.51
CA GLY A 7 -0.91 -6.01 -11.57
C GLY A 7 -0.20 -5.65 -10.28
N VAL A 8 -0.97 -5.23 -9.28
CA VAL A 8 -0.41 -4.86 -7.98
C VAL A 8 0.95 -4.20 -8.15
N GLY A 9 1.04 -3.24 -9.05
CA GLY A 9 2.30 -2.55 -9.28
C GLY A 9 2.46 -1.30 -8.43
N THR A 10 1.34 -0.59 -8.23
CA THR A 10 1.36 0.63 -7.43
C THR A 10 1.47 0.31 -5.95
N ILE A 11 0.60 -0.58 -5.47
CA ILE A 11 0.60 -0.96 -4.06
C ILE A 11 2.00 -1.33 -3.59
N ASP A 12 2.66 -2.22 -4.34
CA ASP A 12 4.01 -2.65 -3.99
C ASP A 12 4.87 -1.45 -3.58
N GLN A 13 4.59 -0.30 -4.17
CA GLN A 13 5.34 0.92 -3.86
C GLN A 13 4.72 1.67 -2.70
N LEU A 14 3.40 1.85 -2.76
CA LEU A 14 2.68 2.55 -1.69
C LEU A 14 2.98 1.94 -0.33
N VAL A 15 2.72 0.65 -0.20
CA VAL A 15 2.96 -0.06 1.05
C VAL A 15 4.31 0.33 1.65
N LYS A 16 5.37 0.23 0.84
CA LYS A 16 6.71 0.56 1.28
C LYS A 16 6.74 1.94 1.95
N ARG A 17 5.92 2.86 1.42
CA ARG A 17 5.84 4.20 1.98
C ARG A 17 5.26 4.20 3.39
N VAL A 18 4.03 3.70 3.50
CA VAL A 18 3.36 3.64 4.80
C VAL A 18 4.21 2.91 5.83
N ILE A 19 5.20 2.15 5.33
CA ILE A 19 6.09 1.40 6.21
C ILE A 19 7.24 2.28 6.70
N GLU A 20 8.09 2.70 5.77
CA GLU A 20 9.23 3.54 6.11
C GLU A 20 8.77 4.90 6.65
N GLY A 21 7.53 5.26 6.33
CA GLY A 21 6.98 6.54 6.78
C GLY A 21 7.31 7.67 5.82
N SER A 22 8.05 7.36 4.77
CA SER A 22 8.43 8.36 3.78
C SER A 22 7.28 9.32 3.50
N LEU A 23 6.06 8.84 3.72
CA LEU A 23 4.86 9.64 3.49
C LEU A 23 4.25 10.10 4.81
N SER A 24 3.74 11.32 4.83
CA SER A 24 3.12 11.88 6.03
C SER A 24 1.95 11.03 6.48
N PRO A 25 1.59 11.16 7.77
CA PRO A 25 0.48 10.41 8.37
C PRO A 25 -0.88 10.85 7.83
N LYS A 26 -0.93 12.07 7.29
CA LYS A 26 -2.16 12.62 6.75
C LYS A 26 -2.35 12.20 5.28
N GLU A 27 -1.23 11.99 4.60
CA GLU A 27 -1.27 11.58 3.19
C GLU A 27 -2.00 10.26 3.03
N ARG A 28 -1.78 9.34 3.97
CA ARG A 28 -2.42 8.03 3.94
C ARG A 28 -3.94 8.17 3.89
N THR A 29 -4.50 8.90 4.84
CA THR A 29 -5.93 9.11 4.91
C THR A 29 -6.46 9.75 3.64
N LEU A 30 -5.56 10.36 2.87
CA LEU A 30 -5.94 11.01 1.62
C LEU A 30 -5.91 10.02 0.46
N LEU A 31 -5.01 9.04 0.56
CA LEU A 31 -4.87 8.03 -0.48
C LEU A 31 -6.23 7.48 -0.89
N LYS A 32 -7.14 7.37 0.06
CA LYS A 32 -8.48 6.88 -0.20
C LYS A 32 -9.23 7.79 -1.15
N GLU A 33 -9.02 9.10 -0.99
CA GLU A 33 -9.67 10.09 -1.84
C GLU A 33 -9.20 9.97 -3.28
N ASP A 34 -8.09 9.27 -3.48
CA ASP A 34 -7.53 9.07 -4.82
C ASP A 34 -8.14 7.84 -5.49
N PRO A 35 -8.37 7.95 -6.80
CA PRO A 35 -8.95 6.86 -7.59
C PRO A 35 -8.00 5.68 -7.74
N ALA A 36 -6.69 5.97 -7.76
CA ALA A 36 -5.68 4.94 -7.90
C ALA A 36 -5.73 3.96 -6.73
N TYR A 37 -6.24 4.43 -5.60
CA TYR A 37 -6.33 3.60 -4.40
C TYR A 37 -7.79 3.32 -4.04
N TRP A 38 -8.55 2.86 -5.02
CA TRP A 38 -9.96 2.56 -4.81
C TRP A 38 -10.13 1.24 -4.06
N PHE A 39 -9.23 0.30 -4.32
CA PHE A 39 -9.28 -1.00 -3.67
C PHE A 39 -9.23 -0.86 -2.16
N LEU A 40 -8.66 0.24 -1.69
CA LEU A 40 -8.55 0.51 -0.26
C LEU A 40 -9.88 0.25 0.45
N SER A 41 -10.96 0.76 -0.14
CA SER A 41 -12.29 0.59 0.43
C SER A 41 -12.72 -0.88 0.36
N ASP A 42 -12.43 -1.52 -0.76
CA ASP A 42 -12.80 -2.92 -0.94
C ASP A 42 -11.88 -3.83 -0.13
N GLU A 43 -12.36 -5.03 0.17
CA GLU A 43 -11.59 -5.99 0.94
C GLU A 43 -11.46 -7.32 0.20
N ASN A 44 -12.54 -7.72 -0.45
CA ASN A 44 -12.56 -8.97 -1.20
C ASN A 44 -11.94 -8.78 -2.59
N SER A 45 -10.81 -8.09 -2.64
CA SER A 45 -10.13 -7.83 -3.90
C SER A 45 -8.65 -8.22 -3.80
N LEU A 46 -7.94 -8.11 -4.92
CA LEU A 46 -6.53 -8.44 -4.96
C LEU A 46 -5.67 -7.24 -4.62
N GLU A 47 -5.98 -6.10 -5.23
CA GLU A 47 -5.23 -4.87 -4.97
C GLU A 47 -5.25 -4.53 -3.49
N TYR A 48 -6.31 -4.93 -2.80
CA TYR A 48 -6.44 -4.66 -1.37
C TYR A 48 -5.71 -5.73 -0.55
N LYS A 49 -5.59 -6.92 -1.11
CA LYS A 49 -4.92 -8.02 -0.44
C LYS A 49 -3.44 -7.70 -0.20
N TYR A 50 -2.90 -6.80 -1.02
CA TYR A 50 -1.50 -6.40 -0.90
C TYR A 50 -1.34 -5.32 0.17
N TYR A 51 -2.02 -4.19 -0.05
CA TYR A 51 -1.95 -3.07 0.90
C TYR A 51 -2.01 -3.56 2.33
N LYS A 52 -2.75 -4.65 2.55
CA LYS A 52 -2.89 -5.22 3.88
C LYS A 52 -1.79 -6.25 4.16
N LEU A 53 -1.45 -7.03 3.14
CA LEU A 53 -0.41 -8.05 3.27
C LEU A 53 0.97 -7.42 3.22
N LYS A 54 1.35 -6.93 2.05
CA LYS A 54 2.66 -6.31 1.86
C LYS A 54 3.00 -5.39 3.04
N LEU A 55 1.96 -4.85 3.67
CA LEU A 55 2.15 -3.96 4.81
C LEU A 55 2.50 -4.76 6.06
N ALA A 56 1.79 -5.86 6.28
CA ALA A 56 2.04 -6.71 7.44
C ALA A 56 3.44 -7.30 7.40
N GLU A 57 3.79 -7.90 6.28
CA GLU A 57 5.11 -8.51 6.11
C GLU A 57 6.20 -7.45 6.16
N MET A 58 5.89 -6.26 5.67
CA MET A 58 6.85 -5.16 5.65
C MET A 58 6.99 -4.55 7.03
N GLN A 59 5.89 -4.48 7.77
CA GLN A 59 5.89 -3.92 9.11
C GLN A 59 6.60 -4.85 10.10
N ARG A 60 6.37 -6.15 9.95
CA ARG A 60 6.98 -7.14 10.82
C ARG A 60 8.48 -7.18 10.61
N SER A 61 8.91 -6.91 9.38
CA SER A 61 10.33 -6.92 9.05
C SER A 61 10.92 -5.51 9.08
N GLY A 62 11.79 -5.26 10.04
CA GLY A 62 12.42 -3.96 10.16
C GLY A 62 12.71 -3.57 11.61
N PRO A 63 11.92 -2.64 12.14
CA PRO A 63 12.08 -2.17 13.52
C PRO A 63 11.67 -3.23 14.54
N SER A 64 12.22 -3.13 15.75
CA SER A 64 11.92 -4.08 16.81
C SER A 64 12.64 -3.70 18.10
N SER A 65 13.92 -3.39 17.99
CA SER A 65 14.73 -3.01 19.13
C SER A 65 14.83 -4.17 20.13
N GLY A 66 15.90 -4.18 20.91
CA GLY A 66 16.10 -5.23 21.88
C GLY A 66 16.37 -6.58 21.25
#